data_1S2K
# 
_entry.id   1S2K 
# 
_audit_conform.dict_name       mmcif_pdbx.dic 
_audit_conform.dict_version    5.398 
_audit_conform.dict_location   http://mmcif.pdb.org/dictionaries/ascii/mmcif_pdbx.dic 
# 
loop_
_database_2.database_id 
_database_2.database_code 
_database_2.pdbx_database_accession 
_database_2.pdbx_DOI 
PDB   1S2K         pdb_00001s2k 10.2210/pdb1s2k/pdb 
RCSB  RCSB021286   ?            ?                   
WWPDB D_1000021286 ?            ?                   
# 
loop_
_pdbx_audit_revision_history.ordinal 
_pdbx_audit_revision_history.data_content_type 
_pdbx_audit_revision_history.major_revision 
_pdbx_audit_revision_history.minor_revision 
_pdbx_audit_revision_history.revision_date 
1 'Structure model' 1 0 2004-04-27 
2 'Structure model' 1 1 2008-04-29 
3 'Structure model' 1 2 2011-07-13 
4 'Structure model' 1 3 2011-11-16 
5 'Structure model' 1 4 2017-10-11 
6 'Structure model' 1 5 2018-04-04 
7 'Structure model' 1 6 2023-08-23 
8 'Structure model' 1 7 2024-11-13 
# 
_pdbx_audit_revision_details.ordinal             1 
_pdbx_audit_revision_details.revision_ordinal    1 
_pdbx_audit_revision_details.data_content_type   'Structure model' 
_pdbx_audit_revision_details.provider            repository 
_pdbx_audit_revision_details.type                'Initial release' 
_pdbx_audit_revision_details.description         ? 
_pdbx_audit_revision_details.details             ? 
# 
loop_
_pdbx_audit_revision_group.ordinal 
_pdbx_audit_revision_group.revision_ordinal 
_pdbx_audit_revision_group.data_content_type 
_pdbx_audit_revision_group.group 
1  2 'Structure model' 'Version format compliance' 
2  3 'Structure model' 'Version format compliance' 
3  4 'Structure model' 'Atomic model'              
4  5 'Structure model' 'Refinement description'    
5  6 'Structure model' 'Data collection'           
6  7 'Structure model' 'Data collection'           
7  7 'Structure model' 'Database references'       
8  7 'Structure model' 'Derived calculations'      
9  7 'Structure model' 'Refinement description'    
10 8 'Structure model' 'Structure summary'         
# 
loop_
_pdbx_audit_revision_category.ordinal 
_pdbx_audit_revision_category.revision_ordinal 
_pdbx_audit_revision_category.data_content_type 
_pdbx_audit_revision_category.category 
1 5 'Structure model' software                      
2 6 'Structure model' diffrn_source                 
3 7 'Structure model' chem_comp_atom                
4 7 'Structure model' chem_comp_bond                
5 7 'Structure model' database_2                    
6 7 'Structure model' pdbx_initial_refinement_model 
7 7 'Structure model' struct_site                   
8 8 'Structure model' pdbx_entry_details            
9 8 'Structure model' pdbx_modification_feature     
# 
loop_
_pdbx_audit_revision_item.ordinal 
_pdbx_audit_revision_item.revision_ordinal 
_pdbx_audit_revision_item.data_content_type 
_pdbx_audit_revision_item.item 
1 6 'Structure model' '_diffrn_source.type'                 
2 7 'Structure model' '_database_2.pdbx_DOI'                
3 7 'Structure model' '_database_2.pdbx_database_accession' 
4 7 'Structure model' '_struct_site.pdbx_auth_asym_id'      
5 7 'Structure model' '_struct_site.pdbx_auth_comp_id'      
6 7 'Structure model' '_struct_site.pdbx_auth_seq_id'       
# 
_pdbx_database_status.status_code                     REL 
_pdbx_database_status.entry_id                        1S2K 
_pdbx_database_status.recvd_initial_deposition_date   2004-01-08 
_pdbx_database_status.deposit_site                    RCSB 
_pdbx_database_status.process_site                    RCSB 
_pdbx_database_status.SG_entry                        . 
_pdbx_database_status.pdb_format_compatible           Y 
_pdbx_database_status.status_code_mr                  ? 
_pdbx_database_status.status_code_sf                  ? 
_pdbx_database_status.status_code_cs                  ? 
_pdbx_database_status.methods_development_category    ? 
_pdbx_database_status.status_code_nmr_data            ? 
# 
_pdbx_database_related.db_name        PDB 
_pdbx_database_related.db_id          1S2B 
_pdbx_database_related.details        
;These are the coordinates of the   
unbound form of SCP-B.
;
_pdbx_database_related.content_type   unspecified 
# 
loop_
_audit_author.name 
_audit_author.pdbx_ordinal 
'Fujinaga, M.'  1 
'Cherney, M.M.' 2 
'Oyama, H.'     3 
'Oda, K.'       4 
'James, M.N.'   5 
# 
_citation.id                        primary 
_citation.title                     
'The molecular structure and catalytic mechanism of a novel carboxyl peptidase from Scytalidium lignicolum' 
_citation.journal_abbrev            Proc.Natl.Acad.Sci.USA 
_citation.journal_volume            101 
_citation.page_first                3364 
_citation.page_last                 3369 
_citation.year                      2004 
_citation.journal_id_ASTM           PNASA6 
_citation.country                   US 
_citation.journal_id_ISSN           0027-8424 
_citation.journal_id_CSD            0040 
_citation.book_publisher            ? 
_citation.pdbx_database_id_PubMed   14993599 
_citation.pdbx_database_id_DOI      10.1073/pnas.0400246101 
# 
loop_
_citation_author.citation_id 
_citation_author.name 
_citation_author.ordinal 
_citation_author.identifier_ORCID 
primary 'Fujinaga, M.'  1 ? 
primary 'Cherney, M.M.' 2 ? 
primary 'Oyama, H.'     3 ? 
primary 'Oda, K.'       4 ? 
primary 'James, M.N.'   5 ? 
# 
loop_
_entity.id 
_entity.type 
_entity.src_method 
_entity.pdbx_description 
_entity.formula_weight 
_entity.pdbx_number_of_molecules 
_entity.pdbx_ec 
_entity.pdbx_mutation 
_entity.pdbx_fragment 
_entity.details 
1 polymer     man 'Scytalidopepsin B'      21553.812 1   3.4.23.32 ? ? ? 
2 polymer     syn 'Ala-Ile-His tripeptide' 340.398   1   ?         ? ? ? 
3 non-polymer syn TYROSINE                 181.189   1   ?         ? ? ? 
4 water       nat water                    18.015    121 ?         ? ? ? 
# 
_entity_name_com.entity_id   1 
_entity_name_com.name        'Acid protease B, SLB' 
# 
loop_
_entity_poly.entity_id 
_entity_poly.type 
_entity_poly.nstd_linkage 
_entity_poly.nstd_monomer 
_entity_poly.pdbx_seq_one_letter_code 
_entity_poly.pdbx_seq_one_letter_code_can 
_entity_poly.pdbx_strand_id 
_entity_poly.pdbx_target_identifier 
1 'polypeptide(L)' no no 
;TVESNWGGAILIGSDFDTVSATANVPSASGGSSAAGTAWVGIDGDTCQTAILQTGFDWYGDGTYDAWYEWYPEVSDDFSG
ITISEGDSIQMSVTATSDTSGSATLENLTTGQKVSKSFSNESSGSLCRTNAEFIIEDFEECNSNGSDCEFVPFASFSPAV
EFTDCSVTSDGESVSLDDAQITQVIINNQDVTDCSVSGTTVSCSYV
;
;TVESNWGGAILIGSDFDTVSATANVPSASGGSSAAGTAWVGIDGDTCQTAILQTGFDWYGDGTYDAWYEWYPEVSDDFSG
ITISEGDSIQMSVTATSDTSGSATLENLTTGQKVSKSFSNESSGSLCRTNAEFIIEDFEECNSNGSDCEFVPFASFSPAV
EFTDCSVTSDGESVSLDDAQITQVIINNQDVTDCSVSGTTVSCSYV
;
A ? 
2 'polypeptide(L)' no no AIH AIH B ? 
# 
loop_
_pdbx_entity_nonpoly.entity_id 
_pdbx_entity_nonpoly.name 
_pdbx_entity_nonpoly.comp_id 
3 TYROSINE TYR 
4 water    HOH 
# 
loop_
_entity_poly_seq.entity_id 
_entity_poly_seq.num 
_entity_poly_seq.mon_id 
_entity_poly_seq.hetero 
1 1   THR n 
1 2   VAL n 
1 3   GLU n 
1 4   SER n 
1 5   ASN n 
1 6   TRP n 
1 7   GLY n 
1 8   GLY n 
1 9   ALA n 
1 10  ILE n 
1 11  LEU n 
1 12  ILE n 
1 13  GLY n 
1 14  SER n 
1 15  ASP n 
1 16  PHE n 
1 17  ASP n 
1 18  THR n 
1 19  VAL n 
1 20  SER n 
1 21  ALA n 
1 22  THR n 
1 23  ALA n 
1 24  ASN n 
1 25  VAL n 
1 26  PRO n 
1 27  SER n 
1 28  ALA n 
1 29  SER n 
1 30  GLY n 
1 31  GLY n 
1 32  SER n 
1 33  SER n 
1 34  ALA n 
1 35  ALA n 
1 36  GLY n 
1 37  THR n 
1 38  ALA n 
1 39  TRP n 
1 40  VAL n 
1 41  GLY n 
1 42  ILE n 
1 43  ASP n 
1 44  GLY n 
1 45  ASP n 
1 46  THR n 
1 47  CYS n 
1 48  GLN n 
1 49  THR n 
1 50  ALA n 
1 51  ILE n 
1 52  LEU n 
1 53  GLN n 
1 54  THR n 
1 55  GLY n 
1 56  PHE n 
1 57  ASP n 
1 58  TRP n 
1 59  TYR n 
1 60  GLY n 
1 61  ASP n 
1 62  GLY n 
1 63  THR n 
1 64  TYR n 
1 65  ASP n 
1 66  ALA n 
1 67  TRP n 
1 68  TYR n 
1 69  GLU n 
1 70  TRP n 
1 71  TYR n 
1 72  PRO n 
1 73  GLU n 
1 74  VAL n 
1 75  SER n 
1 76  ASP n 
1 77  ASP n 
1 78  PHE n 
1 79  SER n 
1 80  GLY n 
1 81  ILE n 
1 82  THR n 
1 83  ILE n 
1 84  SER n 
1 85  GLU n 
1 86  GLY n 
1 87  ASP n 
1 88  SER n 
1 89  ILE n 
1 90  GLN n 
1 91  MET n 
1 92  SER n 
1 93  VAL n 
1 94  THR n 
1 95  ALA n 
1 96  THR n 
1 97  SER n 
1 98  ASP n 
1 99  THR n 
1 100 SER n 
1 101 GLY n 
1 102 SER n 
1 103 ALA n 
1 104 THR n 
1 105 LEU n 
1 106 GLU n 
1 107 ASN n 
1 108 LEU n 
1 109 THR n 
1 110 THR n 
1 111 GLY n 
1 112 GLN n 
1 113 LYS n 
1 114 VAL n 
1 115 SER n 
1 116 LYS n 
1 117 SER n 
1 118 PHE n 
1 119 SER n 
1 120 ASN n 
1 121 GLU n 
1 122 SER n 
1 123 SER n 
1 124 GLY n 
1 125 SER n 
1 126 LEU n 
1 127 CYS n 
1 128 ARG n 
1 129 THR n 
1 130 ASN n 
1 131 ALA n 
1 132 GLU n 
1 133 PHE n 
1 134 ILE n 
1 135 ILE n 
1 136 GLU n 
1 137 ASP n 
1 138 PHE n 
1 139 GLU n 
1 140 GLU n 
1 141 CYS n 
1 142 ASN n 
1 143 SER n 
1 144 ASN n 
1 145 GLY n 
1 146 SER n 
1 147 ASP n 
1 148 CYS n 
1 149 GLU n 
1 150 PHE n 
1 151 VAL n 
1 152 PRO n 
1 153 PHE n 
1 154 ALA n 
1 155 SER n 
1 156 PHE n 
1 157 SER n 
1 158 PRO n 
1 159 ALA n 
1 160 VAL n 
1 161 GLU n 
1 162 PHE n 
1 163 THR n 
1 164 ASP n 
1 165 CYS n 
1 166 SER n 
1 167 VAL n 
1 168 THR n 
1 169 SER n 
1 170 ASP n 
1 171 GLY n 
1 172 GLU n 
1 173 SER n 
1 174 VAL n 
1 175 SER n 
1 176 LEU n 
1 177 ASP n 
1 178 ASP n 
1 179 ALA n 
1 180 GLN n 
1 181 ILE n 
1 182 THR n 
1 183 GLN n 
1 184 VAL n 
1 185 ILE n 
1 186 ILE n 
1 187 ASN n 
1 188 ASN n 
1 189 GLN n 
1 190 ASP n 
1 191 VAL n 
1 192 THR n 
1 193 ASP n 
1 194 CYS n 
1 195 SER n 
1 196 VAL n 
1 197 SER n 
1 198 GLY n 
1 199 THR n 
1 200 THR n 
1 201 VAL n 
1 202 SER n 
1 203 CYS n 
1 204 SER n 
1 205 TYR n 
1 206 VAL n 
2 1   ALA n 
2 2   ILE n 
2 3   HIS n 
# 
_entity_src_gen.entity_id                          1 
_entity_src_gen.pdbx_src_id                        1 
_entity_src_gen.pdbx_alt_source_flag               sample 
_entity_src_gen.pdbx_seq_type                      ? 
_entity_src_gen.pdbx_beg_seq_num                   ? 
_entity_src_gen.pdbx_end_seq_num                   ? 
_entity_src_gen.gene_src_common_name               ? 
_entity_src_gen.gene_src_genus                     Scytalidium 
_entity_src_gen.pdbx_gene_src_gene                 ? 
_entity_src_gen.gene_src_species                   ? 
_entity_src_gen.gene_src_strain                    ? 
_entity_src_gen.gene_src_tissue                    ? 
_entity_src_gen.gene_src_tissue_fraction           ? 
_entity_src_gen.gene_src_details                   ? 
_entity_src_gen.pdbx_gene_src_fragment             ? 
_entity_src_gen.pdbx_gene_src_scientific_name      'Scytalidium lignicola' 
_entity_src_gen.pdbx_gene_src_ncbi_taxonomy_id     5539 
_entity_src_gen.pdbx_gene_src_variant              ? 
_entity_src_gen.pdbx_gene_src_cell_line            ? 
_entity_src_gen.pdbx_gene_src_atcc                 ? 
_entity_src_gen.pdbx_gene_src_organ                ? 
_entity_src_gen.pdbx_gene_src_organelle            ? 
_entity_src_gen.pdbx_gene_src_cell                 ? 
_entity_src_gen.pdbx_gene_src_cellular_location    ? 
_entity_src_gen.host_org_common_name               ? 
_entity_src_gen.pdbx_host_org_scientific_name      'Escherichia coli' 
_entity_src_gen.pdbx_host_org_ncbi_taxonomy_id     562 
_entity_src_gen.host_org_genus                     Escherichia 
_entity_src_gen.pdbx_host_org_gene                 ? 
_entity_src_gen.pdbx_host_org_organ                ? 
_entity_src_gen.host_org_species                   ? 
_entity_src_gen.pdbx_host_org_tissue               ? 
_entity_src_gen.pdbx_host_org_tissue_fraction      ? 
_entity_src_gen.pdbx_host_org_strain               ? 
_entity_src_gen.pdbx_host_org_variant              ? 
_entity_src_gen.pdbx_host_org_cell_line            ? 
_entity_src_gen.pdbx_host_org_atcc                 ? 
_entity_src_gen.pdbx_host_org_culture_collection   ? 
_entity_src_gen.pdbx_host_org_cell                 ? 
_entity_src_gen.pdbx_host_org_organelle            ? 
_entity_src_gen.pdbx_host_org_cellular_location    ? 
_entity_src_gen.pdbx_host_org_vector_type          ? 
_entity_src_gen.pdbx_host_org_vector               ? 
_entity_src_gen.host_org_details                   ? 
_entity_src_gen.expression_system_id               ? 
_entity_src_gen.plasmid_name                       ? 
_entity_src_gen.plasmid_details                    ? 
_entity_src_gen.pdbx_description                   ? 
# 
_pdbx_entity_src_syn.entity_id              2 
_pdbx_entity_src_syn.pdbx_src_id            1 
_pdbx_entity_src_syn.pdbx_alt_source_flag   sample 
_pdbx_entity_src_syn.pdbx_beg_seq_num       ? 
_pdbx_entity_src_syn.pdbx_end_seq_num       ? 
_pdbx_entity_src_syn.organism_scientific    ? 
_pdbx_entity_src_syn.organism_common_name   ? 
_pdbx_entity_src_syn.ncbi_taxonomy_id       ? 
_pdbx_entity_src_syn.details                'tripeptide substrate' 
# 
loop_
_chem_comp.id 
_chem_comp.type 
_chem_comp.mon_nstd_flag 
_chem_comp.name 
_chem_comp.pdbx_synonyms 
_chem_comp.formula 
_chem_comp.formula_weight 
ALA 'L-peptide linking' y ALANINE         ? 'C3 H7 N O2'     89.093  
ARG 'L-peptide linking' y ARGININE        ? 'C6 H15 N4 O2 1' 175.209 
ASN 'L-peptide linking' y ASPARAGINE      ? 'C4 H8 N2 O3'    132.118 
ASP 'L-peptide linking' y 'ASPARTIC ACID' ? 'C4 H7 N O4'     133.103 
CYS 'L-peptide linking' y CYSTEINE        ? 'C3 H7 N O2 S'   121.158 
GLN 'L-peptide linking' y GLUTAMINE       ? 'C5 H10 N2 O3'   146.144 
GLU 'L-peptide linking' y 'GLUTAMIC ACID' ? 'C5 H9 N O4'     147.129 
GLY 'peptide linking'   y GLYCINE         ? 'C2 H5 N O2'     75.067  
HIS 'L-peptide linking' y HISTIDINE       ? 'C6 H10 N3 O2 1' 156.162 
HOH non-polymer         . WATER           ? 'H2 O'           18.015  
ILE 'L-peptide linking' y ISOLEUCINE      ? 'C6 H13 N O2'    131.173 
LEU 'L-peptide linking' y LEUCINE         ? 'C6 H13 N O2'    131.173 
LYS 'L-peptide linking' y LYSINE          ? 'C6 H15 N2 O2 1' 147.195 
MET 'L-peptide linking' y METHIONINE      ? 'C5 H11 N O2 S'  149.211 
PHE 'L-peptide linking' y PHENYLALANINE   ? 'C9 H11 N O2'    165.189 
PRO 'L-peptide linking' y PROLINE         ? 'C5 H9 N O2'     115.130 
SER 'L-peptide linking' y SERINE          ? 'C3 H7 N O3'     105.093 
THR 'L-peptide linking' y THREONINE       ? 'C4 H9 N O3'     119.119 
TRP 'L-peptide linking' y TRYPTOPHAN      ? 'C11 H12 N2 O2'  204.225 
TYR 'L-peptide linking' y TYROSINE        ? 'C9 H11 N O3'    181.189 
VAL 'L-peptide linking' y VALINE          ? 'C5 H11 N O2'    117.146 
# 
loop_
_pdbx_poly_seq_scheme.asym_id 
_pdbx_poly_seq_scheme.entity_id 
_pdbx_poly_seq_scheme.seq_id 
_pdbx_poly_seq_scheme.mon_id 
_pdbx_poly_seq_scheme.ndb_seq_num 
_pdbx_poly_seq_scheme.pdb_seq_num 
_pdbx_poly_seq_scheme.auth_seq_num 
_pdbx_poly_seq_scheme.pdb_mon_id 
_pdbx_poly_seq_scheme.auth_mon_id 
_pdbx_poly_seq_scheme.pdb_strand_id 
_pdbx_poly_seq_scheme.pdb_ins_code 
_pdbx_poly_seq_scheme.hetero 
A 1 1   THR 1   1   1   THR THR A . n 
A 1 2   VAL 2   2   2   VAL VAL A . n 
A 1 3   GLU 3   3   3   GLU GLU A . n 
A 1 4   SER 4   4   4   SER SER A . n 
A 1 5   ASN 5   5   5   ASN ASN A . n 
A 1 6   TRP 6   6   6   TRP TRP A . n 
A 1 7   GLY 7   7   7   GLY GLY A . n 
A 1 8   GLY 8   8   8   GLY GLY A . n 
A 1 9   ALA 9   9   9   ALA ALA A . n 
A 1 10  ILE 10  10  10  ILE ILE A . n 
A 1 11  LEU 11  11  11  LEU LEU A . n 
A 1 12  ILE 12  12  12  ILE ILE A . n 
A 1 13  GLY 13  13  13  GLY GLY A . n 
A 1 14  SER 14  14  14  SER SER A . n 
A 1 15  ASP 15  15  15  ASP ASP A . n 
A 1 16  PHE 16  16  16  PHE PHE A . n 
A 1 17  ASP 17  17  17  ASP ASP A . n 
A 1 18  THR 18  18  18  THR THR A . n 
A 1 19  VAL 19  19  19  VAL VAL A . n 
A 1 20  SER 20  20  20  SER SER A . n 
A 1 21  ALA 21  21  21  ALA ALA A . n 
A 1 22  THR 22  22  22  THR THR A . n 
A 1 23  ALA 23  23  23  ALA ALA A . n 
A 1 24  ASN 24  24  24  ASN ASN A . n 
A 1 25  VAL 25  25  25  VAL VAL A . n 
A 1 26  PRO 26  26  26  PRO PRO A . n 
A 1 27  SER 27  27  27  SER SER A . n 
A 1 28  ALA 28  28  28  ALA ALA A . n 
A 1 29  SER 29  29  29  SER SER A . n 
A 1 30  GLY 30  30  30  GLY GLY A . n 
A 1 31  GLY 31  31  31  GLY GLY A . n 
A 1 32  SER 32  32  32  SER SER A . n 
A 1 33  SER 33  33  33  SER SER A . n 
A 1 34  ALA 34  34  34  ALA ALA A . n 
A 1 35  ALA 35  35  35  ALA ALA A . n 
A 1 36  GLY 36  36  36  GLY GLY A . n 
A 1 37  THR 37  37  37  THR THR A . n 
A 1 38  ALA 38  38  38  ALA ALA A . n 
A 1 39  TRP 39  39  39  TRP TRP A . n 
A 1 40  VAL 40  40  40  VAL VAL A . n 
A 1 41  GLY 41  41  41  GLY GLY A . n 
A 1 42  ILE 42  42  42  ILE ILE A . n 
A 1 43  ASP 43  43  43  ASP ASP A . n 
A 1 44  GLY 44  44  44  GLY GLY A . n 
A 1 45  ASP 45  45  45  ASP ASP A . n 
A 1 46  THR 46  46  46  THR THR A . n 
A 1 47  CYS 47  47  47  CYS CYS A . n 
A 1 48  GLN 48  48  48  GLN GLN A . n 
A 1 49  THR 49  49  49  THR THR A . n 
A 1 50  ALA 50  50  50  ALA ALA A . n 
A 1 51  ILE 51  51  51  ILE ILE A . n 
A 1 52  LEU 52  52  52  LEU LEU A . n 
A 1 53  GLN 53  53  53  GLN GLN A . n 
A 1 54  THR 54  54  54  THR THR A . n 
A 1 55  GLY 55  55  55  GLY GLY A . n 
A 1 56  PHE 56  56  56  PHE PHE A . n 
A 1 57  ASP 57  57  57  ASP ASP A . n 
A 1 58  TRP 58  58  58  TRP TRP A . n 
A 1 59  TYR 59  59  59  TYR TYR A . n 
A 1 60  GLY 60  60  60  GLY GLY A . n 
A 1 61  ASP 61  61  61  ASP ASP A . n 
A 1 62  GLY 62  62  62  GLY GLY A . n 
A 1 63  THR 63  63  63  THR THR A . n 
A 1 64  TYR 64  64  64  TYR TYR A . n 
A 1 65  ASP 65  65  65  ASP ASP A . n 
A 1 66  ALA 66  66  66  ALA ALA A . n 
A 1 67  TRP 67  67  67  TRP TRP A . n 
A 1 68  TYR 68  68  68  TYR TYR A . n 
A 1 69  GLU 69  69  69  GLU GLU A . n 
A 1 70  TRP 70  70  70  TRP TRP A . n 
A 1 71  TYR 71  71  ?   ?   ?   A . n 
A 1 72  PRO 72  72  ?   ?   ?   A . n 
A 1 73  GLU 73  73  73  GLU ALA A . n 
A 1 74  VAL 74  74  74  VAL ALA A . n 
A 1 75  SER 75  75  75  SER ALA A . n 
A 1 76  ASP 76  76  ?   ?   ?   A . n 
A 1 77  ASP 77  77  ?   ?   ?   A . n 
A 1 78  PHE 78  78  ?   ?   ?   A . n 
A 1 79  SER 79  79  ?   ?   ?   A . n 
A 1 80  GLY 80  80  ?   ?   ?   A . n 
A 1 81  ILE 81  81  81  ILE ILE A . n 
A 1 82  THR 82  82  82  THR THR A . n 
A 1 83  ILE 83  83  83  ILE ILE A . n 
A 1 84  SER 84  84  84  SER SER A . n 
A 1 85  GLU 85  85  85  GLU GLU A . n 
A 1 86  GLY 86  86  86  GLY GLY A . n 
A 1 87  ASP 87  87  87  ASP ASP A . n 
A 1 88  SER 88  88  88  SER SER A . n 
A 1 89  ILE 89  89  89  ILE ILE A . n 
A 1 90  GLN 90  90  90  GLN GLN A . n 
A 1 91  MET 91  91  91  MET MET A . n 
A 1 92  SER 92  92  92  SER SER A . n 
A 1 93  VAL 93  93  93  VAL VAL A . n 
A 1 94  THR 94  94  94  THR THR A . n 
A 1 95  ALA 95  95  95  ALA ALA A . n 
A 1 96  THR 96  96  96  THR THR A . n 
A 1 97  SER 97  97  97  SER SER A . n 
A 1 98  ASP 98  98  98  ASP ASP A . n 
A 1 99  THR 99  99  99  THR THR A . n 
A 1 100 SER 100 100 100 SER SER A . n 
A 1 101 GLY 101 101 101 GLY GLY A . n 
A 1 102 SER 102 102 102 SER SER A . n 
A 1 103 ALA 103 103 103 ALA ALA A . n 
A 1 104 THR 104 104 104 THR THR A . n 
A 1 105 LEU 105 105 105 LEU LEU A . n 
A 1 106 GLU 106 106 106 GLU GLU A . n 
A 1 107 ASN 107 107 107 ASN ASN A . n 
A 1 108 LEU 108 108 108 LEU LEU A . n 
A 1 109 THR 109 109 109 THR THR A . n 
A 1 110 THR 110 110 110 THR THR A . n 
A 1 111 GLY 111 111 111 GLY GLY A . n 
A 1 112 GLN 112 112 112 GLN GLN A . n 
A 1 113 LYS 113 113 113 LYS LYS A . n 
A 1 114 VAL 114 114 114 VAL VAL A . n 
A 1 115 SER 115 115 115 SER SER A . n 
A 1 116 LYS 116 116 116 LYS LYS A . n 
A 1 117 SER 117 117 117 SER SER A . n 
A 1 118 PHE 118 118 118 PHE PHE A . n 
A 1 119 SER 119 119 119 SER SER A . n 
A 1 120 ASN 120 120 120 ASN ASN A . n 
A 1 121 GLU 121 121 121 GLU GLU A . n 
A 1 122 SER 122 122 122 SER SER A . n 
A 1 123 SER 123 123 123 SER SER A . n 
A 1 124 GLY 124 124 124 GLY GLY A . n 
A 1 125 SER 125 125 125 SER SER A . n 
A 1 126 LEU 126 126 126 LEU LEU A . n 
A 1 127 CYS 127 127 127 CYS CYS A . n 
A 1 128 ARG 128 128 128 ARG ARG A . n 
A 1 129 THR 129 129 129 THR THR A . n 
A 1 130 ASN 130 130 130 ASN ASN A . n 
A 1 131 ALA 131 131 131 ALA ALA A . n 
A 1 132 GLU 132 132 132 GLU GLU A . n 
A 1 133 PHE 133 133 133 PHE PHE A . n 
A 1 134 ILE 134 134 134 ILE ILE A . n 
A 1 135 ILE 135 135 135 ILE ILE A . n 
A 1 136 GLU 136 136 136 GLU GLU A . n 
A 1 137 ASP 137 137 137 ASP ASP A . n 
A 1 138 PHE 138 138 138 PHE PHE A . n 
A 1 139 GLU 139 139 139 GLU GLU A . n 
A 1 140 GLU 140 140 140 GLU GLU A . n 
A 1 141 CYS 141 141 141 CYS CYS A . n 
A 1 142 ASN 142 142 142 ASN ASN A . n 
A 1 143 SER 143 143 143 SER SER A . n 
A 1 144 ASN 144 144 144 ASN ASN A . n 
A 1 145 GLY 145 145 145 GLY GLY A . n 
A 1 146 SER 146 146 146 SER SER A . n 
A 1 147 ASP 147 147 147 ASP ASP A . n 
A 1 148 CYS 148 148 148 CYS CYS A . n 
A 1 149 GLU 149 149 149 GLU GLU A . n 
A 1 150 PHE 150 150 150 PHE PHE A . n 
A 1 151 VAL 151 151 151 VAL VAL A . n 
A 1 152 PRO 152 152 152 PRO PRO A . n 
A 1 153 PHE 153 153 153 PHE PHE A . n 
A 1 154 ALA 154 154 154 ALA ALA A . n 
A 1 155 SER 155 155 155 SER SER A . n 
A 1 156 PHE 156 156 156 PHE PHE A . n 
A 1 157 SER 157 157 157 SER SER A . n 
A 1 158 PRO 158 158 158 PRO PRO A . n 
A 1 159 ALA 159 159 159 ALA ALA A . n 
A 1 160 VAL 160 160 160 VAL VAL A . n 
A 1 161 GLU 161 161 161 GLU GLU A . n 
A 1 162 PHE 162 162 162 PHE PHE A . n 
A 1 163 THR 163 163 163 THR THR A . n 
A 1 164 ASP 164 164 164 ASP ASP A . n 
A 1 165 CYS 165 165 165 CYS CYS A . n 
A 1 166 SER 166 166 166 SER SER A . n 
A 1 167 VAL 167 167 167 VAL VAL A . n 
A 1 168 THR 168 168 168 THR THR A . n 
A 1 169 SER 169 169 169 SER SER A . n 
A 1 170 ASP 170 170 170 ASP ASP A . n 
A 1 171 GLY 171 171 171 GLY GLY A . n 
A 1 172 GLU 172 172 172 GLU GLU A . n 
A 1 173 SER 173 173 173 SER SER A . n 
A 1 174 VAL 174 174 174 VAL VAL A . n 
A 1 175 SER 175 175 175 SER SER A . n 
A 1 176 LEU 176 176 176 LEU LEU A . n 
A 1 177 ASP 177 177 177 ASP ASP A . n 
A 1 178 ASP 178 178 178 ASP ASP A . n 
A 1 179 ALA 179 179 179 ALA ALA A . n 
A 1 180 GLN 180 180 180 GLN GLN A . n 
A 1 181 ILE 181 181 181 ILE ILE A . n 
A 1 182 THR 182 182 182 THR THR A . n 
A 1 183 GLN 183 183 183 GLN GLN A . n 
A 1 184 VAL 184 184 184 VAL VAL A . n 
A 1 185 ILE 185 185 185 ILE ILE A . n 
A 1 186 ILE 186 186 186 ILE ILE A . n 
A 1 187 ASN 187 187 187 ASN ASN A . n 
A 1 188 ASN 188 188 188 ASN ASN A . n 
A 1 189 GLN 189 189 189 GLN GLN A . n 
A 1 190 ASP 190 190 190 ASP ASP A . n 
A 1 191 VAL 191 191 191 VAL VAL A . n 
A 1 192 THR 192 192 192 THR THR A . n 
A 1 193 ASP 193 193 193 ASP ASP A . n 
A 1 194 CYS 194 194 194 CYS CYS A . n 
A 1 195 SER 195 195 195 SER SER A . n 
A 1 196 VAL 196 196 196 VAL VAL A . n 
A 1 197 SER 197 197 197 SER SER A . n 
A 1 198 GLY 198 198 198 GLY GLY A . n 
A 1 199 THR 199 199 199 THR THR A . n 
A 1 200 THR 200 200 200 THR THR A . n 
A 1 201 VAL 201 201 201 VAL VAL A . n 
A 1 202 SER 202 202 202 SER SER A . n 
A 1 203 CYS 203 203 203 CYS CYS A . n 
A 1 204 SER 204 204 204 SER SER A . n 
A 1 205 TYR 205 205 205 TYR TYR A . n 
A 1 206 VAL 206 206 206 VAL VAL A . n 
B 2 1   ALA 1   1   1   ALA ALA B . n 
B 2 2   ILE 2   2   2   ILE ILE B . n 
B 2 3   HIS 3   3   3   HIS HIS B . n 
# 
loop_
_pdbx_nonpoly_scheme.asym_id 
_pdbx_nonpoly_scheme.entity_id 
_pdbx_nonpoly_scheme.mon_id 
_pdbx_nonpoly_scheme.ndb_seq_num 
_pdbx_nonpoly_scheme.pdb_seq_num 
_pdbx_nonpoly_scheme.auth_seq_num 
_pdbx_nonpoly_scheme.pdb_mon_id 
_pdbx_nonpoly_scheme.auth_mon_id 
_pdbx_nonpoly_scheme.pdb_strand_id 
_pdbx_nonpoly_scheme.pdb_ins_code 
C 3 TYR 1   1001 1   TYR TYR A . 
D 4 HOH 1   1002 1   HOH HOH A . 
D 4 HOH 2   1003 2   HOH HOH A . 
D 4 HOH 3   1004 3   HOH HOH A . 
D 4 HOH 4   1005 4   HOH HOH A . 
D 4 HOH 5   1006 5   HOH HOH A . 
D 4 HOH 6   1007 6   HOH HOH A . 
D 4 HOH 7   1008 7   HOH HOH A . 
D 4 HOH 8   1009 8   HOH HOH A . 
D 4 HOH 9   1010 9   HOH HOH A . 
D 4 HOH 10  1011 10  HOH HOH A . 
D 4 HOH 11  1012 11  HOH HOH A . 
D 4 HOH 12  1013 12  HOH HOH A . 
D 4 HOH 13  1014 13  HOH HOH A . 
D 4 HOH 14  1015 14  HOH HOH A . 
D 4 HOH 15  1016 15  HOH HOH A . 
D 4 HOH 16  1017 16  HOH HOH A . 
D 4 HOH 17  1018 17  HOH HOH A . 
D 4 HOH 18  1019 19  HOH HOH A . 
D 4 HOH 19  1020 20  HOH HOH A . 
D 4 HOH 20  1021 21  HOH HOH A . 
D 4 HOH 21  1022 22  HOH HOH A . 
D 4 HOH 22  1023 23  HOH HOH A . 
D 4 HOH 23  1024 24  HOH HOH A . 
D 4 HOH 24  1025 25  HOH HOH A . 
D 4 HOH 25  1026 26  HOH HOH A . 
D 4 HOH 26  1027 27  HOH HOH A . 
D 4 HOH 27  1028 28  HOH HOH A . 
D 4 HOH 28  1029 30  HOH HOH A . 
D 4 HOH 29  1030 31  HOH HOH A . 
D 4 HOH 30  1031 32  HOH HOH A . 
D 4 HOH 31  1032 33  HOH HOH A . 
D 4 HOH 32  1033 34  HOH HOH A . 
D 4 HOH 33  1034 35  HOH HOH A . 
D 4 HOH 34  1035 36  HOH HOH A . 
D 4 HOH 35  1036 37  HOH HOH A . 
D 4 HOH 36  1037 38  HOH HOH A . 
D 4 HOH 37  1038 39  HOH HOH A . 
D 4 HOH 38  1039 40  HOH HOH A . 
D 4 HOH 39  1040 41  HOH HOH A . 
D 4 HOH 40  1041 42  HOH HOH A . 
D 4 HOH 41  1042 43  HOH HOH A . 
D 4 HOH 42  1043 44  HOH HOH A . 
D 4 HOH 43  1044 45  HOH HOH A . 
D 4 HOH 44  1045 46  HOH HOH A . 
D 4 HOH 45  1046 47  HOH HOH A . 
D 4 HOH 46  1047 48  HOH HOH A . 
D 4 HOH 47  1048 49  HOH HOH A . 
D 4 HOH 48  1049 50  HOH HOH A . 
D 4 HOH 49  1050 51  HOH HOH A . 
D 4 HOH 50  1051 52  HOH HOH A . 
D 4 HOH 51  1052 53  HOH HOH A . 
D 4 HOH 52  1053 54  HOH HOH A . 
D 4 HOH 53  1054 55  HOH HOH A . 
D 4 HOH 54  1055 56  HOH HOH A . 
D 4 HOH 55  1056 58  HOH HOH A . 
D 4 HOH 56  1057 59  HOH HOH A . 
D 4 HOH 57  1058 61  HOH HOH A . 
D 4 HOH 58  1059 62  HOH HOH A . 
D 4 HOH 59  1060 63  HOH HOH A . 
D 4 HOH 60  1061 64  HOH HOH A . 
D 4 HOH 61  1062 65  HOH HOH A . 
D 4 HOH 62  1063 67  HOH HOH A . 
D 4 HOH 63  1064 70  HOH HOH A . 
D 4 HOH 64  1065 71  HOH HOH A . 
D 4 HOH 65  1066 72  HOH HOH A . 
D 4 HOH 66  1067 73  HOH HOH A . 
D 4 HOH 67  1068 76  HOH HOH A . 
D 4 HOH 68  1069 79  HOH HOH A . 
D 4 HOH 69  1070 80  HOH HOH A . 
D 4 HOH 70  1071 86  HOH HOH A . 
D 4 HOH 71  1072 87  HOH HOH A . 
D 4 HOH 72  1073 88  HOH HOH A . 
D 4 HOH 73  1074 89  HOH HOH A . 
D 4 HOH 74  1075 91  HOH HOH A . 
D 4 HOH 75  1076 92  HOH HOH A . 
D 4 HOH 76  1077 94  HOH HOH A . 
D 4 HOH 77  1078 96  HOH HOH A . 
D 4 HOH 78  1079 97  HOH HOH A . 
D 4 HOH 79  1080 99  HOH HOH A . 
D 4 HOH 80  1081 101 HOH HOH A . 
D 4 HOH 81  1082 105 HOH HOH A . 
D 4 HOH 82  1083 113 HOH HOH A . 
D 4 HOH 83  1084 117 HOH HOH A . 
D 4 HOH 84  1085 131 HOH HOH A . 
D 4 HOH 85  1086 133 HOH HOH A . 
D 4 HOH 86  1087 149 HOH HOH A . 
D 4 HOH 87  1088 165 HOH HOH A . 
D 4 HOH 88  1089 166 HOH HOH A . 
D 4 HOH 89  1090 169 HOH HOH A . 
D 4 HOH 90  1091 170 HOH HOH A . 
D 4 HOH 91  1092 174 HOH HOH A . 
D 4 HOH 92  1093 175 HOH HOH A . 
D 4 HOH 93  1094 176 HOH HOH A . 
D 4 HOH 94  1095 179 HOH HOH A . 
D 4 HOH 95  1096 180 HOH HOH A . 
D 4 HOH 96  1097 182 HOH HOH A . 
D 4 HOH 97  1098 190 HOH HOH A . 
D 4 HOH 98  1099 191 HOH HOH A . 
D 4 HOH 99  1100 192 HOH HOH A . 
D 4 HOH 100 1101 193 HOH HOH A . 
D 4 HOH 101 1102 195 HOH HOH A . 
D 4 HOH 102 1103 196 HOH HOH A . 
D 4 HOH 103 1104 198 HOH HOH A . 
D 4 HOH 104 1105 199 HOH HOH A . 
D 4 HOH 105 1106 200 HOH HOH A . 
D 4 HOH 106 1107 201 HOH HOH A . 
D 4 HOH 107 1108 202 HOH HOH A . 
D 4 HOH 108 1109 204 HOH HOH A . 
D 4 HOH 109 1110 205 HOH HOH A . 
D 4 HOH 110 1111 207 HOH HOH A . 
D 4 HOH 111 1112 209 HOH HOH A . 
D 4 HOH 112 1113 215 HOH HOH A . 
D 4 HOH 113 1114 220 HOH HOH A . 
D 4 HOH 114 1115 221 HOH HOH A . 
D 4 HOH 115 1116 222 HOH HOH A . 
D 4 HOH 116 1117 223 HOH HOH A . 
D 4 HOH 117 1118 225 HOH HOH A . 
D 4 HOH 118 1119 226 HOH HOH A . 
D 4 HOH 119 1120 229 HOH HOH A . 
D 4 HOH 120 1121 230 HOH HOH A . 
E 4 HOH 1   81   81  HOH HOH B . 
# 
loop_
_pdbx_unobs_or_zero_occ_atoms.id 
_pdbx_unobs_or_zero_occ_atoms.PDB_model_num 
_pdbx_unobs_or_zero_occ_atoms.polymer_flag 
_pdbx_unobs_or_zero_occ_atoms.occupancy_flag 
_pdbx_unobs_or_zero_occ_atoms.auth_asym_id 
_pdbx_unobs_or_zero_occ_atoms.auth_comp_id 
_pdbx_unobs_or_zero_occ_atoms.auth_seq_id 
_pdbx_unobs_or_zero_occ_atoms.PDB_ins_code 
_pdbx_unobs_or_zero_occ_atoms.auth_atom_id 
_pdbx_unobs_or_zero_occ_atoms.label_alt_id 
_pdbx_unobs_or_zero_occ_atoms.label_asym_id 
_pdbx_unobs_or_zero_occ_atoms.label_comp_id 
_pdbx_unobs_or_zero_occ_atoms.label_seq_id 
_pdbx_unobs_or_zero_occ_atoms.label_atom_id 
1 1 Y 1 A GLU 73 ? CG  ? A GLU 73 CG  
2 1 Y 1 A GLU 73 ? CD  ? A GLU 73 CD  
3 1 Y 1 A GLU 73 ? OE1 ? A GLU 73 OE1 
4 1 Y 1 A GLU 73 ? OE2 ? A GLU 73 OE2 
5 1 Y 1 A VAL 74 ? CG1 ? A VAL 74 CG1 
6 1 Y 1 A VAL 74 ? CG2 ? A VAL 74 CG2 
7 1 Y 1 A SER 75 ? OG  ? A SER 75 OG  
# 
loop_
_software.name 
_software.classification 
_software.version 
_software.citation_id 
_software.pdbx_ordinal 
SOLVE phasing    . ? 1 
CNS   refinement . ? 2 
# 
_cell.entry_id           1S2K 
_cell.length_a           109.369 
_cell.length_b           109.369 
_cell.length_c           113.829 
_cell.angle_alpha        90.00 
_cell.angle_beta         90.00 
_cell.angle_gamma        120.00 
_cell.Z_PDB              12 
_cell.pdbx_unique_axis   ? 
# 
_symmetry.entry_id                         1S2K 
_symmetry.space_group_name_H-M             'P 63 2 2' 
_symmetry.pdbx_full_space_group_name_H-M   ? 
_symmetry.cell_setting                     ? 
_symmetry.Int_Tables_number                182 
# 
_exptl.entry_id          1S2K 
_exptl.method            'X-RAY DIFFRACTION' 
_exptl.crystals_number   1 
# 
_exptl_crystal.id                    1 
_exptl_crystal.density_meas          ? 
_exptl_crystal.density_percent_sol   72.59 
_exptl_crystal.description           ? 
_exptl_crystal.density_Matthews      4.49 
# 
_exptl_crystal_grow.crystal_id      1 
_exptl_crystal_grow.method          'VAPOR DIFFUSION, HANGING DROP' 
_exptl_crystal_grow.temp            295 
_exptl_crystal_grow.temp_details    ? 
_exptl_crystal_grow.pH              4.0 
_exptl_crystal_grow.pdbx_details    
;42% sat'd ammonium sulfate 0.1M sodium acetate, 10% v/v ethylene glycol, 10 mM Angiotensin II, pH 4.0, VAPOR DIFFUSION, HANGING DROP, temperature 295K
;
_exptl_crystal_grow.pdbx_pH_range   . 
# 
_diffrn.id                     1 
_diffrn.ambient_temp           ? 
_diffrn.ambient_temp_details   ? 
_diffrn.crystal_id             1 
# 
_diffrn_detector.diffrn_id              1 
_diffrn_detector.detector               'IMAGE PLATE' 
_diffrn_detector.type                   'RIGAKU RAXIS IV' 
_diffrn_detector.pdbx_collection_date   2000-09-13 
_diffrn_detector.details                'Osmic mirrors' 
# 
_diffrn_radiation.diffrn_id                        1 
_diffrn_radiation.wavelength_id                    1 
_diffrn_radiation.pdbx_monochromatic_or_laue_m_l   M 
_diffrn_radiation.monochromator                    'Osmic mirrors' 
_diffrn_radiation.pdbx_diffrn_protocol             'SINGLE WAVELENGTH' 
_diffrn_radiation.pdbx_scattering_type             x-ray 
# 
_diffrn_radiation_wavelength.id           1 
_diffrn_radiation_wavelength.wavelength   1.5418 
_diffrn_radiation_wavelength.wt           1.0 
# 
_diffrn_source.diffrn_id                   1 
_diffrn_source.source                      'ROTATING ANODE' 
_diffrn_source.type                        'RIGAKU RU200' 
_diffrn_source.pdbx_synchrotron_site       ? 
_diffrn_source.pdbx_synchrotron_beamline   ? 
_diffrn_source.pdbx_wavelength             ? 
_diffrn_source.pdbx_wavelength_list        1.5418 
# 
_reflns.entry_id                     1S2K 
_reflns.observed_criterion_sigma_F   0 
_reflns.observed_criterion_sigma_I   ? 
_reflns.d_resolution_high            2.0 
_reflns.d_resolution_low             30.0 
_reflns.number_all                   27730 
_reflns.number_obs                   27676 
_reflns.percent_possible_obs         99.8 
_reflns.pdbx_Rmerge_I_obs            0.05 
_reflns.pdbx_Rsym_value              ? 
_reflns.pdbx_netI_over_sigmaI        19.2 
_reflns.B_iso_Wilson_estimate        ? 
_reflns.pdbx_redundancy              ? 
_reflns.R_free_details               ? 
_reflns.limit_h_max                  ? 
_reflns.limit_h_min                  ? 
_reflns.limit_k_max                  ? 
_reflns.limit_k_min                  ? 
_reflns.limit_l_max                  ? 
_reflns.limit_l_min                  ? 
_reflns.observed_criterion_F_max     ? 
_reflns.observed_criterion_F_min     ? 
_reflns.pdbx_diffrn_id               1 
_reflns.pdbx_ordinal                 1 
# 
_refine.entry_id                                 1S2K 
_refine.ls_d_res_high                            2.0 
_refine.ls_d_res_low                             27.0 
_refine.pdbx_ls_sigma_F                          ? 
_refine.pdbx_ls_sigma_I                          ? 
_refine.ls_number_reflns_all                     27730 
_refine.ls_number_reflns_obs                     27676 
_refine.ls_number_reflns_R_free                  26254 
_refine.ls_percent_reflns_obs                    94.7 
_refine.ls_R_factor_all                          ? 
_refine.ls_R_factor_obs                          ? 
_refine.ls_R_factor_R_work                       0.234 
_refine.ls_R_factor_R_free                       0.256 
_refine.ls_redundancy_reflns_obs                 ? 
_refine.pdbx_data_cutoff_high_absF               ? 
_refine.pdbx_data_cutoff_low_absF                ? 
_refine.ls_number_parameters                     ? 
_refine.ls_number_restraints                     ? 
_refine.ls_percent_reflns_R_free                 ? 
_refine.ls_R_factor_R_free_error                 ? 
_refine.ls_R_factor_R_free_error_details         ? 
_refine.pdbx_method_to_determine_struct          MIR 
_refine.pdbx_starting_model                      1S2B 
_refine.pdbx_ls_cross_valid_method               THROUGHOUT 
_refine.pdbx_R_Free_selection_details            Random 
_refine.pdbx_stereochem_target_val_spec_case     ? 
_refine.pdbx_stereochemistry_target_values       'Engh & Huber' 
_refine.solvent_model_details                    ? 
_refine.solvent_model_param_bsol                 ? 
_refine.solvent_model_param_ksol                 ? 
_refine.occupancy_max                            ? 
_refine.occupancy_min                            ? 
_refine.pdbx_isotropic_thermal_model             Isotropic 
_refine.B_iso_mean                               ? 
_refine.aniso_B[1][1]                            ? 
_refine.aniso_B[1][2]                            ? 
_refine.aniso_B[1][3]                            ? 
_refine.aniso_B[2][2]                            ? 
_refine.aniso_B[2][3]                            ? 
_refine.aniso_B[3][3]                            ? 
_refine.details                                  CNS 
_refine.B_iso_min                                ? 
_refine.B_iso_max                                ? 
_refine.correlation_coeff_Fo_to_Fc               ? 
_refine.correlation_coeff_Fo_to_Fc_free          ? 
_refine.pdbx_solvent_vdw_probe_radii             ? 
_refine.pdbx_solvent_ion_probe_radii             ? 
_refine.pdbx_solvent_shrinkage_radii             ? 
_refine.overall_SU_R_Cruickshank_DPI             ? 
_refine.overall_SU_R_free                        ? 
_refine.overall_SU_B                             ? 
_refine.overall_SU_ML                            ? 
_refine.pdbx_overall_ESU_R                       ? 
_refine.pdbx_overall_ESU_R_Free                  ? 
_refine.pdbx_data_cutoff_high_rms_absF           ? 
_refine.pdbx_refine_id                           'X-RAY DIFFRACTION' 
_refine.pdbx_diffrn_id                           1 
_refine.pdbx_TLS_residual_ADP_flag               ? 
_refine.pdbx_overall_phase_error                 ? 
_refine.pdbx_overall_SU_R_free_Cruickshank_DPI   ? 
_refine.pdbx_overall_SU_R_Blow_DPI               ? 
_refine.pdbx_overall_SU_R_free_Blow_DPI          ? 
# 
_refine_hist.pdbx_refine_id                   'X-RAY DIFFRACTION' 
_refine_hist.cycle_id                         LAST 
_refine_hist.pdbx_number_atoms_protein        1472 
_refine_hist.pdbx_number_atoms_nucleic_acid   0 
_refine_hist.pdbx_number_atoms_ligand         13 
_refine_hist.number_atoms_solvent             121 
_refine_hist.number_atoms_total               1606 
_refine_hist.d_res_high                       2.0 
_refine_hist.d_res_low                        27.0 
# 
loop_
_refine_ls_restr.type 
_refine_ls_restr.dev_ideal 
_refine_ls_restr.dev_ideal_target 
_refine_ls_restr.weight 
_refine_ls_restr.number 
_refine_ls_restr.pdbx_refine_id 
_refine_ls_restr.pdbx_restraint_function 
c_angle_deg 1.4   ? ? ? 'X-RAY DIFFRACTION' ? 
c_bond_d    0.006 ? ? ? 'X-RAY DIFFRACTION' ? 
# 
_struct.entry_id                  1S2K 
_struct.title                     
'Structure of SCP-B a member of the Eqolisin family of Peptidases in a complex with a Tripeptide Ala-Ile-His' 
_struct.pdbx_model_details        ? 
_struct.pdbx_CASP_flag            ? 
_struct.pdbx_model_type_details   ? 
# 
_struct_keywords.entry_id        1S2K 
_struct_keywords.pdbx_keywords   HYDROLASE 
_struct_keywords.text            
'Beta Sandwich, Pepstatin insensitive carboxyl peptidase, protease, proteinase, Eqolisin family, complex with Ala-Ile-His, hydrolase' 
# 
loop_
_struct_asym.id 
_struct_asym.pdbx_blank_PDB_chainid_flag 
_struct_asym.pdbx_modified 
_struct_asym.entity_id 
_struct_asym.details 
A N N 1 ? 
B N N 2 ? 
C N N 3 ? 
D N N 4 ? 
E N N 4 ? 
# 
loop_
_struct_ref.id 
_struct_ref.db_name 
_struct_ref.db_code 
_struct_ref.pdbx_db_accession 
_struct_ref.entity_id 
_struct_ref.pdbx_seq_one_letter_code 
_struct_ref.pdbx_align_begin 
_struct_ref.pdbx_db_isoform 
1 UNP PRTB_SCYLI P15369 1 
;TVESNWGGAILIGSDFDTVSATANVPSASGGSSAAGTAWVGIDGDTCQTAILQTGFDWYGDGTYDAWYEWYPEVSDDFSG
ITISEGDSIQMSVTATSDTSGSATLENLTTGQKVSKSFSNESSGSLCRTNAEFIIEDFEECNSNGSDCEFVPFASFSPAV
EFTDCSVTSDGESVSLDDAQITQVIINNQDVTDCSVSGTTVSCSYV
;
55 ? 
2 PDB 1S2K       1S2K   2 ? ?  ? 
# 
loop_
_struct_ref_seq.align_id 
_struct_ref_seq.ref_id 
_struct_ref_seq.pdbx_PDB_id_code 
_struct_ref_seq.pdbx_strand_id 
_struct_ref_seq.seq_align_beg 
_struct_ref_seq.pdbx_seq_align_beg_ins_code 
_struct_ref_seq.seq_align_end 
_struct_ref_seq.pdbx_seq_align_end_ins_code 
_struct_ref_seq.pdbx_db_accession 
_struct_ref_seq.db_align_beg 
_struct_ref_seq.pdbx_db_align_beg_ins_code 
_struct_ref_seq.db_align_end 
_struct_ref_seq.pdbx_db_align_end_ins_code 
_struct_ref_seq.pdbx_auth_seq_align_beg 
_struct_ref_seq.pdbx_auth_seq_align_end 
1 1 1S2K A 1 ? 206 ? P15369 55 ? 260 ? 1 206 
2 2 1S2K B 1 ? 3   ? 1S2K   1  ? 3   ? 1 3   
# 
_pdbx_struct_assembly.id                   1 
_pdbx_struct_assembly.details              author_and_software_defined_assembly 
_pdbx_struct_assembly.method_details       PISA 
_pdbx_struct_assembly.oligomeric_details   dimeric 
_pdbx_struct_assembly.oligomeric_count     2 
# 
loop_
_pdbx_struct_assembly_prop.biol_id 
_pdbx_struct_assembly_prop.type 
_pdbx_struct_assembly_prop.value 
_pdbx_struct_assembly_prop.details 
1 'ABSA (A^2)' 590  ? 
1 MORE         -2   ? 
1 'SSA (A^2)'  8700 ? 
# 
_pdbx_struct_assembly_gen.assembly_id       1 
_pdbx_struct_assembly_gen.oper_expression   1 
_pdbx_struct_assembly_gen.asym_id_list      A,B,C,D,E 
# 
_pdbx_struct_oper_list.id                   1 
_pdbx_struct_oper_list.type                 'identity operation' 
_pdbx_struct_oper_list.name                 1_555 
_pdbx_struct_oper_list.symmetry_operation   x,y,z 
_pdbx_struct_oper_list.matrix[1][1]         1.0000000000 
_pdbx_struct_oper_list.matrix[1][2]         0.0000000000 
_pdbx_struct_oper_list.matrix[1][3]         0.0000000000 
_pdbx_struct_oper_list.vector[1]            0.0000000000 
_pdbx_struct_oper_list.matrix[2][1]         0.0000000000 
_pdbx_struct_oper_list.matrix[2][2]         1.0000000000 
_pdbx_struct_oper_list.matrix[2][3]         0.0000000000 
_pdbx_struct_oper_list.vector[2]            0.0000000000 
_pdbx_struct_oper_list.matrix[3][1]         0.0000000000 
_pdbx_struct_oper_list.matrix[3][2]         0.0000000000 
_pdbx_struct_oper_list.matrix[3][3]         1.0000000000 
_pdbx_struct_oper_list.vector[3]            0.0000000000 
# 
loop_
_struct_conn.id 
_struct_conn.conn_type_id 
_struct_conn.pdbx_leaving_atom_flag 
_struct_conn.pdbx_PDB_id 
_struct_conn.ptnr1_label_asym_id 
_struct_conn.ptnr1_label_comp_id 
_struct_conn.ptnr1_label_seq_id 
_struct_conn.ptnr1_label_atom_id 
_struct_conn.pdbx_ptnr1_label_alt_id 
_struct_conn.pdbx_ptnr1_PDB_ins_code 
_struct_conn.pdbx_ptnr1_standard_comp_id 
_struct_conn.ptnr1_symmetry 
_struct_conn.ptnr2_label_asym_id 
_struct_conn.ptnr2_label_comp_id 
_struct_conn.ptnr2_label_seq_id 
_struct_conn.ptnr2_label_atom_id 
_struct_conn.pdbx_ptnr2_label_alt_id 
_struct_conn.pdbx_ptnr2_PDB_ins_code 
_struct_conn.ptnr1_auth_asym_id 
_struct_conn.ptnr1_auth_comp_id 
_struct_conn.ptnr1_auth_seq_id 
_struct_conn.ptnr2_auth_asym_id 
_struct_conn.ptnr2_auth_comp_id 
_struct_conn.ptnr2_auth_seq_id 
_struct_conn.ptnr2_symmetry 
_struct_conn.pdbx_ptnr3_label_atom_id 
_struct_conn.pdbx_ptnr3_label_seq_id 
_struct_conn.pdbx_ptnr3_label_comp_id 
_struct_conn.pdbx_ptnr3_label_asym_id 
_struct_conn.pdbx_ptnr3_label_alt_id 
_struct_conn.pdbx_ptnr3_PDB_ins_code 
_struct_conn.details 
_struct_conn.pdbx_dist_value 
_struct_conn.pdbx_value_order 
_struct_conn.pdbx_role 
disulf1 disulf ? ? A CYS 47  SG ? ? ? 1_555 A CYS 127 SG ? ? A CYS 47  A CYS 127 1_555 ? ? ? ? ? ? ? 2.033 ? ? 
disulf2 disulf ? ? A CYS 141 SG ? ? ? 1_555 A CYS 148 SG ? ? A CYS 141 A CYS 148 1_555 ? ? ? ? ? ? ? 2.034 ? ? 
disulf3 disulf ? ? A CYS 194 SG ? ? ? 1_555 A CYS 203 SG ? ? A CYS 194 A CYS 203 1_555 ? ? ? ? ? ? ? 2.030 ? ? 
# 
_struct_conn_type.id          disulf 
_struct_conn_type.criteria    ? 
_struct_conn_type.reference   ? 
# 
loop_
_pdbx_modification_feature.ordinal 
_pdbx_modification_feature.label_comp_id 
_pdbx_modification_feature.label_asym_id 
_pdbx_modification_feature.label_seq_id 
_pdbx_modification_feature.label_alt_id 
_pdbx_modification_feature.modified_residue_label_comp_id 
_pdbx_modification_feature.modified_residue_label_asym_id 
_pdbx_modification_feature.modified_residue_label_seq_id 
_pdbx_modification_feature.modified_residue_label_alt_id 
_pdbx_modification_feature.auth_comp_id 
_pdbx_modification_feature.auth_asym_id 
_pdbx_modification_feature.auth_seq_id 
_pdbx_modification_feature.PDB_ins_code 
_pdbx_modification_feature.symmetry 
_pdbx_modification_feature.modified_residue_auth_comp_id 
_pdbx_modification_feature.modified_residue_auth_asym_id 
_pdbx_modification_feature.modified_residue_auth_seq_id 
_pdbx_modification_feature.modified_residue_PDB_ins_code 
_pdbx_modification_feature.modified_residue_symmetry 
_pdbx_modification_feature.comp_id_linking_atom 
_pdbx_modification_feature.modified_residue_id_linking_atom 
_pdbx_modification_feature.modified_residue_id 
_pdbx_modification_feature.ref_pcm_id 
_pdbx_modification_feature.ref_comp_id 
_pdbx_modification_feature.type 
_pdbx_modification_feature.category 
1 CYS A 47  ? CYS A 127 ? CYS A 47  ? 1_555 CYS A 127 ? 1_555 SG SG . . . None 'Disulfide bridge' 
2 CYS A 141 ? CYS A 148 ? CYS A 141 ? 1_555 CYS A 148 ? 1_555 SG SG . . . None 'Disulfide bridge' 
3 CYS A 194 ? CYS A 203 ? CYS A 194 ? 1_555 CYS A 203 ? 1_555 SG SG . . . None 'Disulfide bridge' 
# 
_struct_mon_prot_cis.pdbx_id                1 
_struct_mon_prot_cis.label_comp_id          SER 
_struct_mon_prot_cis.label_seq_id           157 
_struct_mon_prot_cis.label_asym_id          A 
_struct_mon_prot_cis.label_alt_id           . 
_struct_mon_prot_cis.pdbx_PDB_ins_code      ? 
_struct_mon_prot_cis.auth_comp_id           SER 
_struct_mon_prot_cis.auth_seq_id            157 
_struct_mon_prot_cis.auth_asym_id           A 
_struct_mon_prot_cis.pdbx_label_comp_id_2   PRO 
_struct_mon_prot_cis.pdbx_label_seq_id_2    158 
_struct_mon_prot_cis.pdbx_label_asym_id_2   A 
_struct_mon_prot_cis.pdbx_PDB_ins_code_2    ? 
_struct_mon_prot_cis.pdbx_auth_comp_id_2    PRO 
_struct_mon_prot_cis.pdbx_auth_seq_id_2     158 
_struct_mon_prot_cis.pdbx_auth_asym_id_2    A 
_struct_mon_prot_cis.pdbx_PDB_model_num     1 
_struct_mon_prot_cis.pdbx_omega_angle       -0.05 
# 
loop_
_struct_sheet.id 
_struct_sheet.type 
_struct_sheet.number_strands 
_struct_sheet.details 
A ? 3 ? 
B ? 6 ? 
C ? 6 ? 
D ? 7 ? 
E ? 2 ? 
F ? 2 ? 
# 
loop_
_struct_sheet_order.sheet_id 
_struct_sheet_order.range_id_1 
_struct_sheet_order.range_id_2 
_struct_sheet_order.offset 
_struct_sheet_order.sense 
A 1 2 ? anti-parallel 
A 2 3 ? anti-parallel 
B 1 2 ? anti-parallel 
B 2 3 ? anti-parallel 
B 3 4 ? anti-parallel 
B 4 5 ? anti-parallel 
B 5 6 ? anti-parallel 
C 1 2 ? anti-parallel 
C 2 3 ? anti-parallel 
C 3 4 ? anti-parallel 
C 4 5 ? anti-parallel 
C 5 6 ? anti-parallel 
D 1 2 ? anti-parallel 
D 2 3 ? anti-parallel 
D 3 4 ? anti-parallel 
D 4 5 ? anti-parallel 
D 5 6 ? anti-parallel 
D 6 7 ? anti-parallel 
E 1 2 ? anti-parallel 
F 1 2 ? anti-parallel 
# 
loop_
_struct_sheet_range.sheet_id 
_struct_sheet_range.id 
_struct_sheet_range.beg_label_comp_id 
_struct_sheet_range.beg_label_asym_id 
_struct_sheet_range.beg_label_seq_id 
_struct_sheet_range.pdbx_beg_PDB_ins_code 
_struct_sheet_range.end_label_comp_id 
_struct_sheet_range.end_label_asym_id 
_struct_sheet_range.end_label_seq_id 
_struct_sheet_range.pdbx_end_PDB_ins_code 
_struct_sheet_range.beg_auth_comp_id 
_struct_sheet_range.beg_auth_asym_id 
_struct_sheet_range.beg_auth_seq_id 
_struct_sheet_range.end_auth_comp_id 
_struct_sheet_range.end_auth_asym_id 
_struct_sheet_range.end_auth_seq_id 
A 1 VAL A 2   ? SER A 4   ? VAL A 2   SER A 4   
A 2 ILE A 185 ? ILE A 186 ? ILE A 185 ILE A 186 
A 3 GLN A 189 ? ASP A 190 ? GLN A 189 ASP A 190 
B 1 TYR A 64  ? GLU A 69  ? TYR A 64  GLU A 69  
B 2 LEU A 52  ? GLY A 60  ? LEU A 52  GLY A 60  
B 3 GLY A 31  ? ILE A 42  ? GLY A 31  ILE A 42  
B 4 ASN A 130 ? GLU A 136 ? ASN A 130 GLU A 136 
B 5 TRP A 6   ? ILE A 12  ? TRP A 6   ILE A 12  
B 6 GLN A 180 ? THR A 182 ? GLN A 180 THR A 182 
C 1 LYS A 113 ? PHE A 118 ? LYS A 113 PHE A 118 
C 2 GLY A 101 ? GLU A 106 ? GLY A 101 GLU A 106 
C 3 SER A 88  ? ALA A 95  ? SER A 88  ALA A 95  
C 4 PHE A 16  ? ASN A 24  ? PHE A 16  ASN A 24  
C 5 VAL A 160 ? SER A 169 ? VAL A 160 SER A 169 
C 6 GLU A 172 ? SER A 173 ? GLU A 172 SER A 173 
D 1 LYS A 113 ? PHE A 118 ? LYS A 113 PHE A 118 
D 2 GLY A 101 ? GLU A 106 ? GLY A 101 GLU A 106 
D 3 SER A 88  ? ALA A 95  ? SER A 88  ALA A 95  
D 4 PHE A 16  ? ASN A 24  ? PHE A 16  ASN A 24  
D 5 VAL A 160 ? SER A 169 ? VAL A 160 SER A 169 
D 6 THR A 200 ? TYR A 205 ? THR A 200 TYR A 205 
D 7 THR A 192 ? SER A 197 ? THR A 192 SER A 197 
E 1 SER A 27  ? SER A 29  ? SER A 27  SER A 29  
E 2 SER A 155 ? SER A 157 ? SER A 155 SER A 157 
F 1 GLU A 139 ? ASN A 142 ? GLU A 139 ASN A 142 
F 2 ASP A 147 ? PHE A 150 ? ASP A 147 PHE A 150 
# 
loop_
_pdbx_struct_sheet_hbond.sheet_id 
_pdbx_struct_sheet_hbond.range_id_1 
_pdbx_struct_sheet_hbond.range_id_2 
_pdbx_struct_sheet_hbond.range_1_label_atom_id 
_pdbx_struct_sheet_hbond.range_1_label_comp_id 
_pdbx_struct_sheet_hbond.range_1_label_asym_id 
_pdbx_struct_sheet_hbond.range_1_label_seq_id 
_pdbx_struct_sheet_hbond.range_1_PDB_ins_code 
_pdbx_struct_sheet_hbond.range_1_auth_atom_id 
_pdbx_struct_sheet_hbond.range_1_auth_comp_id 
_pdbx_struct_sheet_hbond.range_1_auth_asym_id 
_pdbx_struct_sheet_hbond.range_1_auth_seq_id 
_pdbx_struct_sheet_hbond.range_2_label_atom_id 
_pdbx_struct_sheet_hbond.range_2_label_comp_id 
_pdbx_struct_sheet_hbond.range_2_label_asym_id 
_pdbx_struct_sheet_hbond.range_2_label_seq_id 
_pdbx_struct_sheet_hbond.range_2_PDB_ins_code 
_pdbx_struct_sheet_hbond.range_2_auth_atom_id 
_pdbx_struct_sheet_hbond.range_2_auth_comp_id 
_pdbx_struct_sheet_hbond.range_2_auth_asym_id 
_pdbx_struct_sheet_hbond.range_2_auth_seq_id 
A 1 2 N SER A 4   ? N SER A 4   O ILE A 185 ? O ILE A 185 
A 2 3 N ILE A 186 ? N ILE A 186 O GLN A 189 ? O GLN A 189 
B 1 2 O GLU A 69  ? O GLU A 69  N GLN A 53  ? N GLN A 53  
B 2 3 O LEU A 52  ? O LEU A 52  N ILE A 42  ? N ILE A 42  
B 3 4 N TRP A 39  ? N TRP A 39  O ILE A 134 ? O ILE A 134 
B 4 5 O ALA A 131 ? O ALA A 131 N LEU A 11  ? N LEU A 11  
B 5 6 N ILE A 10  ? N ILE A 10  O GLN A 180 ? O GLN A 180 
C 1 2 O PHE A 118 ? O PHE A 118 N GLY A 101 ? N GLY A 101 
C 2 3 O THR A 104 ? O THR A 104 N SER A 92  ? N SER A 92  
C 3 4 O ILE A 89  ? O ILE A 89  N ALA A 23  ? N ALA A 23  
C 4 5 N THR A 22  ? N THR A 22  O THR A 163 ? O THR A 163 
C 5 6 N SER A 169 ? N SER A 169 O GLU A 172 ? O GLU A 172 
D 1 2 O PHE A 118 ? O PHE A 118 N GLY A 101 ? N GLY A 101 
D 2 3 O THR A 104 ? O THR A 104 N SER A 92  ? N SER A 92  
D 3 4 O ILE A 89  ? O ILE A 89  N ALA A 23  ? N ALA A 23  
D 4 5 N THR A 22  ? N THR A 22  O THR A 163 ? O THR A 163 
D 5 6 N PHE A 162 ? N PHE A 162 O VAL A 201 ? O VAL A 201 
D 6 7 O SER A 202 ? O SER A 202 N SER A 195 ? N SER A 195 
E 1 2 N SER A 27  ? N SER A 27  O SER A 157 ? O SER A 157 
F 1 2 N GLU A 140 ? N GLU A 140 O GLU A 149 ? O GLU A 149 
# 
_struct_site.id                   AC1 
_struct_site.pdbx_evidence_code   Software 
_struct_site.pdbx_auth_asym_id    A 
_struct_site.pdbx_auth_comp_id    TYR 
_struct_site.pdbx_auth_seq_id     1001 
_struct_site.pdbx_auth_ins_code   ? 
_struct_site.pdbx_num_residues    4 
_struct_site.details              'BINDING SITE FOR RESIDUE TYR A 1001' 
# 
loop_
_struct_site_gen.id 
_struct_site_gen.site_id 
_struct_site_gen.pdbx_num_res 
_struct_site_gen.label_comp_id 
_struct_site_gen.label_asym_id 
_struct_site_gen.label_seq_id 
_struct_site_gen.pdbx_auth_ins_code 
_struct_site_gen.auth_comp_id 
_struct_site_gen.auth_asym_id 
_struct_site_gen.auth_seq_id 
_struct_site_gen.label_atom_id 
_struct_site_gen.label_alt_id 
_struct_site_gen.symmetry 
_struct_site_gen.details 
1 AC1 4 ASN A 5   ? ASN A 5    . ? 1_555 ? 
2 AC1 4 TRP A 6   ? TRP A 6    . ? 1_555 ? 
3 AC1 4 GLU A 139 ? GLU A 139  . ? 1_555 ? 
4 AC1 4 HOH D .   ? HOH A 1046 . ? 1_555 ? 
# 
_pdbx_entry_details.entry_id                   1S2K 
_pdbx_entry_details.compound_details           ? 
_pdbx_entry_details.source_details             ? 
_pdbx_entry_details.nonpolymer_details         ? 
_pdbx_entry_details.sequence_details           ? 
_pdbx_entry_details.has_ligand_of_interest     ? 
_pdbx_entry_details.has_protein_modification   Y 
# 
loop_
_pdbx_validate_torsion.id 
_pdbx_validate_torsion.PDB_model_num 
_pdbx_validate_torsion.auth_comp_id 
_pdbx_validate_torsion.auth_asym_id 
_pdbx_validate_torsion.auth_seq_id 
_pdbx_validate_torsion.PDB_ins_code 
_pdbx_validate_torsion.label_alt_id 
_pdbx_validate_torsion.phi 
_pdbx_validate_torsion.psi 
1  1 ASP A 17  ? ? -101.31 -70.52  
2  1 ASP A 43  ? ? 69.67   -176.16 
3  1 ASP A 45  ? ? -92.75  -86.20  
4  1 GLU A 69  ? ? -170.02 142.38  
5  1 VAL A 74  ? ? -92.96  -155.89 
6  1 LEU A 108 ? ? 56.91   -36.30  
7  1 ASN A 142 ? ? -173.78 -166.85 
8  1 SER A 143 ? ? 43.72   74.82   
9  1 ASN A 144 ? ? 67.74   -77.10  
10 1 PRO A 158 ? ? -72.52  -165.14 
11 1 SER A 197 ? ? -171.45 117.90  
# 
loop_
_pdbx_struct_special_symmetry.id 
_pdbx_struct_special_symmetry.PDB_model_num 
_pdbx_struct_special_symmetry.auth_asym_id 
_pdbx_struct_special_symmetry.auth_comp_id 
_pdbx_struct_special_symmetry.auth_seq_id 
_pdbx_struct_special_symmetry.PDB_ins_code 
_pdbx_struct_special_symmetry.label_asym_id 
_pdbx_struct_special_symmetry.label_comp_id 
_pdbx_struct_special_symmetry.label_seq_id 
1 1 A HOH 1062 ? D HOH . 
2 1 A HOH 1073 ? D HOH . 
3 1 A HOH 1074 ? D HOH . 
# 
loop_
_pdbx_unobs_or_zero_occ_residues.id 
_pdbx_unobs_or_zero_occ_residues.PDB_model_num 
_pdbx_unobs_or_zero_occ_residues.polymer_flag 
_pdbx_unobs_or_zero_occ_residues.occupancy_flag 
_pdbx_unobs_or_zero_occ_residues.auth_asym_id 
_pdbx_unobs_or_zero_occ_residues.auth_comp_id 
_pdbx_unobs_or_zero_occ_residues.auth_seq_id 
_pdbx_unobs_or_zero_occ_residues.PDB_ins_code 
_pdbx_unobs_or_zero_occ_residues.label_asym_id 
_pdbx_unobs_or_zero_occ_residues.label_comp_id 
_pdbx_unobs_or_zero_occ_residues.label_seq_id 
1 1 Y 1 A TYR 71 ? A TYR 71 
2 1 Y 1 A PRO 72 ? A PRO 72 
3 1 Y 1 A ASP 76 ? A ASP 76 
4 1 Y 1 A ASP 77 ? A ASP 77 
5 1 Y 1 A PHE 78 ? A PHE 78 
6 1 Y 1 A SER 79 ? A SER 79 
7 1 Y 1 A GLY 80 ? A GLY 80 
# 
loop_
_chem_comp_atom.comp_id 
_chem_comp_atom.atom_id 
_chem_comp_atom.type_symbol 
_chem_comp_atom.pdbx_aromatic_flag 
_chem_comp_atom.pdbx_stereo_config 
_chem_comp_atom.pdbx_ordinal 
ALA N    N N N 1   
ALA CA   C N S 2   
ALA C    C N N 3   
ALA O    O N N 4   
ALA CB   C N N 5   
ALA OXT  O N N 6   
ALA H    H N N 7   
ALA H2   H N N 8   
ALA HA   H N N 9   
ALA HB1  H N N 10  
ALA HB2  H N N 11  
ALA HB3  H N N 12  
ALA HXT  H N N 13  
ARG N    N N N 14  
ARG CA   C N S 15  
ARG C    C N N 16  
ARG O    O N N 17  
ARG CB   C N N 18  
ARG CG   C N N 19  
ARG CD   C N N 20  
ARG NE   N N N 21  
ARG CZ   C N N 22  
ARG NH1  N N N 23  
ARG NH2  N N N 24  
ARG OXT  O N N 25  
ARG H    H N N 26  
ARG H2   H N N 27  
ARG HA   H N N 28  
ARG HB2  H N N 29  
ARG HB3  H N N 30  
ARG HG2  H N N 31  
ARG HG3  H N N 32  
ARG HD2  H N N 33  
ARG HD3  H N N 34  
ARG HE   H N N 35  
ARG HH11 H N N 36  
ARG HH12 H N N 37  
ARG HH21 H N N 38  
ARG HH22 H N N 39  
ARG HXT  H N N 40  
ASN N    N N N 41  
ASN CA   C N S 42  
ASN C    C N N 43  
ASN O    O N N 44  
ASN CB   C N N 45  
ASN CG   C N N 46  
ASN OD1  O N N 47  
ASN ND2  N N N 48  
ASN OXT  O N N 49  
ASN H    H N N 50  
ASN H2   H N N 51  
ASN HA   H N N 52  
ASN HB2  H N N 53  
ASN HB3  H N N 54  
ASN HD21 H N N 55  
ASN HD22 H N N 56  
ASN HXT  H N N 57  
ASP N    N N N 58  
ASP CA   C N S 59  
ASP C    C N N 60  
ASP O    O N N 61  
ASP CB   C N N 62  
ASP CG   C N N 63  
ASP OD1  O N N 64  
ASP OD2  O N N 65  
ASP OXT  O N N 66  
ASP H    H N N 67  
ASP H2   H N N 68  
ASP HA   H N N 69  
ASP HB2  H N N 70  
ASP HB3  H N N 71  
ASP HD2  H N N 72  
ASP HXT  H N N 73  
CYS N    N N N 74  
CYS CA   C N R 75  
CYS C    C N N 76  
CYS O    O N N 77  
CYS CB   C N N 78  
CYS SG   S N N 79  
CYS OXT  O N N 80  
CYS H    H N N 81  
CYS H2   H N N 82  
CYS HA   H N N 83  
CYS HB2  H N N 84  
CYS HB3  H N N 85  
CYS HG   H N N 86  
CYS HXT  H N N 87  
GLN N    N N N 88  
GLN CA   C N S 89  
GLN C    C N N 90  
GLN O    O N N 91  
GLN CB   C N N 92  
GLN CG   C N N 93  
GLN CD   C N N 94  
GLN OE1  O N N 95  
GLN NE2  N N N 96  
GLN OXT  O N N 97  
GLN H    H N N 98  
GLN H2   H N N 99  
GLN HA   H N N 100 
GLN HB2  H N N 101 
GLN HB3  H N N 102 
GLN HG2  H N N 103 
GLN HG3  H N N 104 
GLN HE21 H N N 105 
GLN HE22 H N N 106 
GLN HXT  H N N 107 
GLU N    N N N 108 
GLU CA   C N S 109 
GLU C    C N N 110 
GLU O    O N N 111 
GLU CB   C N N 112 
GLU CG   C N N 113 
GLU CD   C N N 114 
GLU OE1  O N N 115 
GLU OE2  O N N 116 
GLU OXT  O N N 117 
GLU H    H N N 118 
GLU H2   H N N 119 
GLU HA   H N N 120 
GLU HB2  H N N 121 
GLU HB3  H N N 122 
GLU HG2  H N N 123 
GLU HG3  H N N 124 
GLU HE2  H N N 125 
GLU HXT  H N N 126 
GLY N    N N N 127 
GLY CA   C N N 128 
GLY C    C N N 129 
GLY O    O N N 130 
GLY OXT  O N N 131 
GLY H    H N N 132 
GLY H2   H N N 133 
GLY HA2  H N N 134 
GLY HA3  H N N 135 
GLY HXT  H N N 136 
HIS N    N N N 137 
HIS CA   C N S 138 
HIS C    C N N 139 
HIS O    O N N 140 
HIS CB   C N N 141 
HIS CG   C Y N 142 
HIS ND1  N Y N 143 
HIS CD2  C Y N 144 
HIS CE1  C Y N 145 
HIS NE2  N Y N 146 
HIS OXT  O N N 147 
HIS H    H N N 148 
HIS H2   H N N 149 
HIS HA   H N N 150 
HIS HB2  H N N 151 
HIS HB3  H N N 152 
HIS HD1  H N N 153 
HIS HD2  H N N 154 
HIS HE1  H N N 155 
HIS HE2  H N N 156 
HIS HXT  H N N 157 
HOH O    O N N 158 
HOH H1   H N N 159 
HOH H2   H N N 160 
ILE N    N N N 161 
ILE CA   C N S 162 
ILE C    C N N 163 
ILE O    O N N 164 
ILE CB   C N S 165 
ILE CG1  C N N 166 
ILE CG2  C N N 167 
ILE CD1  C N N 168 
ILE OXT  O N N 169 
ILE H    H N N 170 
ILE H2   H N N 171 
ILE HA   H N N 172 
ILE HB   H N N 173 
ILE HG12 H N N 174 
ILE HG13 H N N 175 
ILE HG21 H N N 176 
ILE HG22 H N N 177 
ILE HG23 H N N 178 
ILE HD11 H N N 179 
ILE HD12 H N N 180 
ILE HD13 H N N 181 
ILE HXT  H N N 182 
LEU N    N N N 183 
LEU CA   C N S 184 
LEU C    C N N 185 
LEU O    O N N 186 
LEU CB   C N N 187 
LEU CG   C N N 188 
LEU CD1  C N N 189 
LEU CD2  C N N 190 
LEU OXT  O N N 191 
LEU H    H N N 192 
LEU H2   H N N 193 
LEU HA   H N N 194 
LEU HB2  H N N 195 
LEU HB3  H N N 196 
LEU HG   H N N 197 
LEU HD11 H N N 198 
LEU HD12 H N N 199 
LEU HD13 H N N 200 
LEU HD21 H N N 201 
LEU HD22 H N N 202 
LEU HD23 H N N 203 
LEU HXT  H N N 204 
LYS N    N N N 205 
LYS CA   C N S 206 
LYS C    C N N 207 
LYS O    O N N 208 
LYS CB   C N N 209 
LYS CG   C N N 210 
LYS CD   C N N 211 
LYS CE   C N N 212 
LYS NZ   N N N 213 
LYS OXT  O N N 214 
LYS H    H N N 215 
LYS H2   H N N 216 
LYS HA   H N N 217 
LYS HB2  H N N 218 
LYS HB3  H N N 219 
LYS HG2  H N N 220 
LYS HG3  H N N 221 
LYS HD2  H N N 222 
LYS HD3  H N N 223 
LYS HE2  H N N 224 
LYS HE3  H N N 225 
LYS HZ1  H N N 226 
LYS HZ2  H N N 227 
LYS HZ3  H N N 228 
LYS HXT  H N N 229 
MET N    N N N 230 
MET CA   C N S 231 
MET C    C N N 232 
MET O    O N N 233 
MET CB   C N N 234 
MET CG   C N N 235 
MET SD   S N N 236 
MET CE   C N N 237 
MET OXT  O N N 238 
MET H    H N N 239 
MET H2   H N N 240 
MET HA   H N N 241 
MET HB2  H N N 242 
MET HB3  H N N 243 
MET HG2  H N N 244 
MET HG3  H N N 245 
MET HE1  H N N 246 
MET HE2  H N N 247 
MET HE3  H N N 248 
MET HXT  H N N 249 
PHE N    N N N 250 
PHE CA   C N S 251 
PHE C    C N N 252 
PHE O    O N N 253 
PHE CB   C N N 254 
PHE CG   C Y N 255 
PHE CD1  C Y N 256 
PHE CD2  C Y N 257 
PHE CE1  C Y N 258 
PHE CE2  C Y N 259 
PHE CZ   C Y N 260 
PHE OXT  O N N 261 
PHE H    H N N 262 
PHE H2   H N N 263 
PHE HA   H N N 264 
PHE HB2  H N N 265 
PHE HB3  H N N 266 
PHE HD1  H N N 267 
PHE HD2  H N N 268 
PHE HE1  H N N 269 
PHE HE2  H N N 270 
PHE HZ   H N N 271 
PHE HXT  H N N 272 
PRO N    N N N 273 
PRO CA   C N S 274 
PRO C    C N N 275 
PRO O    O N N 276 
PRO CB   C N N 277 
PRO CG   C N N 278 
PRO CD   C N N 279 
PRO OXT  O N N 280 
PRO H    H N N 281 
PRO HA   H N N 282 
PRO HB2  H N N 283 
PRO HB3  H N N 284 
PRO HG2  H N N 285 
PRO HG3  H N N 286 
PRO HD2  H N N 287 
PRO HD3  H N N 288 
PRO HXT  H N N 289 
SER N    N N N 290 
SER CA   C N S 291 
SER C    C N N 292 
SER O    O N N 293 
SER CB   C N N 294 
SER OG   O N N 295 
SER OXT  O N N 296 
SER H    H N N 297 
SER H2   H N N 298 
SER HA   H N N 299 
SER HB2  H N N 300 
SER HB3  H N N 301 
SER HG   H N N 302 
SER HXT  H N N 303 
THR N    N N N 304 
THR CA   C N S 305 
THR C    C N N 306 
THR O    O N N 307 
THR CB   C N R 308 
THR OG1  O N N 309 
THR CG2  C N N 310 
THR OXT  O N N 311 
THR H    H N N 312 
THR H2   H N N 313 
THR HA   H N N 314 
THR HB   H N N 315 
THR HG1  H N N 316 
THR HG21 H N N 317 
THR HG22 H N N 318 
THR HG23 H N N 319 
THR HXT  H N N 320 
TRP N    N N N 321 
TRP CA   C N S 322 
TRP C    C N N 323 
TRP O    O N N 324 
TRP CB   C N N 325 
TRP CG   C Y N 326 
TRP CD1  C Y N 327 
TRP CD2  C Y N 328 
TRP NE1  N Y N 329 
TRP CE2  C Y N 330 
TRP CE3  C Y N 331 
TRP CZ2  C Y N 332 
TRP CZ3  C Y N 333 
TRP CH2  C Y N 334 
TRP OXT  O N N 335 
TRP H    H N N 336 
TRP H2   H N N 337 
TRP HA   H N N 338 
TRP HB2  H N N 339 
TRP HB3  H N N 340 
TRP HD1  H N N 341 
TRP HE1  H N N 342 
TRP HE3  H N N 343 
TRP HZ2  H N N 344 
TRP HZ3  H N N 345 
TRP HH2  H N N 346 
TRP HXT  H N N 347 
TYR N    N N N 348 
TYR CA   C N S 349 
TYR C    C N N 350 
TYR O    O N N 351 
TYR CB   C N N 352 
TYR CG   C Y N 353 
TYR CD1  C Y N 354 
TYR CD2  C Y N 355 
TYR CE1  C Y N 356 
TYR CE2  C Y N 357 
TYR CZ   C Y N 358 
TYR OH   O N N 359 
TYR OXT  O N N 360 
TYR H    H N N 361 
TYR H2   H N N 362 
TYR HA   H N N 363 
TYR HB2  H N N 364 
TYR HB3  H N N 365 
TYR HD1  H N N 366 
TYR HD2  H N N 367 
TYR HE1  H N N 368 
TYR HE2  H N N 369 
TYR HH   H N N 370 
TYR HXT  H N N 371 
VAL N    N N N 372 
VAL CA   C N S 373 
VAL C    C N N 374 
VAL O    O N N 375 
VAL CB   C N N 376 
VAL CG1  C N N 377 
VAL CG2  C N N 378 
VAL OXT  O N N 379 
VAL H    H N N 380 
VAL H2   H N N 381 
VAL HA   H N N 382 
VAL HB   H N N 383 
VAL HG11 H N N 384 
VAL HG12 H N N 385 
VAL HG13 H N N 386 
VAL HG21 H N N 387 
VAL HG22 H N N 388 
VAL HG23 H N N 389 
VAL HXT  H N N 390 
# 
loop_
_chem_comp_bond.comp_id 
_chem_comp_bond.atom_id_1 
_chem_comp_bond.atom_id_2 
_chem_comp_bond.value_order 
_chem_comp_bond.pdbx_aromatic_flag 
_chem_comp_bond.pdbx_stereo_config 
_chem_comp_bond.pdbx_ordinal 
ALA N   CA   sing N N 1   
ALA N   H    sing N N 2   
ALA N   H2   sing N N 3   
ALA CA  C    sing N N 4   
ALA CA  CB   sing N N 5   
ALA CA  HA   sing N N 6   
ALA C   O    doub N N 7   
ALA C   OXT  sing N N 8   
ALA CB  HB1  sing N N 9   
ALA CB  HB2  sing N N 10  
ALA CB  HB3  sing N N 11  
ALA OXT HXT  sing N N 12  
ARG N   CA   sing N N 13  
ARG N   H    sing N N 14  
ARG N   H2   sing N N 15  
ARG CA  C    sing N N 16  
ARG CA  CB   sing N N 17  
ARG CA  HA   sing N N 18  
ARG C   O    doub N N 19  
ARG C   OXT  sing N N 20  
ARG CB  CG   sing N N 21  
ARG CB  HB2  sing N N 22  
ARG CB  HB3  sing N N 23  
ARG CG  CD   sing N N 24  
ARG CG  HG2  sing N N 25  
ARG CG  HG3  sing N N 26  
ARG CD  NE   sing N N 27  
ARG CD  HD2  sing N N 28  
ARG CD  HD3  sing N N 29  
ARG NE  CZ   sing N N 30  
ARG NE  HE   sing N N 31  
ARG CZ  NH1  sing N N 32  
ARG CZ  NH2  doub N N 33  
ARG NH1 HH11 sing N N 34  
ARG NH1 HH12 sing N N 35  
ARG NH2 HH21 sing N N 36  
ARG NH2 HH22 sing N N 37  
ARG OXT HXT  sing N N 38  
ASN N   CA   sing N N 39  
ASN N   H    sing N N 40  
ASN N   H2   sing N N 41  
ASN CA  C    sing N N 42  
ASN CA  CB   sing N N 43  
ASN CA  HA   sing N N 44  
ASN C   O    doub N N 45  
ASN C   OXT  sing N N 46  
ASN CB  CG   sing N N 47  
ASN CB  HB2  sing N N 48  
ASN CB  HB3  sing N N 49  
ASN CG  OD1  doub N N 50  
ASN CG  ND2  sing N N 51  
ASN ND2 HD21 sing N N 52  
ASN ND2 HD22 sing N N 53  
ASN OXT HXT  sing N N 54  
ASP N   CA   sing N N 55  
ASP N   H    sing N N 56  
ASP N   H2   sing N N 57  
ASP CA  C    sing N N 58  
ASP CA  CB   sing N N 59  
ASP CA  HA   sing N N 60  
ASP C   O    doub N N 61  
ASP C   OXT  sing N N 62  
ASP CB  CG   sing N N 63  
ASP CB  HB2  sing N N 64  
ASP CB  HB3  sing N N 65  
ASP CG  OD1  doub N N 66  
ASP CG  OD2  sing N N 67  
ASP OD2 HD2  sing N N 68  
ASP OXT HXT  sing N N 69  
CYS N   CA   sing N N 70  
CYS N   H    sing N N 71  
CYS N   H2   sing N N 72  
CYS CA  C    sing N N 73  
CYS CA  CB   sing N N 74  
CYS CA  HA   sing N N 75  
CYS C   O    doub N N 76  
CYS C   OXT  sing N N 77  
CYS CB  SG   sing N N 78  
CYS CB  HB2  sing N N 79  
CYS CB  HB3  sing N N 80  
CYS SG  HG   sing N N 81  
CYS OXT HXT  sing N N 82  
GLN N   CA   sing N N 83  
GLN N   H    sing N N 84  
GLN N   H2   sing N N 85  
GLN CA  C    sing N N 86  
GLN CA  CB   sing N N 87  
GLN CA  HA   sing N N 88  
GLN C   O    doub N N 89  
GLN C   OXT  sing N N 90  
GLN CB  CG   sing N N 91  
GLN CB  HB2  sing N N 92  
GLN CB  HB3  sing N N 93  
GLN CG  CD   sing N N 94  
GLN CG  HG2  sing N N 95  
GLN CG  HG3  sing N N 96  
GLN CD  OE1  doub N N 97  
GLN CD  NE2  sing N N 98  
GLN NE2 HE21 sing N N 99  
GLN NE2 HE22 sing N N 100 
GLN OXT HXT  sing N N 101 
GLU N   CA   sing N N 102 
GLU N   H    sing N N 103 
GLU N   H2   sing N N 104 
GLU CA  C    sing N N 105 
GLU CA  CB   sing N N 106 
GLU CA  HA   sing N N 107 
GLU C   O    doub N N 108 
GLU C   OXT  sing N N 109 
GLU CB  CG   sing N N 110 
GLU CB  HB2  sing N N 111 
GLU CB  HB3  sing N N 112 
GLU CG  CD   sing N N 113 
GLU CG  HG2  sing N N 114 
GLU CG  HG3  sing N N 115 
GLU CD  OE1  doub N N 116 
GLU CD  OE2  sing N N 117 
GLU OE2 HE2  sing N N 118 
GLU OXT HXT  sing N N 119 
GLY N   CA   sing N N 120 
GLY N   H    sing N N 121 
GLY N   H2   sing N N 122 
GLY CA  C    sing N N 123 
GLY CA  HA2  sing N N 124 
GLY CA  HA3  sing N N 125 
GLY C   O    doub N N 126 
GLY C   OXT  sing N N 127 
GLY OXT HXT  sing N N 128 
HIS N   CA   sing N N 129 
HIS N   H    sing N N 130 
HIS N   H2   sing N N 131 
HIS CA  C    sing N N 132 
HIS CA  CB   sing N N 133 
HIS CA  HA   sing N N 134 
HIS C   O    doub N N 135 
HIS C   OXT  sing N N 136 
HIS CB  CG   sing N N 137 
HIS CB  HB2  sing N N 138 
HIS CB  HB3  sing N N 139 
HIS CG  ND1  sing Y N 140 
HIS CG  CD2  doub Y N 141 
HIS ND1 CE1  doub Y N 142 
HIS ND1 HD1  sing N N 143 
HIS CD2 NE2  sing Y N 144 
HIS CD2 HD2  sing N N 145 
HIS CE1 NE2  sing Y N 146 
HIS CE1 HE1  sing N N 147 
HIS NE2 HE2  sing N N 148 
HIS OXT HXT  sing N N 149 
HOH O   H1   sing N N 150 
HOH O   H2   sing N N 151 
ILE N   CA   sing N N 152 
ILE N   H    sing N N 153 
ILE N   H2   sing N N 154 
ILE CA  C    sing N N 155 
ILE CA  CB   sing N N 156 
ILE CA  HA   sing N N 157 
ILE C   O    doub N N 158 
ILE C   OXT  sing N N 159 
ILE CB  CG1  sing N N 160 
ILE CB  CG2  sing N N 161 
ILE CB  HB   sing N N 162 
ILE CG1 CD1  sing N N 163 
ILE CG1 HG12 sing N N 164 
ILE CG1 HG13 sing N N 165 
ILE CG2 HG21 sing N N 166 
ILE CG2 HG22 sing N N 167 
ILE CG2 HG23 sing N N 168 
ILE CD1 HD11 sing N N 169 
ILE CD1 HD12 sing N N 170 
ILE CD1 HD13 sing N N 171 
ILE OXT HXT  sing N N 172 
LEU N   CA   sing N N 173 
LEU N   H    sing N N 174 
LEU N   H2   sing N N 175 
LEU CA  C    sing N N 176 
LEU CA  CB   sing N N 177 
LEU CA  HA   sing N N 178 
LEU C   O    doub N N 179 
LEU C   OXT  sing N N 180 
LEU CB  CG   sing N N 181 
LEU CB  HB2  sing N N 182 
LEU CB  HB3  sing N N 183 
LEU CG  CD1  sing N N 184 
LEU CG  CD2  sing N N 185 
LEU CG  HG   sing N N 186 
LEU CD1 HD11 sing N N 187 
LEU CD1 HD12 sing N N 188 
LEU CD1 HD13 sing N N 189 
LEU CD2 HD21 sing N N 190 
LEU CD2 HD22 sing N N 191 
LEU CD2 HD23 sing N N 192 
LEU OXT HXT  sing N N 193 
LYS N   CA   sing N N 194 
LYS N   H    sing N N 195 
LYS N   H2   sing N N 196 
LYS CA  C    sing N N 197 
LYS CA  CB   sing N N 198 
LYS CA  HA   sing N N 199 
LYS C   O    doub N N 200 
LYS C   OXT  sing N N 201 
LYS CB  CG   sing N N 202 
LYS CB  HB2  sing N N 203 
LYS CB  HB3  sing N N 204 
LYS CG  CD   sing N N 205 
LYS CG  HG2  sing N N 206 
LYS CG  HG3  sing N N 207 
LYS CD  CE   sing N N 208 
LYS CD  HD2  sing N N 209 
LYS CD  HD3  sing N N 210 
LYS CE  NZ   sing N N 211 
LYS CE  HE2  sing N N 212 
LYS CE  HE3  sing N N 213 
LYS NZ  HZ1  sing N N 214 
LYS NZ  HZ2  sing N N 215 
LYS NZ  HZ3  sing N N 216 
LYS OXT HXT  sing N N 217 
MET N   CA   sing N N 218 
MET N   H    sing N N 219 
MET N   H2   sing N N 220 
MET CA  C    sing N N 221 
MET CA  CB   sing N N 222 
MET CA  HA   sing N N 223 
MET C   O    doub N N 224 
MET C   OXT  sing N N 225 
MET CB  CG   sing N N 226 
MET CB  HB2  sing N N 227 
MET CB  HB3  sing N N 228 
MET CG  SD   sing N N 229 
MET CG  HG2  sing N N 230 
MET CG  HG3  sing N N 231 
MET SD  CE   sing N N 232 
MET CE  HE1  sing N N 233 
MET CE  HE2  sing N N 234 
MET CE  HE3  sing N N 235 
MET OXT HXT  sing N N 236 
PHE N   CA   sing N N 237 
PHE N   H    sing N N 238 
PHE N   H2   sing N N 239 
PHE CA  C    sing N N 240 
PHE CA  CB   sing N N 241 
PHE CA  HA   sing N N 242 
PHE C   O    doub N N 243 
PHE C   OXT  sing N N 244 
PHE CB  CG   sing N N 245 
PHE CB  HB2  sing N N 246 
PHE CB  HB3  sing N N 247 
PHE CG  CD1  doub Y N 248 
PHE CG  CD2  sing Y N 249 
PHE CD1 CE1  sing Y N 250 
PHE CD1 HD1  sing N N 251 
PHE CD2 CE2  doub Y N 252 
PHE CD2 HD2  sing N N 253 
PHE CE1 CZ   doub Y N 254 
PHE CE1 HE1  sing N N 255 
PHE CE2 CZ   sing Y N 256 
PHE CE2 HE2  sing N N 257 
PHE CZ  HZ   sing N N 258 
PHE OXT HXT  sing N N 259 
PRO N   CA   sing N N 260 
PRO N   CD   sing N N 261 
PRO N   H    sing N N 262 
PRO CA  C    sing N N 263 
PRO CA  CB   sing N N 264 
PRO CA  HA   sing N N 265 
PRO C   O    doub N N 266 
PRO C   OXT  sing N N 267 
PRO CB  CG   sing N N 268 
PRO CB  HB2  sing N N 269 
PRO CB  HB3  sing N N 270 
PRO CG  CD   sing N N 271 
PRO CG  HG2  sing N N 272 
PRO CG  HG3  sing N N 273 
PRO CD  HD2  sing N N 274 
PRO CD  HD3  sing N N 275 
PRO OXT HXT  sing N N 276 
SER N   CA   sing N N 277 
SER N   H    sing N N 278 
SER N   H2   sing N N 279 
SER CA  C    sing N N 280 
SER CA  CB   sing N N 281 
SER CA  HA   sing N N 282 
SER C   O    doub N N 283 
SER C   OXT  sing N N 284 
SER CB  OG   sing N N 285 
SER CB  HB2  sing N N 286 
SER CB  HB3  sing N N 287 
SER OG  HG   sing N N 288 
SER OXT HXT  sing N N 289 
THR N   CA   sing N N 290 
THR N   H    sing N N 291 
THR N   H2   sing N N 292 
THR CA  C    sing N N 293 
THR CA  CB   sing N N 294 
THR CA  HA   sing N N 295 
THR C   O    doub N N 296 
THR C   OXT  sing N N 297 
THR CB  OG1  sing N N 298 
THR CB  CG2  sing N N 299 
THR CB  HB   sing N N 300 
THR OG1 HG1  sing N N 301 
THR CG2 HG21 sing N N 302 
THR CG2 HG22 sing N N 303 
THR CG2 HG23 sing N N 304 
THR OXT HXT  sing N N 305 
TRP N   CA   sing N N 306 
TRP N   H    sing N N 307 
TRP N   H2   sing N N 308 
TRP CA  C    sing N N 309 
TRP CA  CB   sing N N 310 
TRP CA  HA   sing N N 311 
TRP C   O    doub N N 312 
TRP C   OXT  sing N N 313 
TRP CB  CG   sing N N 314 
TRP CB  HB2  sing N N 315 
TRP CB  HB3  sing N N 316 
TRP CG  CD1  doub Y N 317 
TRP CG  CD2  sing Y N 318 
TRP CD1 NE1  sing Y N 319 
TRP CD1 HD1  sing N N 320 
TRP CD2 CE2  doub Y N 321 
TRP CD2 CE3  sing Y N 322 
TRP NE1 CE2  sing Y N 323 
TRP NE1 HE1  sing N N 324 
TRP CE2 CZ2  sing Y N 325 
TRP CE3 CZ3  doub Y N 326 
TRP CE3 HE3  sing N N 327 
TRP CZ2 CH2  doub Y N 328 
TRP CZ2 HZ2  sing N N 329 
TRP CZ3 CH2  sing Y N 330 
TRP CZ3 HZ3  sing N N 331 
TRP CH2 HH2  sing N N 332 
TRP OXT HXT  sing N N 333 
TYR N   CA   sing N N 334 
TYR N   H    sing N N 335 
TYR N   H2   sing N N 336 
TYR CA  C    sing N N 337 
TYR CA  CB   sing N N 338 
TYR CA  HA   sing N N 339 
TYR C   O    doub N N 340 
TYR C   OXT  sing N N 341 
TYR CB  CG   sing N N 342 
TYR CB  HB2  sing N N 343 
TYR CB  HB3  sing N N 344 
TYR CG  CD1  doub Y N 345 
TYR CG  CD2  sing Y N 346 
TYR CD1 CE1  sing Y N 347 
TYR CD1 HD1  sing N N 348 
TYR CD2 CE2  doub Y N 349 
TYR CD2 HD2  sing N N 350 
TYR CE1 CZ   doub Y N 351 
TYR CE1 HE1  sing N N 352 
TYR CE2 CZ   sing Y N 353 
TYR CE2 HE2  sing N N 354 
TYR CZ  OH   sing N N 355 
TYR OH  HH   sing N N 356 
TYR OXT HXT  sing N N 357 
VAL N   CA   sing N N 358 
VAL N   H    sing N N 359 
VAL N   H2   sing N N 360 
VAL CA  C    sing N N 361 
VAL CA  CB   sing N N 362 
VAL CA  HA   sing N N 363 
VAL C   O    doub N N 364 
VAL C   OXT  sing N N 365 
VAL CB  CG1  sing N N 366 
VAL CB  CG2  sing N N 367 
VAL CB  HB   sing N N 368 
VAL CG1 HG11 sing N N 369 
VAL CG1 HG12 sing N N 370 
VAL CG1 HG13 sing N N 371 
VAL CG2 HG21 sing N N 372 
VAL CG2 HG22 sing N N 373 
VAL CG2 HG23 sing N N 374 
VAL OXT HXT  sing N N 375 
# 
_pdbx_initial_refinement_model.id               1 
_pdbx_initial_refinement_model.entity_id_list   ? 
_pdbx_initial_refinement_model.type             'experimental model' 
_pdbx_initial_refinement_model.source_name      PDB 
_pdbx_initial_refinement_model.accession_code   1S2B 
_pdbx_initial_refinement_model.details          ? 
# 
_atom_sites.entry_id                    1S2K 
_atom_sites.fract_transf_matrix[1][1]   -0.00440524 
_atom_sites.fract_transf_matrix[1][2]   0.00388141 
_atom_sites.fract_transf_matrix[1][3]   -0.00877444 
_atom_sites.fract_transf_matrix[2][1]   0.00454957 
_atom_sites.fract_transf_matrix[2][2]   -0.00167815 
_atom_sites.fract_transf_matrix[2][3]   -0.00937852 
_atom_sites.fract_transf_matrix[3][1]   -0.00465286 
_atom_sites.fract_transf_matrix[3][2]   -0.00739285 
_atom_sites.fract_transf_matrix[3][3]   -0.00093428 
_atom_sites.fract_transf_vector[1]      0.882902 
_atom_sites.fract_transf_vector[2]      0.384457 
_atom_sites.fract_transf_vector[3]      0.126737 
# 
loop_
_atom_type.symbol 
C 
N 
O 
S 
# 
loop_
_atom_site.group_PDB 
_atom_site.id 
_atom_site.type_symbol 
_atom_site.label_atom_id 
_atom_site.label_alt_id 
_atom_site.label_comp_id 
_atom_site.label_asym_id 
_atom_site.label_entity_id 
_atom_site.label_seq_id 
_atom_site.pdbx_PDB_ins_code 
_atom_site.Cartn_x 
_atom_site.Cartn_y 
_atom_site.Cartn_z 
_atom_site.occupancy 
_atom_site.B_iso_or_equiv 
_atom_site.pdbx_formal_charge 
_atom_site.auth_seq_id 
_atom_site.auth_comp_id 
_atom_site.auth_asym_id 
_atom_site.auth_atom_id 
_atom_site.pdbx_PDB_model_num 
ATOM   1    N N   . THR A 1 1   ? 9.903   -19.287 -3.064  1.00 33.11 ? 1    THR A N   1 
ATOM   2    C CA  . THR A 1 1   ? 8.437   -19.317 -3.342  1.00 30.88 ? 1    THR A CA  1 
ATOM   3    C C   . THR A 1 1   ? 7.695   -18.338 -2.441  1.00 29.32 ? 1    THR A C   1 
ATOM   4    O O   . THR A 1 1   ? 7.758   -18.441 -1.217  1.00 28.10 ? 1    THR A O   1 
ATOM   5    C CB  . THR A 1 1   ? 7.853   -20.727 -3.107  1.00 32.90 ? 1    THR A CB  1 
ATOM   6    O OG1 . THR A 1 1   ? 8.524   -21.668 -3.948  1.00 35.68 ? 1    THR A OG1 1 
ATOM   7    C CG2 . THR A 1 1   ? 6.361   -20.752 -3.416  1.00 32.63 ? 1    THR A CG2 1 
ATOM   8    N N   . VAL A 1 2   ? 7.004   -17.384 -3.053  1.00 27.17 ? 2    VAL A N   1 
ATOM   9    C CA  . VAL A 1 2   ? 6.229   -16.398 -2.307  1.00 26.26 ? 2    VAL A CA  1 
ATOM   10   C C   . VAL A 1 2   ? 4.820   -16.974 -2.142  1.00 28.27 ? 2    VAL A C   1 
ATOM   11   O O   . VAL A 1 2   ? 4.101   -17.163 -3.124  1.00 27.98 ? 2    VAL A O   1 
ATOM   12   C CB  . VAL A 1 2   ? 6.137   -15.063 -3.078  1.00 26.13 ? 2    VAL A CB  1 
ATOM   13   C CG1 . VAL A 1 2   ? 5.355   -14.042 -2.269  1.00 24.95 ? 2    VAL A CG1 1 
ATOM   14   C CG2 . VAL A 1 2   ? 7.539   -14.546 -3.393  1.00 24.99 ? 2    VAL A CG2 1 
ATOM   15   N N   . GLU A 1 3   ? 4.436   -17.265 -0.906  1.00 24.58 ? 3    GLU A N   1 
ATOM   16   C CA  . GLU A 1 3   ? 3.121   -17.831 -0.636  1.00 24.78 ? 3    GLU A CA  1 
ATOM   17   C C   . GLU A 1 3   ? 2.064   -16.776 -0.314  1.00 23.76 ? 3    GLU A C   1 
ATOM   18   O O   . GLU A 1 3   ? 0.883   -16.964 -0.588  1.00 22.70 ? 3    GLU A O   1 
ATOM   19   C CB  . GLU A 1 3   ? 3.235   -18.852 0.500   1.00 25.99 ? 3    GLU A CB  1 
ATOM   20   C CG  . GLU A 1 3   ? 3.614   -20.236 0.006   1.00 30.31 ? 3    GLU A CG  1 
ATOM   21   C CD  . GLU A 1 3   ? 4.643   -20.921 0.879   1.00 35.01 ? 3    GLU A CD  1 
ATOM   22   O OE1 . GLU A 1 3   ? 4.610   -22.171 0.963   1.00 35.28 ? 3    GLU A OE1 1 
ATOM   23   O OE2 . GLU A 1 3   ? 5.488   -20.212 1.465   1.00 34.78 ? 3    GLU A OE2 1 
ATOM   24   N N   . SER A 1 4   ? 2.497   -15.664 0.268   1.00 23.24 ? 4    SER A N   1 
ATOM   25   C CA  . SER A 1 4   ? 1.595   -14.574 0.613   1.00 22.91 ? 4    SER A CA  1 
ATOM   26   C C   . SER A 1 4   ? 2.386   -13.308 0.338   1.00 24.15 ? 4    SER A C   1 
ATOM   27   O O   . SER A 1 4   ? 3.443   -13.106 0.927   1.00 21.48 ? 4    SER A O   1 
ATOM   28   C CB  . SER A 1 4   ? 1.211   -14.641 2.097   1.00 22.72 ? 4    SER A CB  1 
ATOM   29   O OG  . SER A 1 4   ? 0.409   -13.531 2.467   1.00 20.25 ? 4    SER A OG  1 
ATOM   30   N N   . ASN A 1 5   ? 1.887   -12.455 -0.553  1.00 23.23 ? 5    ASN A N   1 
ATOM   31   C CA  . ASN A 1 5   ? 2.631   -11.249 -0.886  1.00 24.43 ? 5    ASN A CA  1 
ATOM   32   C C   . ASN A 1 5   ? 2.156   -9.974  -0.194  1.00 24.44 ? 5    ASN A C   1 
ATOM   33   O O   . ASN A 1 5   ? 2.757   -8.915  -0.379  1.00 22.60 ? 5    ASN A O   1 
ATOM   34   C CB  . ASN A 1 5   ? 2.641   -11.051 -2.405  1.00 28.00 ? 5    ASN A CB  1 
ATOM   35   C CG  . ASN A 1 5   ? 1.303   -10.594 -2.942  1.00 30.39 ? 5    ASN A CG  1 
ATOM   36   O OD1 . ASN A 1 5   ? 0.273   -11.222 -2.703  1.00 29.97 ? 5    ASN A OD1 1 
ATOM   37   N ND2 . ASN A 1 5   ? 1.315   -9.490  -3.678  1.00 34.73 ? 5    ASN A ND2 1 
ATOM   38   N N   . TRP A 1 6   ? 1.093   -10.078 0.603   1.00 23.18 ? 6    TRP A N   1 
ATOM   39   C CA  . TRP A 1 6   ? 0.550   -8.934  1.336   1.00 22.81 ? 6    TRP A CA  1 
ATOM   40   C C   . TRP A 1 6   ? 0.693   -9.083  2.850   1.00 22.77 ? 6    TRP A C   1 
ATOM   41   O O   . TRP A 1 6   ? 0.388   -10.137 3.417   1.00 23.99 ? 6    TRP A O   1 
ATOM   42   C CB  . TRP A 1 6   ? -0.945  -8.761  1.049   1.00 25.35 ? 6    TRP A CB  1 
ATOM   43   C CG  . TRP A 1 6   ? -1.319  -8.070  -0.221  1.00 26.52 ? 6    TRP A CG  1 
ATOM   44   C CD1 . TRP A 1 6   ? -0.574  -7.968  -1.364  1.00 27.63 ? 6    TRP A CD1 1 
ATOM   45   C CD2 . TRP A 1 6   ? -2.588  -7.470  -0.512  1.00 27.54 ? 6    TRP A CD2 1 
ATOM   46   N NE1 . TRP A 1 6   ? -1.310  -7.346  -2.353  1.00 26.60 ? 6    TRP A NE1 1 
ATOM   47   C CE2 . TRP A 1 6   ? -2.548  -7.032  -1.855  1.00 28.21 ? 6    TRP A CE2 1 
ATOM   48   C CE3 . TRP A 1 6   ? -3.758  -7.266  0.231   1.00 29.61 ? 6    TRP A CE3 1 
ATOM   49   C CZ2 . TRP A 1 6   ? -3.639  -6.400  -2.472  1.00 27.83 ? 6    TRP A CZ2 1 
ATOM   50   C CZ3 . TRP A 1 6   ? -4.847  -6.636  -0.385  1.00 29.13 ? 6    TRP A CZ3 1 
ATOM   51   C CH2 . TRP A 1 6   ? -4.772  -6.215  -1.722  1.00 29.20 ? 6    TRP A CH2 1 
ATOM   52   N N   . GLY A 1 7   ? 1.136   -8.014  3.493   1.00 20.57 ? 7    GLY A N   1 
ATOM   53   C CA  . GLY A 1 7   ? 1.268   -7.988  4.935   1.00 21.77 ? 7    GLY A CA  1 
ATOM   54   C C   . GLY A 1 7   ? 0.548   -6.731  5.402   1.00 25.61 ? 7    GLY A C   1 
ATOM   55   O O   . GLY A 1 7   ? 0.672   -5.669  4.775   1.00 24.50 ? 7    GLY A O   1 
ATOM   56   N N   . GLY A 1 8   ? -0.228  -6.825  6.476   1.00 23.86 ? 8    GLY A N   1 
ATOM   57   C CA  . GLY A 1 8   ? -0.920  -5.638  6.948   1.00 24.01 ? 8    GLY A CA  1 
ATOM   58   C C   . GLY A 1 8   ? -2.345  -5.863  7.420   1.00 26.62 ? 8    GLY A C   1 
ATOM   59   O O   . GLY A 1 8   ? -2.700  -6.974  7.826   1.00 24.87 ? 8    GLY A O   1 
ATOM   60   N N   . ALA A 1 9   ? -3.159  -4.808  7.359   1.00 25.21 ? 9    ALA A N   1 
ATOM   61   C CA  . ALA A 1 9   ? -4.549  -4.864  7.812   1.00 25.29 ? 9    ALA A CA  1 
ATOM   62   C C   . ALA A 1 9   ? -5.552  -4.608  6.696   1.00 27.09 ? 9    ALA A C   1 
ATOM   63   O O   . ALA A 1 9   ? -5.382  -3.694  5.878   1.00 25.34 ? 9    ALA A O   1 
ATOM   64   C CB  . ALA A 1 9   ? -4.762  -3.859  8.945   1.00 24.15 ? 9    ALA A CB  1 
ATOM   65   N N   . ILE A 1 10  ? -6.602  -5.422  6.675   1.00 27.38 ? 10   ILE A N   1 
ATOM   66   C CA  . ILE A 1 10  ? -7.647  -5.321  5.667   1.00 29.49 ? 10   ILE A CA  1 
ATOM   67   C C   . ILE A 1 10  ? -9.023  -5.275  6.324   1.00 31.92 ? 10   ILE A C   1 
ATOM   68   O O   . ILE A 1 10  ? -9.394  -6.185  7.069   1.00 29.09 ? 10   ILE A O   1 
ATOM   69   C CB  . ILE A 1 10  ? -7.634  -6.535  4.734   1.00 27.74 ? 10   ILE A CB  1 
ATOM   70   C CG1 . ILE A 1 10  ? -6.247  -6.714  4.122   1.00 27.81 ? 10   ILE A CG1 1 
ATOM   71   C CG2 . ILE A 1 10  ? -8.697  -6.371  3.657   1.00 30.14 ? 10   ILE A CG2 1 
ATOM   72   C CD1 . ILE A 1 10  ? -6.103  -8.000  3.339   1.00 28.40 ? 10   ILE A CD1 1 
ATOM   73   N N   . LEU A 1 11  ? -9.769  -4.213  6.042   1.00 32.25 ? 11   LEU A N   1 
ATOM   74   C CA  . LEU A 1 11  ? -11.115 -4.049  6.574   1.00 35.28 ? 11   LEU A CA  1 
ATOM   75   C C   . LEU A 1 11  ? -12.099 -4.392  5.468   1.00 37.24 ? 11   LEU A C   1 
ATOM   76   O O   . LEU A 1 11  ? -11.899 -4.026  4.306   1.00 35.91 ? 11   LEU A O   1 
ATOM   77   C CB  . LEU A 1 11  ? -11.350 -2.605  7.025   1.00 35.77 ? 11   LEU A CB  1 
ATOM   78   C CG  . LEU A 1 11  ? -10.707 -2.121  8.323   1.00 37.50 ? 11   LEU A CG  1 
ATOM   79   C CD1 . LEU A 1 11  ? -10.835 -0.607  8.426   1.00 39.21 ? 11   LEU A CD1 1 
ATOM   80   C CD2 . LEU A 1 11  ? -11.387 -2.794  9.511   1.00 38.87 ? 11   LEU A CD2 1 
ATOM   81   N N   . ILE A 1 12  ? -13.155 -5.112  5.824   1.00 38.43 ? 12   ILE A N   1 
ATOM   82   C CA  . ILE A 1 12  ? -14.170 -5.479  4.852   1.00 40.40 ? 12   ILE A CA  1 
ATOM   83   C C   . ILE A 1 12  ? -15.469 -4.774  5.208   1.00 41.01 ? 12   ILE A C   1 
ATOM   84   O O   . ILE A 1 12  ? -15.829 -4.668  6.379   1.00 40.37 ? 12   ILE A O   1 
ATOM   85   C CB  . ILE A 1 12  ? -14.386 -7.002  4.817   1.00 42.24 ? 12   ILE A CB  1 
ATOM   86   C CG1 . ILE A 1 12  ? -13.122 -7.678  4.278   1.00 42.63 ? 12   ILE A CG1 1 
ATOM   87   C CG2 . ILE A 1 12  ? -15.588 -7.342  3.948   1.00 42.41 ? 12   ILE A CG2 1 
ATOM   88   C CD1 . ILE A 1 12  ? -13.249 -9.170  4.088   1.00 43.99 ? 12   ILE A CD1 1 
ATOM   89   N N   . GLY A 1 13  ? -16.158 -4.266  4.194   1.00 41.16 ? 13   GLY A N   1 
ATOM   90   C CA  . GLY A 1 13  ? -17.400 -3.567  4.450   1.00 41.44 ? 13   GLY A CA  1 
ATOM   91   C C   . GLY A 1 13  ? -18.031 -3.039  3.184   1.00 40.42 ? 13   GLY A C   1 
ATOM   92   O O   . GLY A 1 13  ? -17.963 -3.676  2.135   1.00 41.05 ? 13   GLY A O   1 
ATOM   93   N N   . SER A 1 14  ? -18.642 -1.863  3.276   1.00 41.56 ? 14   SER A N   1 
ATOM   94   C CA  . SER A 1 14  ? -19.291 -1.273  2.115   1.00 42.01 ? 14   SER A CA  1 
ATOM   95   C C   . SER A 1 14  ? -19.232 0.248   2.121   1.00 41.74 ? 14   SER A C   1 
ATOM   96   O O   . SER A 1 14  ? -19.083 0.876   3.169   1.00 40.54 ? 14   SER A O   1 
ATOM   97   C CB  . SER A 1 14  ? -20.747 -1.737  2.048   1.00 42.76 ? 14   SER A CB  1 
ATOM   98   O OG  . SER A 1 14  ? -21.415 -1.444  3.262   1.00 44.22 ? 14   SER A OG  1 
ATOM   99   N N   . ASP A 1 15  ? -19.358 0.827   0.932   1.00 43.56 ? 15   ASP A N   1 
ATOM   100  C CA  . ASP A 1 15  ? -19.328 2.274   0.749   1.00 44.61 ? 15   ASP A CA  1 
ATOM   101  C C   . ASP A 1 15  ? -18.133 2.953   1.402   1.00 43.38 ? 15   ASP A C   1 
ATOM   102  O O   . ASP A 1 15  ? -18.272 4.014   2.014   1.00 42.95 ? 15   ASP A O   1 
ATOM   103  C CB  . ASP A 1 15  ? -20.617 2.907   1.278   1.00 47.90 ? 15   ASP A CB  1 
ATOM   104  C CG  . ASP A 1 15  ? -21.861 2.328   0.630   1.00 51.42 ? 15   ASP A CG  1 
ATOM   105  O OD1 . ASP A 1 15  ? -21.852 2.112   -0.602  1.00 52.59 ? 15   ASP A OD1 1 
ATOM   106  O OD2 . ASP A 1 15  ? -22.852 2.097   1.356   1.00 54.26 ? 15   ASP A OD2 1 
ATOM   107  N N   . PHE A 1 16  ? -16.957 2.346   1.283   1.00 42.52 ? 16   PHE A N   1 
ATOM   108  C CA  . PHE A 1 16  ? -15.759 2.951   1.851   1.00 41.75 ? 16   PHE A CA  1 
ATOM   109  C C   . PHE A 1 16  ? -15.485 4.246   1.091   1.00 41.71 ? 16   PHE A C   1 
ATOM   110  O O   . PHE A 1 16  ? -15.532 4.270   -0.138  1.00 40.80 ? 16   PHE A O   1 
ATOM   111  C CB  . PHE A 1 16  ? -14.569 1.992   1.732   1.00 40.32 ? 16   PHE A CB  1 
ATOM   112  C CG  . PHE A 1 16  ? -14.543 0.930   2.795   1.00 37.20 ? 16   PHE A CG  1 
ATOM   113  C CD1 . PHE A 1 16  ? -14.381 -0.406  2.459   1.00 37.21 ? 16   PHE A CD1 1 
ATOM   114  C CD2 . PHE A 1 16  ? -14.678 1.272   4.136   1.00 38.48 ? 16   PHE A CD2 1 
ATOM   115  C CE1 . PHE A 1 16  ? -14.353 -1.391  3.446   1.00 37.10 ? 16   PHE A CE1 1 
ATOM   116  C CE2 . PHE A 1 16  ? -14.651 0.295   5.130   1.00 37.69 ? 16   PHE A CE2 1 
ATOM   117  C CZ  . PHE A 1 16  ? -14.489 -1.036  4.781   1.00 35.95 ? 16   PHE A CZ  1 
ATOM   118  N N   . ASP A 1 17  ? -15.214 5.321   1.823   1.00 42.32 ? 17   ASP A N   1 
ATOM   119  C CA  . ASP A 1 17  ? -14.954 6.607   1.190   1.00 44.31 ? 17   ASP A CA  1 
ATOM   120  C C   . ASP A 1 17  ? -13.481 6.959   1.116   1.00 43.01 ? 17   ASP A C   1 
ATOM   121  O O   . ASP A 1 17  ? -12.890 6.965   0.039   1.00 43.84 ? 17   ASP A O   1 
ATOM   122  C CB  . ASP A 1 17  ? -15.697 7.726   1.922   1.00 47.15 ? 17   ASP A CB  1 
ATOM   123  C CG  . ASP A 1 17  ? -17.195 7.618   1.775   1.00 49.29 ? 17   ASP A CG  1 
ATOM   124  O OD1 . ASP A 1 17  ? -17.661 7.422   0.634   1.00 51.75 ? 17   ASP A OD1 1 
ATOM   125  O OD2 . ASP A 1 17  ? -17.906 7.733   2.795   1.00 53.65 ? 17   ASP A OD2 1 
ATOM   126  N N   . THR A 1 18  ? -12.892 7.259   2.267   1.00 41.71 ? 18   THR A N   1 
ATOM   127  C CA  . THR A 1 18  ? -11.489 7.626   2.313   1.00 40.66 ? 18   THR A CA  1 
ATOM   128  C C   . THR A 1 18  ? -10.665 6.693   3.194   1.00 38.83 ? 18   THR A C   1 
ATOM   129  O O   . THR A 1 18  ? -11.125 6.226   4.236   1.00 39.35 ? 18   THR A O   1 
ATOM   130  C CB  . THR A 1 18  ? -11.318 9.070   2.831   1.00 42.01 ? 18   THR A CB  1 
ATOM   131  O OG1 . THR A 1 18  ? -12.077 9.964   2.008   1.00 42.93 ? 18   THR A OG1 1 
ATOM   132  C CG2 . THR A 1 18  ? -9.851  9.486   2.780   1.00 43.08 ? 18   THR A CG2 1 
ATOM   133  N N   . VAL A 1 19  ? -9.442  6.423   2.755   1.00 35.58 ? 19   VAL A N   1 
ATOM   134  C CA  . VAL A 1 19  ? -8.511  5.575   3.491   1.00 33.40 ? 19   VAL A CA  1 
ATOM   135  C C   . VAL A 1 19  ? -7.197  6.337   3.474   1.00 33.57 ? 19   VAL A C   1 
ATOM   136  O O   . VAL A 1 19  ? -6.671  6.635   2.400   1.00 33.63 ? 19   VAL A O   1 
ATOM   137  C CB  . VAL A 1 19  ? -8.307  4.214   2.795   1.00 32.71 ? 19   VAL A CB  1 
ATOM   138  C CG1 . VAL A 1 19  ? -7.318  3.359   3.590   1.00 31.50 ? 19   VAL A CG1 1 
ATOM   139  C CG2 . VAL A 1 19  ? -9.634  3.503   2.654   1.00 30.10 ? 19   VAL A CG2 1 
ATOM   140  N N   . SER A 1 20  ? -6.673  6.671   4.648   1.00 32.35 ? 20   SER A N   1 
ATOM   141  C CA  . SER A 1 20  ? -5.422  7.410   4.710   1.00 32.60 ? 20   SER A CA  1 
ATOM   142  C C   . SER A 1 20  ? -4.618  7.107   5.969   1.00 31.89 ? 20   SER A C   1 
ATOM   143  O O   . SER A 1 20  ? -5.154  6.637   6.973   1.00 30.39 ? 20   SER A O   1 
ATOM   144  C CB  . SER A 1 20  ? -5.700  8.915   4.648   1.00 32.92 ? 20   SER A CB  1 
ATOM   145  O OG  . SER A 1 20  ? -6.250  9.362   5.871   1.00 35.45 ? 20   SER A OG  1 
ATOM   146  N N   . ALA A 1 21  ? -3.325  7.400   5.908   1.00 30.73 ? 21   ALA A N   1 
ATOM   147  C CA  . ALA A 1 21  ? -2.428  7.177   7.027   1.00 30.91 ? 21   ALA A CA  1 
ATOM   148  C C   . ALA A 1 21  ? -1.086  7.803   6.701   1.00 30.78 ? 21   ALA A C   1 
ATOM   149  O O   . ALA A 1 21  ? -0.813  8.145   5.548   1.00 30.87 ? 21   ALA A O   1 
ATOM   150  C CB  . ALA A 1 21  ? -2.252  5.665   7.277   1.00 30.30 ? 21   ALA A CB  1 
ATOM   151  N N   . THR A 1 22  ? -0.261  7.965   7.727   1.00 30.26 ? 22   THR A N   1 
ATOM   152  C CA  . THR A 1 22  ? 1.073   8.509   7.561   1.00 31.87 ? 22   THR A CA  1 
ATOM   153  C C   . THR A 1 22  ? 2.045   7.359   7.820   1.00 30.63 ? 22   THR A C   1 
ATOM   154  O O   . THR A 1 22  ? 1.909   6.639   8.809   1.00 31.51 ? 22   THR A O   1 
ATOM   155  C CB  . THR A 1 22  ? 1.334   9.647   8.564   1.00 33.67 ? 22   THR A CB  1 
ATOM   156  O OG1 . THR A 1 22  ? 0.490   10.762  8.243   1.00 35.71 ? 22   THR A OG1 1 
ATOM   157  C CG2 . THR A 1 22  ? 2.788   10.083  8.515   1.00 34.85 ? 22   THR A CG2 1 
ATOM   158  N N   . ALA A 1 23  ? 3.007   7.169   6.926   1.00 28.22 ? 23   ALA A N   1 
ATOM   159  C CA  . ALA A 1 23  ? 3.974   6.090   7.087   1.00 27.27 ? 23   ALA A CA  1 
ATOM   160  C C   . ALA A 1 23  ? 5.401   6.591   6.953   1.00 28.34 ? 23   ALA A C   1 
ATOM   161  O O   . ALA A 1 23  ? 5.693   7.456   6.120   1.00 29.58 ? 23   ALA A O   1 
ATOM   162  C CB  . ALA A 1 23  ? 3.714   4.998   6.060   1.00 25.69 ? 23   ALA A CB  1 
ATOM   163  N N   . ASN A 1 24  ? 6.290   6.043   7.776   1.00 26.45 ? 24   ASN A N   1 
ATOM   164  C CA  . ASN A 1 24  ? 7.695   6.428   7.739   1.00 26.02 ? 24   ASN A CA  1 
ATOM   165  C C   . ASN A 1 24  ? 8.413   5.631   6.666   1.00 25.70 ? 24   ASN A C   1 
ATOM   166  O O   . ASN A 1 24  ? 8.045   4.487   6.371   1.00 25.55 ? 24   ASN A O   1 
ATOM   167  C CB  . ASN A 1 24  ? 8.361   6.185   9.104   1.00 26.67 ? 24   ASN A CB  1 
ATOM   168  C CG  . ASN A 1 24  ? 8.203   4.746   9.593   1.00 27.28 ? 24   ASN A CG  1 
ATOM   169  O OD1 . ASN A 1 24  ? 7.100   4.313   9.922   1.00 24.12 ? 24   ASN A OD1 1 
ATOM   170  N ND2 . ASN A 1 24  ? 9.313   3.999   9.635   1.00 26.48 ? 24   ASN A ND2 1 
ATOM   171  N N   . VAL A 1 25  ? 9.432   6.246   6.074   1.00 25.29 ? 25   VAL A N   1 
ATOM   172  C CA  . VAL A 1 25  ? 10.226  5.604   5.038   1.00 24.98 ? 25   VAL A CA  1 
ATOM   173  C C   . VAL A 1 25  ? 11.389  4.898   5.736   1.00 26.21 ? 25   VAL A C   1 
ATOM   174  O O   . VAL A 1 25  ? 12.188  5.524   6.439   1.00 24.53 ? 25   VAL A O   1 
ATOM   175  C CB  . VAL A 1 25  ? 10.775  6.644   4.030   1.00 24.85 ? 25   VAL A CB  1 
ATOM   176  C CG1 . VAL A 1 25  ? 11.569  5.950   2.944   1.00 24.58 ? 25   VAL A CG1 1 
ATOM   177  C CG2 . VAL A 1 25  ? 9.621   7.422   3.406   1.00 27.01 ? 25   VAL A CG2 1 
ATOM   178  N N   . PRO A 1 26  ? 11.498  3.575   5.550   1.00 26.84 ? 26   PRO A N   1 
ATOM   179  C CA  . PRO A 1 26  ? 12.577  2.821   6.188   1.00 26.56 ? 26   PRO A CA  1 
ATOM   180  C C   . PRO A 1 26  ? 13.838  2.744   5.352   1.00 26.97 ? 26   PRO A C   1 
ATOM   181  O O   . PRO A 1 26  ? 13.867  3.144   4.190   1.00 27.64 ? 26   PRO A O   1 
ATOM   182  C CB  . PRO A 1 26  ? 11.966  1.440   6.339   1.00 24.66 ? 26   PRO A CB  1 
ATOM   183  C CG  . PRO A 1 26  ? 11.265  1.296   5.002   1.00 25.70 ? 26   PRO A CG  1 
ATOM   184  C CD  . PRO A 1 26  ? 10.579  2.665   4.836   1.00 25.81 ? 26   PRO A CD  1 
ATOM   185  N N   . SER A 1 27  ? 14.882  2.211   5.969   1.00 27.07 ? 27   SER A N   1 
ATOM   186  C CA  . SER A 1 27  ? 16.140  1.981   5.291   1.00 28.99 ? 27   SER A CA  1 
ATOM   187  C C   . SER A 1 27  ? 15.933  0.564   4.751   1.00 29.18 ? 27   SER A C   1 
ATOM   188  O O   . SER A 1 27  ? 15.253  -0.245  5.386   1.00 27.60 ? 27   SER A O   1 
ATOM   189  C CB  . SER A 1 27  ? 17.287  2.004   6.305   1.00 31.92 ? 27   SER A CB  1 
ATOM   190  O OG  . SER A 1 27  ? 18.508  1.629   5.697   1.00 40.64 ? 27   SER A OG  1 
ATOM   191  N N   . ALA A 1 28  ? 16.495  0.254   3.588   1.00 27.96 ? 28   ALA A N   1 
ATOM   192  C CA  . ALA A 1 28  ? 16.318  -1.072  3.023   1.00 27.55 ? 28   ALA A CA  1 
ATOM   193  C C   . ALA A 1 28  ? 17.649  -1.666  2.604   1.00 30.23 ? 28   ALA A C   1 
ATOM   194  O O   . ALA A 1 28  ? 18.605  -0.937  2.328   1.00 29.58 ? 28   ALA A O   1 
ATOM   195  C CB  . ALA A 1 28  ? 15.382  -1.006  1.827   1.00 27.58 ? 28   ALA A CB  1 
ATOM   196  N N   . SER A 1 29  ? 17.708  -2.992  2.553   1.00 28.97 ? 29   SER A N   1 
ATOM   197  C CA  . SER A 1 29  ? 18.928  -3.675  2.155   1.00 32.79 ? 29   SER A CA  1 
ATOM   198  C C   . SER A 1 29  ? 18.596  -4.987  1.460   1.00 33.79 ? 29   SER A C   1 
ATOM   199  O O   . SER A 1 29  ? 17.429  -5.365  1.364   1.00 32.11 ? 29   SER A O   1 
ATOM   200  C CB  . SER A 1 29  ? 19.809  -3.940  3.376   1.00 33.73 ? 29   SER A CB  1 
ATOM   201  O OG  . SER A 1 29  ? 21.118  -4.308  2.970   1.00 39.80 ? 29   SER A OG  1 
ATOM   202  N N   . GLY A 1 30  ? 19.625  -5.672  0.970   1.00 35.62 ? 30   GLY A N   1 
ATOM   203  C CA  . GLY A 1 30  ? 19.418  -6.937  0.289   1.00 37.51 ? 30   GLY A CA  1 
ATOM   204  C C   . GLY A 1 30  ? 19.849  -6.903  -1.167  1.00 38.66 ? 30   GLY A C   1 
ATOM   205  O O   . GLY A 1 30  ? 19.790  -7.913  -1.860  1.00 41.72 ? 30   GLY A O   1 
ATOM   206  N N   . GLY A 1 31  ? 20.281  -5.740  -1.639  1.00 40.64 ? 31   GLY A N   1 
ATOM   207  C CA  . GLY A 1 31  ? 20.710  -5.630  -3.021  1.00 41.30 ? 31   GLY A CA  1 
ATOM   208  C C   . GLY A 1 31  ? 19.837  -4.709  -3.848  1.00 41.65 ? 31   GLY A C   1 
ATOM   209  O O   . GLY A 1 31  ? 18.693  -4.420  -3.484  1.00 40.65 ? 31   GLY A O   1 
ATOM   210  N N   . SER A 1 32  ? 20.380  -4.252  -4.973  1.00 40.29 ? 32   SER A N   1 
ATOM   211  C CA  . SER A 1 32  ? 19.665  -3.352  -5.867  1.00 40.09 ? 32   SER A CA  1 
ATOM   212  C C   . SER A 1 32  ? 18.350  -3.927  -6.382  1.00 39.18 ? 32   SER A C   1 
ATOM   213  O O   . SER A 1 32  ? 17.404  -3.182  -6.639  1.00 40.21 ? 32   SER A O   1 
ATOM   214  C CB  . SER A 1 32  ? 20.562  -2.976  -7.053  1.00 42.44 ? 32   SER A CB  1 
ATOM   215  O OG  . SER A 1 32  ? 21.147  -4.129  -7.636  1.00 44.80 ? 32   SER A OG  1 
ATOM   216  N N   . SER A 1 33  ? 18.284  -5.245  -6.532  1.00 37.10 ? 33   SER A N   1 
ATOM   217  C CA  . SER A 1 33  ? 17.069  -5.885  -7.023  1.00 37.20 ? 33   SER A CA  1 
ATOM   218  C C   . SER A 1 33  ? 16.001  -6.111  -5.954  1.00 35.26 ? 33   SER A C   1 
ATOM   219  O O   . SER A 1 33  ? 14.823  -6.262  -6.281  1.00 35.24 ? 33   SER A O   1 
ATOM   220  C CB  . SER A 1 33  ? 17.401  -7.227  -7.682  1.00 38.64 ? 33   SER A CB  1 
ATOM   221  O OG  . SER A 1 33  ? 18.008  -7.031  -8.946  1.00 43.65 ? 33   SER A OG  1 
ATOM   222  N N   . ALA A 1 34  ? 16.404  -6.137  -4.685  1.00 31.13 ? 34   ALA A N   1 
ATOM   223  C CA  . ALA A 1 34  ? 15.451  -6.365  -3.600  1.00 27.86 ? 34   ALA A CA  1 
ATOM   224  C C   . ALA A 1 34  ? 14.612  -5.117  -3.349  1.00 26.78 ? 34   ALA A C   1 
ATOM   225  O O   . ALA A 1 34  ? 15.102  -3.992  -3.455  1.00 26.98 ? 34   ALA A O   1 
ATOM   226  C CB  . ALA A 1 34  ? 16.188  -6.778  -2.326  1.00 26.00 ? 34   ALA A CB  1 
ATOM   227  N N   . ALA A 1 35  ? 13.344  -5.314  -3.000  1.00 24.28 ? 35   ALA A N   1 
ATOM   228  C CA  . ALA A 1 35  ? 12.466  -4.179  -2.772  1.00 23.49 ? 35   ALA A CA  1 
ATOM   229  C C   . ALA A 1 35  ? 11.258  -4.505  -1.902  1.00 22.86 ? 35   ALA A C   1 
ATOM   230  O O   . ALA A 1 35  ? 11.043  -5.649  -1.494  1.00 24.19 ? 35   ALA A O   1 
ATOM   231  C CB  . ALA A 1 35  ? 11.993  -3.623  -4.126  1.00 22.62 ? 35   ALA A CB  1 
ATOM   232  N N   . GLY A 1 36  ? 10.477  -3.467  -1.633  1.00 23.52 ? 36   GLY A N   1 
ATOM   233  C CA  . GLY A 1 36  ? 9.271   -3.598  -0.839  1.00 25.00 ? 36   GLY A CA  1 
ATOM   234  C C   . GLY A 1 36  ? 8.431   -2.353  -1.058  1.00 24.73 ? 36   GLY A C   1 
ATOM   235  O O   . GLY A 1 36  ? 8.920   -1.352  -1.588  1.00 24.72 ? 36   GLY A O   1 
ATOM   236  N N   . THR A 1 37  ? 7.166   -2.404  -0.666  1.00 24.81 ? 37   THR A N   1 
ATOM   237  C CA  . THR A 1 37  ? 6.290   -1.256  -0.832  1.00 23.25 ? 37   THR A CA  1 
ATOM   238  C C   . THR A 1 37  ? 5.302   -1.155  0.321   1.00 24.34 ? 37   THR A C   1 
ATOM   239  O O   . THR A 1 37  ? 4.939   -2.164  0.943   1.00 23.28 ? 37   THR A O   1 
ATOM   240  C CB  . THR A 1 37  ? 5.501   -1.341  -2.171  1.00 24.87 ? 37   THR A CB  1 
ATOM   241  O OG1 . THR A 1 37  ? 4.702   -0.159  -2.334  1.00 24.37 ? 37   THR A OG1 1 
ATOM   242  C CG2 . THR A 1 37  ? 4.588   -2.583  -2.189  1.00 21.53 ? 37   THR A CG2 1 
ATOM   243  N N   . ALA A 1 38  ? 4.904   0.075   0.622   1.00 22.27 ? 38   ALA A N   1 
ATOM   244  C CA  . ALA A 1 38  ? 3.916   0.354   1.654   1.00 24.38 ? 38   ALA A CA  1 
ATOM   245  C C   . ALA A 1 38  ? 2.880   1.225   0.952   1.00 24.89 ? 38   ALA A C   1 
ATOM   246  O O   . ALA A 1 38  ? 3.232   2.202   0.280   1.00 23.12 ? 38   ALA A O   1 
ATOM   247  C CB  . ALA A 1 38  ? 4.543   1.114   2.820   1.00 21.33 ? 38   ALA A CB  1 
ATOM   248  N N   . TRP A 1 39  ? 1.609   0.865   1.082   1.00 23.30 ? 39   TRP A N   1 
ATOM   249  C CA  . TRP A 1 39  ? 0.556   1.640   0.445   1.00 23.47 ? 39   TRP A CA  1 
ATOM   250  C C   . TRP A 1 39  ? -0.775  1.509   1.161   1.00 25.91 ? 39   TRP A C   1 
ATOM   251  O O   . TRP A 1 39  ? -0.969  0.602   1.981   1.00 23.74 ? 39   TRP A O   1 
ATOM   252  C CB  . TRP A 1 39  ? 0.388   1.215   -1.025  1.00 21.14 ? 39   TRP A CB  1 
ATOM   253  C CG  . TRP A 1 39  ? 0.194   -0.267  -1.270  1.00 23.09 ? 39   TRP A CG  1 
ATOM   254  C CD1 . TRP A 1 39  ? 1.172   -1.198  -1.509  1.00 22.66 ? 39   TRP A CD1 1 
ATOM   255  C CD2 . TRP A 1 39  ? -1.054  -0.977  -1.327  1.00 24.70 ? 39   TRP A CD2 1 
ATOM   256  N NE1 . TRP A 1 39  ? 0.608   -2.437  -1.714  1.00 22.56 ? 39   TRP A NE1 1 
ATOM   257  C CE2 . TRP A 1 39  ? -0.754  -2.328  -1.609  1.00 23.94 ? 39   TRP A CE2 1 
ATOM   258  C CE3 . TRP A 1 39  ? -2.397  -0.600  -1.168  1.00 24.31 ? 39   TRP A CE3 1 
ATOM   259  C CZ2 . TRP A 1 39  ? -1.747  -3.307  -1.735  1.00 26.24 ? 39   TRP A CZ2 1 
ATOM   260  C CZ3 . TRP A 1 39  ? -3.384  -1.574  -1.293  1.00 26.89 ? 39   TRP A CZ3 1 
ATOM   261  C CH2 . TRP A 1 39  ? -3.051  -2.914  -1.574  1.00 24.68 ? 39   TRP A CH2 1 
ATOM   262  N N   . VAL A 1 40  ? -1.681  2.439   0.865   1.00 25.45 ? 40   VAL A N   1 
ATOM   263  C CA  . VAL A 1 40  ? -3.029  2.412   1.424   1.00 25.97 ? 40   VAL A CA  1 
ATOM   264  C C   . VAL A 1 40  ? -3.916  2.257   0.198   1.00 27.85 ? 40   VAL A C   1 
ATOM   265  O O   . VAL A 1 40  ? -3.553  2.698   -0.896  1.00 26.31 ? 40   VAL A O   1 
ATOM   266  C CB  . VAL A 1 40  ? -3.384  3.718   2.170   1.00 27.48 ? 40   VAL A CB  1 
ATOM   267  C CG1 . VAL A 1 40  ? -2.386  3.963   3.285   1.00 26.11 ? 40   VAL A CG1 1 
ATOM   268  C CG2 . VAL A 1 40  ? -3.413  4.899   1.197   1.00 28.68 ? 40   VAL A CG2 1 
ATOM   269  N N   . GLY A 1 41  ? -5.067  1.618   0.352   1.00 27.03 ? 41   GLY A N   1 
ATOM   270  C CA  . GLY A 1 41  ? -5.911  1.436   -0.807  1.00 28.08 ? 41   GLY A CA  1 
ATOM   271  C C   . GLY A 1 41  ? -7.326  1.002   -0.511  1.00 30.00 ? 41   GLY A C   1 
ATOM   272  O O   . GLY A 1 41  ? -7.697  0.735   0.639   1.00 28.74 ? 41   GLY A O   1 
ATOM   273  N N   . ILE A 1 42  ? -8.120  0.951   -1.572  1.00 30.22 ? 42   ILE A N   1 
ATOM   274  C CA  . ILE A 1 42  ? -9.506  0.534   -1.479  1.00 31.14 ? 42   ILE A CA  1 
ATOM   275  C C   . ILE A 1 42  ? -9.687  -0.607  -2.465  1.00 32.17 ? 42   ILE A C   1 
ATOM   276  O O   . ILE A 1 42  ? -9.234  -0.528  -3.615  1.00 32.04 ? 42   ILE A O   1 
ATOM   277  C CB  . ILE A 1 42  ? -10.466 1.701   -1.823  1.00 30.75 ? 42   ILE A CB  1 
ATOM   278  C CG1 . ILE A 1 42  ? -10.432 2.733   -0.697  1.00 30.92 ? 42   ILE A CG1 1 
ATOM   279  C CG2 . ILE A 1 42  ? -11.880 1.174   -2.042  1.00 30.95 ? 42   ILE A CG2 1 
ATOM   280  C CD1 . ILE A 1 42  ? -11.302 3.960   -0.931  1.00 32.76 ? 42   ILE A CD1 1 
ATOM   281  N N   . ASP A 1 43  ? -10.325 -1.675  -1.990  1.00 32.04 ? 43   ASP A N   1 
ATOM   282  C CA  . ASP A 1 43  ? -10.594 -2.864  -2.786  1.00 33.23 ? 43   ASP A CA  1 
ATOM   283  C C   . ASP A 1 43  ? -9.346  -3.674  -3.122  1.00 34.32 ? 43   ASP A C   1 
ATOM   284  O O   . ASP A 1 43  ? -8.246  -3.360  -2.659  1.00 33.37 ? 43   ASP A O   1 
ATOM   285  C CB  . ASP A 1 43  ? -11.351 -2.477  -4.057  1.00 35.43 ? 43   ASP A CB  1 
ATOM   286  C CG  . ASP A 1 43  ? -12.756 -1.984  -3.758  1.00 39.69 ? 43   ASP A CG  1 
ATOM   287  O OD1 . ASP A 1 43  ? -13.363 -1.333  -4.634  1.00 39.40 ? 43   ASP A OD1 1 
ATOM   288  O OD2 . ASP A 1 43  ? -13.255 -2.254  -2.642  1.00 38.69 ? 43   ASP A OD2 1 
ATOM   289  N N   . GLY A 1 44  ? -9.528  -4.726  -3.914  1.00 34.06 ? 44   GLY A N   1 
ATOM   290  C CA  . GLY A 1 44  ? -8.410  -5.575  -4.285  1.00 36.91 ? 44   GLY A CA  1 
ATOM   291  C C   . GLY A 1 44  ? -8.411  -6.922  -3.576  1.00 37.32 ? 44   GLY A C   1 
ATOM   292  O O   . GLY A 1 44  ? -7.739  -7.853  -4.018  1.00 38.32 ? 44   GLY A O   1 
ATOM   293  N N   . ASP A 1 45  ? -9.153  -7.033  -2.476  1.00 37.64 ? 45   ASP A N   1 
ATOM   294  C CA  . ASP A 1 45  ? -9.226  -8.288  -1.725  1.00 38.62 ? 45   ASP A CA  1 
ATOM   295  C C   . ASP A 1 45  ? -10.414 -9.133  -2.199  1.00 38.74 ? 45   ASP A C   1 
ATOM   296  O O   . ASP A 1 45  ? -10.253 -9.997  -3.062  1.00 39.32 ? 45   ASP A O   1 
ATOM   297  C CB  . ASP A 1 45  ? -9.353  -8.012  -0.226  1.00 38.39 ? 45   ASP A CB  1 
ATOM   298  C CG  . ASP A 1 45  ? -9.251  -9.276  0.607   1.00 39.24 ? 45   ASP A CG  1 
ATOM   299  O OD1 . ASP A 1 45  ? -9.580  -9.231  1.806   1.00 39.48 ? 45   ASP A OD1 1 
ATOM   300  O OD2 . ASP A 1 45  ? -8.837  -10.316 0.058   1.00 39.80 ? 45   ASP A OD2 1 
ATOM   301  N N   . THR A 1 46  ? -11.596 -8.890  -1.633  1.00 39.74 ? 46   THR A N   1 
ATOM   302  C CA  . THR A 1 46  ? -12.798 -9.624  -2.036  1.00 40.83 ? 46   THR A CA  1 
ATOM   303  C C   . THR A 1 46  ? -13.361 -8.988  -3.306  1.00 42.49 ? 46   THR A C   1 
ATOM   304  O O   . THR A 1 46  ? -14.103 -9.617  -4.063  1.00 42.16 ? 46   THR A O   1 
ATOM   305  C CB  . THR A 1 46  ? -13.879 -9.592  -0.947  1.00 40.54 ? 46   THR A CB  1 
ATOM   306  O OG1 . THR A 1 46  ? -14.194 -8.233  -0.618  1.00 40.73 ? 46   THR A OG1 1 
ATOM   307  C CG2 . THR A 1 46  ? -13.395 -10.318 0.301   1.00 40.36 ? 46   THR A CG2 1 
ATOM   308  N N   . CYS A 1 47  ? -13.007 -7.724  -3.522  1.00 42.75 ? 47   CYS A N   1 
ATOM   309  C CA  . CYS A 1 47  ? -13.421 -6.981  -4.710  1.00 43.73 ? 47   CYS A CA  1 
ATOM   310  C C   . CYS A 1 47  ? -12.206 -7.011  -5.621  1.00 44.94 ? 47   CYS A C   1 
ATOM   311  O O   . CYS A 1 47  ? -11.295 -6.198  -5.474  1.00 47.04 ? 47   CYS A O   1 
ATOM   312  C CB  . CYS A 1 47  ? -13.747 -5.543  -4.334  1.00 43.00 ? 47   CYS A CB  1 
ATOM   313  S SG  . CYS A 1 47  ? -14.069 -4.415  -5.725  1.00 42.06 ? 47   CYS A SG  1 
ATOM   314  N N   . GLN A 1 48  ? -12.190 -7.947  -6.560  1.00 45.79 ? 48   GLN A N   1 
ATOM   315  C CA  . GLN A 1 48  ? -11.049 -8.102  -7.451  1.00 48.14 ? 48   GLN A CA  1 
ATOM   316  C C   . GLN A 1 48  ? -11.212 -7.481  -8.835  1.00 47.83 ? 48   GLN A C   1 
ATOM   317  O O   . GLN A 1 48  ? -10.454 -7.797  -9.752  1.00 47.99 ? 48   GLN A O   1 
ATOM   318  C CB  . GLN A 1 48  ? -10.729 -9.589  -7.584  1.00 50.29 ? 48   GLN A CB  1 
ATOM   319  C CG  . GLN A 1 48  ? -10.983 -10.360 -6.293  1.00 53.77 ? 48   GLN A CG  1 
ATOM   320  C CD  . GLN A 1 48  ? -10.567 -11.813 -6.376  1.00 56.17 ? 48   GLN A CD  1 
ATOM   321  O OE1 . GLN A 1 48  ? -10.799 -12.482 -7.386  1.00 56.76 ? 48   GLN A OE1 1 
ATOM   322  N NE2 . GLN A 1 48  ? -9.960  -12.314 -5.306  1.00 56.14 ? 48   GLN A NE2 1 
ATOM   323  N N   . THR A 1 49  ? -12.190 -6.595  -8.984  1.00 47.01 ? 49   THR A N   1 
ATOM   324  C CA  . THR A 1 49  ? -12.435 -5.942  -10.265 1.00 45.78 ? 49   THR A CA  1 
ATOM   325  C C   . THR A 1 49  ? -11.574 -4.690  -10.437 1.00 46.04 ? 49   THR A C   1 
ATOM   326  O O   . THR A 1 49  ? -11.258 -4.290  -11.559 1.00 46.79 ? 49   THR A O   1 
ATOM   327  C CB  . THR A 1 49  ? -13.911 -5.542  -10.408 1.00 45.38 ? 49   THR A CB  1 
ATOM   328  O OG1 . THR A 1 49  ? -14.300 -4.747  -9.283  1.00 45.21 ? 49   THR A OG1 1 
ATOM   329  C CG2 . THR A 1 49  ? -14.793 -6.775  -10.484 1.00 46.45 ? 49   THR A CG2 1 
ATOM   330  N N   . ALA A 1 50  ? -11.199 -4.070  -9.324  1.00 44.24 ? 50   ALA A N   1 
ATOM   331  C CA  . ALA A 1 50  ? -10.378 -2.868  -9.372  1.00 43.09 ? 50   ALA A CA  1 
ATOM   332  C C   . ALA A 1 50  ? -9.704  -2.612  -8.034  1.00 42.08 ? 50   ALA A C   1 
ATOM   333  O O   . ALA A 1 50  ? -10.038 -3.235  -7.025  1.00 41.16 ? 50   ALA A O   1 
ATOM   334  C CB  . ALA A 1 50  ? -11.232 -1.666  -9.757  1.00 42.68 ? 50   ALA A CB  1 
ATOM   335  N N   . ILE A 1 51  ? -8.755  -1.684  -8.030  1.00 39.86 ? 51   ILE A N   1 
ATOM   336  C CA  . ILE A 1 51  ? -8.045  -1.346  -6.810  1.00 39.10 ? 51   ILE A CA  1 
ATOM   337  C C   . ILE A 1 51  ? -7.512  0.085   -6.924  1.00 36.55 ? 51   ILE A C   1 
ATOM   338  O O   . ILE A 1 51  ? -6.830  0.424   -7.889  1.00 37.69 ? 51   ILE A O   1 
ATOM   339  C CB  . ILE A 1 51  ? -6.890  -2.366  -6.567  1.00 39.95 ? 51   ILE A CB  1 
ATOM   340  C CG1 . ILE A 1 51  ? -6.397  -2.292  -5.117  1.00 41.57 ? 51   ILE A CG1 1 
ATOM   341  C CG2 . ILE A 1 51  ? -5.770  -2.140  -7.565  1.00 41.93 ? 51   ILE A CG2 1 
ATOM   342  C CD1 . ILE A 1 51  ? -5.874  -0.955  -4.685  1.00 42.17 ? 51   ILE A CD1 1 
ATOM   343  N N   . LEU A 1 52  ? -7.855  0.926   -5.952  1.00 34.56 ? 52   LEU A N   1 
ATOM   344  C CA  . LEU A 1 52  ? -7.401  2.317   -5.936  1.00 34.34 ? 52   LEU A CA  1 
ATOM   345  C C   . LEU A 1 52  ? -6.340  2.335   -4.843  1.00 33.09 ? 52   LEU A C   1 
ATOM   346  O O   . LEU A 1 52  ? -6.646  2.118   -3.673  1.00 31.89 ? 52   LEU A O   1 
ATOM   347  C CB  . LEU A 1 52  ? -8.544  3.254   -5.547  1.00 33.99 ? 52   LEU A CB  1 
ATOM   348  C CG  . LEU A 1 52  ? -8.521  4.722   -5.991  1.00 36.46 ? 52   LEU A CG  1 
ATOM   349  C CD1 . LEU A 1 52  ? -9.330  5.534   -4.997  1.00 33.32 ? 52   LEU A CD1 1 
ATOM   350  C CD2 . LEU A 1 52  ? -7.103  5.261   -6.075  1.00 36.74 ? 52   LEU A CD2 1 
ATOM   351  N N   . GLN A 1 53  ? -5.098  2.610   -5.219  1.00 31.65 ? 53   GLN A N   1 
ATOM   352  C CA  . GLN A 1 53  ? -4.007  2.588   -4.254  1.00 29.59 ? 53   GLN A CA  1 
ATOM   353  C C   . GLN A 1 53  ? -2.896  3.587   -4.534  1.00 29.36 ? 53   GLN A C   1 
ATOM   354  O O   . GLN A 1 53  ? -2.698  4.025   -5.672  1.00 27.88 ? 53   GLN A O   1 
ATOM   355  C CB  . GLN A 1 53  ? -3.402  1.189   -4.245  1.00 29.62 ? 53   GLN A CB  1 
ATOM   356  C CG  . GLN A 1 53  ? -3.086  0.715   -5.659  1.00 29.54 ? 53   GLN A CG  1 
ATOM   357  C CD  . GLN A 1 53  ? -2.445  -0.654  -5.723  1.00 32.08 ? 53   GLN A CD  1 
ATOM   358  O OE1 . GLN A 1 53  ? -2.184  -1.167  -6.810  1.00 33.03 ? 53   GLN A OE1 1 
ATOM   359  N NE2 . GLN A 1 53  ? -2.180  -1.253  -4.561  1.00 31.83 ? 53   GLN A NE2 1 
ATOM   360  N N   . THR A 1 54  ? -2.173  3.948   -3.480  1.00 27.40 ? 54   THR A N   1 
ATOM   361  C CA  . THR A 1 54  ? -1.041  4.853   -3.611  1.00 27.58 ? 54   THR A CA  1 
ATOM   362  C C   . THR A 1 54  ? -0.065  4.580   -2.473  1.00 27.66 ? 54   THR A C   1 
ATOM   363  O O   . THR A 1 54  ? -0.472  4.258   -1.348  1.00 27.46 ? 54   THR A O   1 
ATOM   364  C CB  . THR A 1 54  ? -1.474  6.335   -3.575  1.00 27.92 ? 54   THR A CB  1 
ATOM   365  O OG1 . THR A 1 54  ? -0.358  7.160   -3.934  1.00 27.53 ? 54   THR A OG1 1 
ATOM   366  C CG2 . THR A 1 54  ? -1.958  6.725   -2.189  1.00 25.98 ? 54   THR A CG2 1 
ATOM   367  N N   . GLY A 1 55  ? 1.225   4.694   -2.771  1.00 27.45 ? 55   GLY A N   1 
ATOM   368  C CA  . GLY A 1 55  ? 2.238   4.449   -1.763  1.00 27.97 ? 55   GLY A CA  1 
ATOM   369  C C   . GLY A 1 55  ? 3.627   4.652   -2.333  1.00 28.25 ? 55   GLY A C   1 
ATOM   370  O O   . GLY A 1 55  ? 3.787   5.330   -3.350  1.00 28.13 ? 55   GLY A O   1 
ATOM   371  N N   . PHE A 1 56  ? 4.632   4.061   -1.693  1.00 27.67 ? 56   PHE A N   1 
ATOM   372  C CA  . PHE A 1 56  ? 6.010   4.194   -2.151  1.00 27.26 ? 56   PHE A CA  1 
ATOM   373  C C   . PHE A 1 56  ? 6.767   2.879   -2.052  1.00 29.03 ? 56   PHE A C   1 
ATOM   374  O O   . PHE A 1 56  ? 6.369   1.977   -1.300  1.00 28.06 ? 56   PHE A O   1 
ATOM   375  C CB  . PHE A 1 56  ? 6.746   5.259   -1.335  1.00 25.66 ? 56   PHE A CB  1 
ATOM   376  C CG  . PHE A 1 56  ? 6.763   4.993   0.151   1.00 26.73 ? 56   PHE A CG  1 
ATOM   377  C CD1 . PHE A 1 56  ? 5.724   5.435   0.962   1.00 24.97 ? 56   PHE A CD1 1 
ATOM   378  C CD2 . PHE A 1 56  ? 7.826   4.311   0.741   1.00 25.92 ? 56   PHE A CD2 1 
ATOM   379  C CE1 . PHE A 1 56  ? 5.741   5.208   2.344   1.00 28.49 ? 56   PHE A CE1 1 
ATOM   380  C CE2 . PHE A 1 56  ? 7.854   4.077   2.119   1.00 24.23 ? 56   PHE A CE2 1 
ATOM   381  C CZ  . PHE A 1 56  ? 6.811   4.527   2.921   1.00 26.78 ? 56   PHE A CZ  1 
ATOM   382  N N   . ASP A 1 57  ? 7.852   2.769   -2.818  1.00 28.35 ? 57   ASP A N   1 
ATOM   383  C CA  . ASP A 1 57  ? 8.686   1.568   -2.800  1.00 29.61 ? 57   ASP A CA  1 
ATOM   384  C C   . ASP A 1 57  ? 10.083  1.910   -2.311  1.00 29.56 ? 57   ASP A C   1 
ATOM   385  O O   . ASP A 1 57  ? 10.544  3.045   -2.450  1.00 29.56 ? 57   ASP A O   1 
ATOM   386  C CB  . ASP A 1 57  ? 8.853   0.961   -4.196  1.00 30.33 ? 57   ASP A CB  1 
ATOM   387  C CG  . ASP A 1 57  ? 7.560   0.855   -4.956  1.00 34.05 ? 57   ASP A CG  1 
ATOM   388  O OD1 . ASP A 1 57  ? 6.540   0.465   -4.355  1.00 34.15 ? 57   ASP A OD1 1 
ATOM   389  O OD2 . ASP A 1 57  ? 7.573   1.150   -6.171  1.00 36.35 ? 57   ASP A OD2 1 
ATOM   390  N N   . TRP A 1 58  ? 10.752  0.918   -1.740  1.00 27.73 ? 58   TRP A N   1 
ATOM   391  C CA  . TRP A 1 58  ? 12.126  1.086   -1.294  1.00 27.82 ? 58   TRP A CA  1 
ATOM   392  C C   . TRP A 1 58  ? 12.895  -0.045  -1.961  1.00 28.64 ? 58   TRP A C   1 
ATOM   393  O O   . TRP A 1 58  ? 12.346  -1.127  -2.186  1.00 27.95 ? 58   TRP A O   1 
ATOM   394  C CB  . TRP A 1 58  ? 12.237  1.006   0.239   1.00 26.25 ? 58   TRP A CB  1 
ATOM   395  C CG  . TRP A 1 58  ? 11.576  -0.189  0.870   1.00 26.27 ? 58   TRP A CG  1 
ATOM   396  C CD1 . TRP A 1 58  ? 12.073  -1.460  0.959   1.00 22.73 ? 58   TRP A CD1 1 
ATOM   397  C CD2 . TRP A 1 58  ? 10.282  -0.220  1.484   1.00 24.42 ? 58   TRP A CD2 1 
ATOM   398  N NE1 . TRP A 1 58  ? 11.166  -2.280  1.594   1.00 24.95 ? 58   TRP A NE1 1 
ATOM   399  C CE2 . TRP A 1 58  ? 10.058  -1.544  1.924   1.00 24.24 ? 58   TRP A CE2 1 
ATOM   400  C CE3 . TRP A 1 58  ? 9.290   0.744   1.704   1.00 25.01 ? 58   TRP A CE3 1 
ATOM   401  C CZ2 . TRP A 1 58  ? 8.878   -1.930  2.570   1.00 24.69 ? 58   TRP A CZ2 1 
ATOM   402  C CZ3 . TRP A 1 58  ? 8.113   0.361   2.348   1.00 25.15 ? 58   TRP A CZ3 1 
ATOM   403  C CH2 . TRP A 1 58  ? 7.920   -0.966  2.772   1.00 24.75 ? 58   TRP A CH2 1 
ATOM   404  N N   . TYR A 1 59  ? 14.148  0.216   -2.320  1.00 28.33 ? 59   TYR A N   1 
ATOM   405  C CA  . TYR A 1 59  ? 14.984  -0.791  -2.953  1.00 28.39 ? 59   TYR A CA  1 
ATOM   406  C C   . TYR A 1 59  ? 16.232  -1.023  -2.119  1.00 30.04 ? 59   TYR A C   1 
ATOM   407  O O   . TYR A 1 59  ? 16.686  -0.129  -1.407  1.00 28.17 ? 59   TYR A O   1 
ATOM   408  C CB  . TYR A 1 59  ? 15.367  -0.371  -4.371  1.00 29.82 ? 59   TYR A CB  1 
ATOM   409  C CG  . TYR A 1 59  ? 14.205  -0.425  -5.338  1.00 31.95 ? 59   TYR A CG  1 
ATOM   410  C CD1 . TYR A 1 59  ? 13.289  0.621   -5.417  1.00 33.71 ? 59   TYR A CD1 1 
ATOM   411  C CD2 . TYR A 1 59  ? 14.009  -1.539  -6.156  1.00 32.30 ? 59   TYR A CD2 1 
ATOM   412  C CE1 . TYR A 1 59  ? 12.200  0.559   -6.291  1.00 35.91 ? 59   TYR A CE1 1 
ATOM   413  C CE2 . TYR A 1 59  ? 12.926  -1.612  -7.028  1.00 34.74 ? 59   TYR A CE2 1 
ATOM   414  C CZ  . TYR A 1 59  ? 12.029  -0.559  -7.090  1.00 36.00 ? 59   TYR A CZ  1 
ATOM   415  O OH  . TYR A 1 59  ? 10.966  -0.619  -7.960  1.00 43.46 ? 59   TYR A OH  1 
ATOM   416  N N   . GLY A 1 60  ? 16.774  -2.233  -2.212  1.00 31.00 ? 60   GLY A N   1 
ATOM   417  C CA  . GLY A 1 60  ? 17.947  -2.588  -1.437  1.00 33.55 ? 60   GLY A CA  1 
ATOM   418  C C   . GLY A 1 60  ? 19.198  -1.781  -1.725  1.00 36.11 ? 60   GLY A C   1 
ATOM   419  O O   . GLY A 1 60  ? 20.196  -1.929  -1.016  1.00 36.98 ? 60   GLY A O   1 
ATOM   420  N N   . ASP A 1 61  ? 19.163  -0.940  -2.755  1.00 36.26 ? 61   ASP A N   1 
ATOM   421  C CA  . ASP A 1 61  ? 20.329  -0.127  -3.087  1.00 39.29 ? 61   ASP A CA  1 
ATOM   422  C C   . ASP A 1 61  ? 20.184  1.294   -2.548  1.00 39.91 ? 61   ASP A C   1 
ATOM   423  O O   . ASP A 1 61  ? 20.900  2.205   -2.967  1.00 40.60 ? 61   ASP A O   1 
ATOM   424  C CB  . ASP A 1 61  ? 20.550  -0.089  -4.601  1.00 38.52 ? 61   ASP A CB  1 
ATOM   425  C CG  . ASP A 1 61  ? 19.419  0.590   -5.341  1.00 39.71 ? 61   ASP A CG  1 
ATOM   426  O OD1 . ASP A 1 61  ? 19.502  0.675   -6.583  1.00 40.28 ? 61   ASP A OD1 1 
ATOM   427  O OD2 . ASP A 1 61  ? 18.450  1.038   -4.688  1.00 38.38 ? 61   ASP A OD2 1 
ATOM   428  N N   . GLY A 1 62  ? 19.242  1.478   -1.626  1.00 38.42 ? 62   GLY A N   1 
ATOM   429  C CA  . GLY A 1 62  ? 19.036  2.783   -1.029  1.00 36.88 ? 62   GLY A CA  1 
ATOM   430  C C   . GLY A 1 62  ? 18.168  3.764   -1.798  1.00 36.13 ? 62   GLY A C   1 
ATOM   431  O O   . GLY A 1 62  ? 18.057  4.917   -1.393  1.00 35.40 ? 62   GLY A O   1 
ATOM   432  N N   . THR A 1 63  ? 17.551  3.329   -2.894  1.00 35.32 ? 63   THR A N   1 
ATOM   433  C CA  . THR A 1 63  ? 16.699  4.227   -3.670  1.00 34.34 ? 63   THR A CA  1 
ATOM   434  C C   . THR A 1 63  ? 15.218  4.032   -3.347  1.00 34.87 ? 63   THR A C   1 
ATOM   435  O O   . THR A 1 63  ? 14.832  3.024   -2.752  1.00 32.55 ? 63   THR A O   1 
ATOM   436  C CB  . THR A 1 63  ? 16.923  4.043   -5.182  1.00 34.12 ? 63   THR A CB  1 
ATOM   437  O OG1 . THR A 1 63  ? 16.582  2.709   -5.566  1.00 33.10 ? 63   THR A OG1 1 
ATOM   438  C CG2 . THR A 1 63  ? 18.385  4.309   -5.531  1.00 35.41 ? 63   THR A CG2 1 
ATOM   439  N N   . TYR A 1 64  ? 14.397  5.004   -3.740  1.00 32.29 ? 64   TYR A N   1 
ATOM   440  C CA  . TYR A 1 64  ? 12.961  4.968   -3.484  1.00 33.36 ? 64   TYR A CA  1 
ATOM   441  C C   . TYR A 1 64  ? 12.185  5.538   -4.662  1.00 36.23 ? 64   TYR A C   1 
ATOM   442  O O   . TYR A 1 64  ? 12.764  6.089   -5.601  1.00 36.11 ? 64   TYR A O   1 
ATOM   443  C CB  . TYR A 1 64  ? 12.622  5.827   -2.266  1.00 31.97 ? 64   TYR A CB  1 
ATOM   444  C CG  . TYR A 1 64  ? 13.364  5.477   -1.002  1.00 32.43 ? 64   TYR A CG  1 
ATOM   445  C CD1 . TYR A 1 64  ? 12.916  4.455   -0.163  1.00 29.99 ? 64   TYR A CD1 1 
ATOM   446  C CD2 . TYR A 1 64  ? 14.507  6.187   -0.627  1.00 31.74 ? 64   TYR A CD2 1 
ATOM   447  C CE1 . TYR A 1 64  ? 13.585  4.154   1.023   1.00 31.50 ? 64   TYR A CE1 1 
ATOM   448  C CE2 . TYR A 1 64  ? 15.182  5.893   0.554   1.00 32.72 ? 64   TYR A CE2 1 
ATOM   449  C CZ  . TYR A 1 64  ? 14.715  4.878   1.375   1.00 32.69 ? 64   TYR A CZ  1 
ATOM   450  O OH  . TYR A 1 64  ? 15.371  4.594   2.550   1.00 31.72 ? 64   TYR A OH  1 
ATOM   451  N N   . ASP A 1 65  ? 10.866  5.411   -4.599  1.00 36.90 ? 65   ASP A N   1 
ATOM   452  C CA  . ASP A 1 65  ? 10.000  5.965   -5.625  1.00 37.11 ? 65   ASP A CA  1 
ATOM   453  C C   . ASP A 1 65  ? 8.570   5.972   -5.106  1.00 36.72 ? 65   ASP A C   1 
ATOM   454  O O   . ASP A 1 65  ? 8.238   5.234   -4.176  1.00 35.51 ? 65   ASP A O   1 
ATOM   455  C CB  . ASP A 1 65  ? 10.133  5.182   -6.938  1.00 40.88 ? 65   ASP A CB  1 
ATOM   456  C CG  . ASP A 1 65  ? 9.496   3.816   -6.886  1.00 43.88 ? 65   ASP A CG  1 
ATOM   457  O OD1 . ASP A 1 65  ? 9.931   2.943   -7.665  1.00 48.88 ? 65   ASP A OD1 1 
ATOM   458  O OD2 . ASP A 1 65  ? 8.556   3.609   -6.095  1.00 48.81 ? 65   ASP A OD2 1 
ATOM   459  N N   . ALA A 1 66  ? 7.737   6.834   -5.679  1.00 34.77 ? 66   ALA A N   1 
ATOM   460  C CA  . ALA A 1 66  ? 6.349   6.939   -5.266  1.00 33.90 ? 66   ALA A CA  1 
ATOM   461  C C   . ALA A 1 66  ? 5.449   6.659   -6.462  1.00 34.84 ? 66   ALA A C   1 
ATOM   462  O O   . ALA A 1 66  ? 5.840   6.886   -7.610  1.00 34.41 ? 66   ALA A O   1 
ATOM   463  C CB  . ALA A 1 66  ? 6.075   8.331   -4.701  1.00 34.39 ? 66   ALA A CB  1 
ATOM   464  N N   . TRP A 1 67  ? 4.245   6.171   -6.194  1.00 31.56 ? 67   TRP A N   1 
ATOM   465  C CA  . TRP A 1 67  ? 3.323   5.836   -7.263  1.00 32.61 ? 67   TRP A CA  1 
ATOM   466  C C   . TRP A 1 67  ? 1.870   5.865   -6.819  1.00 33.39 ? 67   TRP A C   1 
ATOM   467  O O   . TRP A 1 67  ? 1.563   5.976   -5.629  1.00 31.94 ? 67   TRP A O   1 
ATOM   468  C CB  . TRP A 1 67  ? 3.635   4.432   -7.783  1.00 31.78 ? 67   TRP A CB  1 
ATOM   469  C CG  . TRP A 1 67  ? 3.671   3.409   -6.671  1.00 33.37 ? 67   TRP A CG  1 
ATOM   470  C CD1 . TRP A 1 67  ? 4.761   3.030   -5.937  1.00 33.70 ? 67   TRP A CD1 1 
ATOM   471  C CD2 . TRP A 1 67  ? 2.545   2.718   -6.101  1.00 32.49 ? 67   TRP A CD2 1 
ATOM   472  N NE1 . TRP A 1 67  ? 4.385   2.150   -4.943  1.00 33.96 ? 67   TRP A NE1 1 
ATOM   473  C CE2 . TRP A 1 67  ? 3.032   1.942   -5.021  1.00 32.35 ? 67   TRP A CE2 1 
ATOM   474  C CE3 . TRP A 1 67  ? 1.174   2.682   -6.396  1.00 30.57 ? 67   TRP A CE3 1 
ATOM   475  C CZ2 . TRP A 1 67  ? 2.195   1.140   -4.235  1.00 31.25 ? 67   TRP A CZ2 1 
ATOM   476  C CZ3 . TRP A 1 67  ? 0.339   1.882   -5.611  1.00 32.52 ? 67   TRP A CZ3 1 
ATOM   477  C CH2 . TRP A 1 67  ? 0.857   1.123   -4.544  1.00 32.37 ? 67   TRP A CH2 1 
ATOM   478  N N   . TYR A 1 68  ? 0.980   5.774   -7.802  1.00 34.54 ? 68   TYR A N   1 
ATOM   479  C CA  . TYR A 1 68  ? -0.453  5.714   -7.559  1.00 37.64 ? 68   TYR A CA  1 
ATOM   480  C C   . TYR A 1 68  ? -0.939  4.747   -8.619  1.00 38.73 ? 68   TYR A C   1 
ATOM   481  O O   . TYR A 1 68  ? -0.223  4.483   -9.587  1.00 38.44 ? 68   TYR A O   1 
ATOM   482  C CB  . TYR A 1 68  ? -1.135  7.082   -7.720  1.00 41.44 ? 68   TYR A CB  1 
ATOM   483  C CG  . TYR A 1 68  ? -1.042  7.695   -9.102  1.00 46.16 ? 68   TYR A CG  1 
ATOM   484  C CD1 . TYR A 1 68  ? 0.017   8.535   -9.442  1.00 47.87 ? 68   TYR A CD1 1 
ATOM   485  C CD2 . TYR A 1 68  ? -2.013  7.432   -10.070 1.00 47.34 ? 68   TYR A CD2 1 
ATOM   486  C CE1 . TYR A 1 68  ? 0.109   9.102   -10.712 1.00 51.27 ? 68   TYR A CE1 1 
ATOM   487  C CE2 . TYR A 1 68  ? -1.930  7.993   -11.346 1.00 50.31 ? 68   TYR A CE2 1 
ATOM   488  C CZ  . TYR A 1 68  ? -0.866  8.828   -11.659 1.00 51.98 ? 68   TYR A CZ  1 
ATOM   489  O OH  . TYR A 1 68  ? -0.774  9.392   -12.914 1.00 54.10 ? 68   TYR A OH  1 
ATOM   490  N N   . GLU A 1 69  ? -2.138  4.206   -8.448  1.00 40.23 ? 69   GLU A N   1 
ATOM   491  C CA  . GLU A 1 69  ? -2.645  3.257   -9.422  1.00 41.62 ? 69   GLU A CA  1 
ATOM   492  C C   . GLU A 1 69  ? -4.110  2.901   -9.234  1.00 42.91 ? 69   GLU A C   1 
ATOM   493  O O   . GLU A 1 69  ? -4.610  2.804   -8.111  1.00 41.70 ? 69   GLU A O   1 
ATOM   494  C CB  . GLU A 1 69  ? -1.779  1.989   -9.385  1.00 43.87 ? 69   GLU A CB  1 
ATOM   495  C CG  . GLU A 1 69  ? -2.347  0.778   -10.104 1.00 46.52 ? 69   GLU A CG  1 
ATOM   496  C CD  . GLU A 1 69  ? -1.346  -0.362  -10.180 1.00 48.65 ? 69   GLU A CD  1 
ATOM   497  O OE1 . GLU A 1 69  ? -0.526  -0.506  -9.244  1.00 49.22 ? 69   GLU A OE1 1 
ATOM   498  O OE2 . GLU A 1 69  ? -1.381  -1.122  -11.169 1.00 51.08 ? 69   GLU A OE2 1 
ATOM   499  N N   . TRP A 1 70  ? -4.797  2.743   -10.360 1.00 43.68 ? 70   TRP A N   1 
ATOM   500  C CA  . TRP A 1 70  ? -6.200  2.361   -10.380 1.00 44.69 ? 70   TRP A CA  1 
ATOM   501  C C   . TRP A 1 70  ? -6.257  1.183   -11.341 1.00 47.09 ? 70   TRP A C   1 
ATOM   502  O O   . TRP A 1 70  ? -6.730  1.381   -12.480 1.00 48.69 ? 70   TRP A O   1 
ATOM   503  C CB  . TRP A 1 70  ? -7.085  3.505   -10.895 1.00 43.57 ? 70   TRP A CB  1 
ATOM   504  C CG  . TRP A 1 70  ? -8.567  3.177   -10.904 1.00 40.93 ? 70   TRP A CG  1 
ATOM   505  C CD1 . TRP A 1 70  ? -9.174  2.132   -11.544 1.00 39.52 ? 70   TRP A CD1 1 
ATOM   506  C CD2 . TRP A 1 70  ? -9.615  3.909   -10.256 1.00 39.36 ? 70   TRP A CD2 1 
ATOM   507  N NE1 . TRP A 1 70  ? -10.530 2.169   -11.336 1.00 39.52 ? 70   TRP A NE1 1 
ATOM   508  C CE2 . TRP A 1 70  ? -10.830 3.247   -10.547 1.00 39.08 ? 70   TRP A CE2 1 
ATOM   509  C CE3 . TRP A 1 70  ? -9.648  5.060   -9.457  1.00 40.63 ? 70   TRP A CE3 1 
ATOM   510  C CZ2 . TRP A 1 70  ? -12.066 3.698   -10.070 1.00 39.00 ? 70   TRP A CZ2 1 
ATOM   511  C CZ3 . TRP A 1 70  ? -10.883 5.511   -8.981  1.00 40.79 ? 70   TRP A CZ3 1 
ATOM   512  C CH2 . TRP A 1 70  ? -12.072 4.827   -9.291  1.00 40.80 ? 70   TRP A CH2 1 
ATOM   513  N N   . GLU A 1 73  ? 1.350   4.323   -12.769 1.00 57.72 ? 73   GLU A N   1 
ATOM   514  C CA  . GLU A 1 73  ? 2.124   5.586   -12.946 1.00 57.64 ? 73   GLU A CA  1 
ATOM   515  C C   . GLU A 1 73  ? 2.971   5.891   -11.713 1.00 57.63 ? 73   GLU A C   1 
ATOM   516  O O   . GLU A 1 73  ? 2.468   5.923   -10.588 1.00 56.07 ? 73   GLU A O   1 
ATOM   517  C CB  . GLU A 1 73  ? 1.174   6.743   -13.228 1.00 57.21 ? 73   GLU A CB  1 
ATOM   518  N N   . VAL A 1 74  ? 4.260   6.123   -11.935 1.00 58.31 ? 74   VAL A N   1 
ATOM   519  C CA  . VAL A 1 74  ? 5.181   6.420   -10.849 1.00 60.12 ? 74   VAL A CA  1 
ATOM   520  C C   . VAL A 1 74  ? 5.325   7.920   -10.615 1.00 61.78 ? 74   VAL A C   1 
ATOM   521  O O   . VAL A 1 74  ? 4.433   8.706   -10.949 1.00 61.35 ? 74   VAL A O   1 
ATOM   522  C CB  . VAL A 1 74  ? 6.545   5.799   -11.141 1.00 60.86 ? 74   VAL A CB  1 
ATOM   523  N N   . SER A 1 75  ? 6.458   8.304   -10.032 1.00 63.08 ? 75   SER A N   1 
ATOM   524  C CA  . SER A 1 75  ? 6.758   9.700   -9.730  1.00 64.80 ? 75   SER A CA  1 
ATOM   525  C C   . SER A 1 75  ? 7.983   9.761   -8.821  1.00 66.34 ? 75   SER A C   1 
ATOM   526  O O   . SER A 1 75  ? 8.550   8.685   -8.526  1.00 66.70 ? 75   SER A O   1 
ATOM   527  C CB  . SER A 1 75  ? 5.562   10.368  -9.044  1.00 64.08 ? 75   SER A CB  1 
ATOM   528  N N   . ILE A 1 81  ? 7.557   14.000  -6.254  1.00 58.69 ? 81   ILE A N   1 
ATOM   529  C CA  . ILE A 1 81  ? 7.930   13.757  -4.831  1.00 58.58 ? 81   ILE A CA  1 
ATOM   530  C C   . ILE A 1 81  ? 9.281   13.067  -4.737  1.00 57.54 ? 81   ILE A C   1 
ATOM   531  O O   . ILE A 1 81  ? 9.572   12.148  -5.502  1.00 58.26 ? 81   ILE A O   1 
ATOM   532  C CB  . ILE A 1 81  ? 6.897   12.852  -4.124  1.00 59.94 ? 81   ILE A CB  1 
ATOM   533  C CG1 . ILE A 1 81  ? 5.517   13.508  -4.137  1.00 61.85 ? 81   ILE A CG1 1 
ATOM   534  C CG2 . ILE A 1 81  ? 7.333   12.587  -2.689  1.00 60.59 ? 81   ILE A CG2 1 
ATOM   535  C CD1 . ILE A 1 81  ? 5.408   14.743  -3.265  1.00 63.56 ? 81   ILE A CD1 1 
ATOM   536  N N   . THR A 1 82  ? 10.112  13.522  -3.805  1.00 56.64 ? 82   THR A N   1 
ATOM   537  C CA  . THR A 1 82  ? 11.415  12.908  -3.590  1.00 55.24 ? 82   THR A CA  1 
ATOM   538  C C   . THR A 1 82  ? 11.296  12.213  -2.237  1.00 52.88 ? 82   THR A C   1 
ATOM   539  O O   . THR A 1 82  ? 10.795  12.794  -1.274  1.00 52.48 ? 82   THR A O   1 
ATOM   540  C CB  . THR A 1 82  ? 12.560  13.953  -3.566  1.00 56.21 ? 82   THR A CB  1 
ATOM   541  O OG1 . THR A 1 82  ? 13.818  13.270  -3.546  1.00 59.14 ? 82   THR A OG1 1 
ATOM   542  C CG2 . THR A 1 82  ? 12.471  14.840  -2.339  1.00 57.23 ? 82   THR A CG2 1 
ATOM   543  N N   . ILE A 1 83  ? 11.739  10.965  -2.168  1.00 50.05 ? 83   ILE A N   1 
ATOM   544  C CA  . ILE A 1 83  ? 11.630  10.201  -0.936  1.00 47.13 ? 83   ILE A CA  1 
ATOM   545  C C   . ILE A 1 83  ? 12.970  9.768   -0.368  1.00 45.08 ? 83   ILE A C   1 
ATOM   546  O O   . ILE A 1 83  ? 13.797  9.183   -1.067  1.00 44.45 ? 83   ILE A O   1 
ATOM   547  C CB  . ILE A 1 83  ? 10.747  8.963   -1.158  1.00 47.37 ? 83   ILE A CB  1 
ATOM   548  C CG1 . ILE A 1 83  ? 9.349   9.418   -1.584  1.00 47.06 ? 83   ILE A CG1 1 
ATOM   549  C CG2 . ILE A 1 83  ? 10.676  8.121   0.112   1.00 47.66 ? 83   ILE A CG2 1 
ATOM   550  C CD1 . ILE A 1 83  ? 8.464   8.308   -2.058  1.00 46.05 ? 83   ILE A CD1 1 
ATOM   551  N N   . SER A 1 84  ? 13.170  10.063  0.914   1.00 42.34 ? 84   SER A N   1 
ATOM   552  C CA  . SER A 1 84  ? 14.405  9.718   1.598   1.00 39.81 ? 84   SER A CA  1 
ATOM   553  C C   . SER A 1 84  ? 14.130  8.974   2.903   1.00 37.13 ? 84   SER A C   1 
ATOM   554  O O   . SER A 1 84  ? 13.083  9.153   3.530   1.00 33.95 ? 84   SER A O   1 
ATOM   555  C CB  . SER A 1 84  ? 15.210  10.988  1.891   1.00 41.33 ? 84   SER A CB  1 
ATOM   556  O OG  . SER A 1 84  ? 15.500  11.682  0.691   1.00 42.84 ? 84   SER A OG  1 
ATOM   557  N N   . GLU A 1 85  ? 15.090  8.145   3.298   1.00 35.31 ? 85   GLU A N   1 
ATOM   558  C CA  . GLU A 1 85  ? 14.998  7.360   4.519   1.00 35.17 ? 85   GLU A CA  1 
ATOM   559  C C   . GLU A 1 85  ? 14.638  8.270   5.684   1.00 32.80 ? 85   GLU A C   1 
ATOM   560  O O   . GLU A 1 85  ? 15.252  9.314   5.876   1.00 32.61 ? 85   GLU A O   1 
ATOM   561  C CB  . GLU A 1 85  ? 16.346  6.676   4.785   1.00 39.42 ? 85   GLU A CB  1 
ATOM   562  C CG  . GLU A 1 85  ? 16.330  5.592   5.855   1.00 44.35 ? 85   GLU A CG  1 
ATOM   563  C CD  . GLU A 1 85  ? 15.974  6.120   7.230   1.00 49.06 ? 85   GLU A CD  1 
ATOM   564  O OE1 . GLU A 1 85  ? 16.560  7.144   7.644   1.00 49.28 ? 85   GLU A OE1 1 
ATOM   565  O OE2 . GLU A 1 85  ? 15.116  5.504   7.904   1.00 52.37 ? 85   GLU A OE2 1 
ATOM   566  N N   . GLY A 1 86  ? 13.636  7.879   6.460   1.00 30.81 ? 86   GLY A N   1 
ATOM   567  C CA  . GLY A 1 86  ? 13.244  8.689   7.597   1.00 30.58 ? 86   GLY A CA  1 
ATOM   568  C C   . GLY A 1 86  ? 12.113  9.661   7.321   1.00 30.67 ? 86   GLY A C   1 
ATOM   569  O O   . GLY A 1 86  ? 11.504  10.173  8.255   1.00 30.33 ? 86   GLY A O   1 
ATOM   570  N N   . ASP A 1 87  ? 11.832  9.938   6.052   1.00 31.28 ? 87   ASP A N   1 
ATOM   571  C CA  . ASP A 1 87  ? 10.743  10.853  5.730   1.00 32.13 ? 87   ASP A CA  1 
ATOM   572  C C   . ASP A 1 87  ? 9.426   10.276  6.227   1.00 33.29 ? 87   ASP A C   1 
ATOM   573  O O   . ASP A 1 87  ? 9.298   9.066   6.431   1.00 32.81 ? 87   ASP A O   1 
ATOM   574  C CB  . ASP A 1 87  ? 10.651  11.098  4.218   1.00 32.86 ? 87   ASP A CB  1 
ATOM   575  C CG  . ASP A 1 87  ? 11.825  11.893  3.680   1.00 33.66 ? 87   ASP A CG  1 
ATOM   576  O OD1 . ASP A 1 87  ? 12.604  12.429  4.498   1.00 31.21 ? 87   ASP A OD1 1 
ATOM   577  O OD2 . ASP A 1 87  ? 11.966  11.987  2.441   1.00 33.52 ? 87   ASP A OD2 1 
ATOM   578  N N   . SER A 1 88  ? 8.458   11.161  6.433   1.00 32.17 ? 88   SER A N   1 
ATOM   579  C CA  . SER A 1 88  ? 7.130   10.788  6.895   1.00 32.14 ? 88   SER A CA  1 
ATOM   580  C C   . SER A 1 88  ? 6.187   11.073  5.732   1.00 33.77 ? 88   SER A C   1 
ATOM   581  O O   . SER A 1 88  ? 6.020   12.224  5.329   1.00 33.76 ? 88   SER A O   1 
ATOM   582  C CB  . SER A 1 88  ? 6.755   11.629  8.115   1.00 31.12 ? 88   SER A CB  1 
ATOM   583  O OG  . SER A 1 88  ? 5.435   11.358  8.533   1.00 34.61 ? 88   SER A OG  1 
ATOM   584  N N   . ILE A 1 89  ? 5.573   10.026  5.194   1.00 33.50 ? 89   ILE A N   1 
ATOM   585  C CA  . ILE A 1 89  ? 4.689   10.165  4.042   1.00 33.30 ? 89   ILE A CA  1 
ATOM   586  C C   . ILE A 1 89  ? 3.209   9.955   4.330   1.00 34.24 ? 89   ILE A C   1 
ATOM   587  O O   . ILE A 1 89  ? 2.800   8.876   4.761   1.00 32.39 ? 89   ILE A O   1 
ATOM   588  C CB  . ILE A 1 89  ? 5.078   9.166   2.942   1.00 32.85 ? 89   ILE A CB  1 
ATOM   589  C CG1 . ILE A 1 89  ? 6.592   9.188   2.717   1.00 33.40 ? 89   ILE A CG1 1 
ATOM   590  C CG2 . ILE A 1 89  ? 4.321   9.481   1.661   1.00 33.55 ? 89   ILE A CG2 1 
ATOM   591  C CD1 . ILE A 1 89  ? 7.146   10.534  2.285   1.00 35.15 ? 89   ILE A CD1 1 
ATOM   592  N N   . GLN A 1 90  ? 2.402   10.983  4.080   1.00 34.49 ? 90   GLN A N   1 
ATOM   593  C CA  . GLN A 1 90  ? 0.965   10.864  4.286   1.00 35.02 ? 90   GLN A CA  1 
ATOM   594  C C   . GLN A 1 90  ? 0.343   10.373  2.983   1.00 35.38 ? 90   GLN A C   1 
ATOM   595  O O   . GLN A 1 90  ? 0.477   11.010  1.936   1.00 35.70 ? 90   GLN A O   1 
ATOM   596  C CB  . GLN A 1 90  ? 0.361   12.205  4.691   1.00 37.41 ? 90   GLN A CB  1 
ATOM   597  C CG  . GLN A 1 90  ? -1.141  12.148  4.883   1.00 40.10 ? 90   GLN A CG  1 
ATOM   598  C CD  . GLN A 1 90  ? -1.685  13.392  5.550   1.00 43.81 ? 90   GLN A CD  1 
ATOM   599  O OE1 . GLN A 1 90  ? -1.485  14.507  5.068   1.00 45.93 ? 90   GLN A OE1 1 
ATOM   600  N NE2 . GLN A 1 90  ? -2.378  13.207  6.668   1.00 45.96 ? 90   GLN A NE2 1 
ATOM   601  N N   . MET A 1 91  ? -0.333  9.233   3.052   1.00 35.12 ? 91   MET A N   1 
ATOM   602  C CA  . MET A 1 91  ? -0.941  8.630   1.873   1.00 34.91 ? 91   MET A CA  1 
ATOM   603  C C   . MET A 1 91  ? -2.451  8.567   1.995   1.00 35.27 ? 91   MET A C   1 
ATOM   604  O O   . MET A 1 91  ? -2.985  8.263   3.060   1.00 33.91 ? 91   MET A O   1 
ATOM   605  C CB  . MET A 1 91  ? -0.377  7.226   1.682   1.00 35.99 ? 91   MET A CB  1 
ATOM   606  C CG  . MET A 1 91  ? 1.131   7.179   1.832   1.00 39.01 ? 91   MET A CG  1 
ATOM   607  S SD  . MET A 1 91  ? 1.767   5.516   1.805   1.00 41.58 ? 91   MET A SD  1 
ATOM   608  C CE  . MET A 1 91  ? 1.365   5.005   3.448   1.00 39.22 ? 91   MET A CE  1 
ATOM   609  N N   . SER A 1 92  ? -3.144  8.838   0.895   1.00 34.83 ? 92   SER A N   1 
ATOM   610  C CA  . SER A 1 92  ? -4.592  8.833   0.928   1.00 35.75 ? 92   SER A CA  1 
ATOM   611  C C   . SER A 1 92  ? -5.259  8.556   -0.412  1.00 35.71 ? 92   SER A C   1 
ATOM   612  O O   . SER A 1 92  ? -4.744  8.923   -1.474  1.00 34.90 ? 92   SER A O   1 
ATOM   613  C CB  . SER A 1 92  ? -5.081  10.175  1.476   1.00 36.90 ? 92   SER A CB  1 
ATOM   614  O OG  . SER A 1 92  ? -6.493  10.262  1.416   1.00 43.27 ? 92   SER A OG  1 
ATOM   615  N N   . VAL A 1 93  ? -6.401  7.881   -0.352  1.00 34.51 ? 93   VAL A N   1 
ATOM   616  C CA  . VAL A 1 93  ? -7.186  7.589   -1.539  1.00 34.72 ? 93   VAL A CA  1 
ATOM   617  C C   . VAL A 1 93  ? -8.623  7.889   -1.161  1.00 36.98 ? 93   VAL A C   1 
ATOM   618  O O   . VAL A 1 93  ? -8.995  7.815   0.011   1.00 36.75 ? 93   VAL A O   1 
ATOM   619  C CB  . VAL A 1 93  ? -7.094  6.110   -1.988  1.00 34.35 ? 93   VAL A CB  1 
ATOM   620  C CG1 . VAL A 1 93  ? -5.671  5.779   -2.411  1.00 32.10 ? 93   VAL A CG1 1 
ATOM   621  C CG2 . VAL A 1 93  ? -7.576  5.187   -0.868  1.00 33.31 ? 93   VAL A CG2 1 
ATOM   622  N N   . THR A 1 94  ? -9.423  8.248   -2.153  1.00 38.96 ? 94   THR A N   1 
ATOM   623  C CA  . THR A 1 94  ? -10.821 8.559   -1.919  1.00 41.20 ? 94   THR A CA  1 
ATOM   624  C C   . THR A 1 94  ? -11.619 8.031   -3.089  1.00 42.57 ? 94   THR A C   1 
ATOM   625  O O   . THR A 1 94  ? -11.226 8.204   -4.240  1.00 42.14 ? 94   THR A O   1 
ATOM   626  C CB  . THR A 1 94  ? -11.052 10.081  -1.805  1.00 42.43 ? 94   THR A CB  1 
ATOM   627  O OG1 . THR A 1 94  ? -10.411 10.577  -0.623  1.00 43.46 ? 94   THR A OG1 1 
ATOM   628  C CG2 . THR A 1 94  ? -12.543 10.392  -1.739  1.00 42.24 ? 94   THR A CG2 1 
ATOM   629  N N   . ALA A 1 95  ? -12.727 7.366   -2.792  1.00 44.12 ? 95   ALA A N   1 
ATOM   630  C CA  . ALA A 1 95  ? -13.586 6.831   -3.833  1.00 47.03 ? 95   ALA A CA  1 
ATOM   631  C C   . ALA A 1 95  ? -14.916 7.563   -3.749  1.00 49.21 ? 95   ALA A C   1 
ATOM   632  O O   . ALA A 1 95  ? -15.748 7.261   -2.892  1.00 49.61 ? 95   ALA A O   1 
ATOM   633  C CB  . ALA A 1 95  ? -13.792 5.337   -3.638  1.00 45.62 ? 95   ALA A CB  1 
ATOM   634  N N   . THR A 1 96  ? -15.102 8.540   -4.628  1.00 51.20 ? 96   THR A N   1 
ATOM   635  C CA  . THR A 1 96  ? -16.336 9.313   -4.656  1.00 53.17 ? 96   THR A CA  1 
ATOM   636  C C   . THR A 1 96  ? -17.451 8.487   -5.292  1.00 54.35 ? 96   THR A C   1 
ATOM   637  O O   . THR A 1 96  ? -18.635 8.780   -5.122  1.00 55.27 ? 96   THR A O   1 
ATOM   638  C CB  . THR A 1 96  ? -16.139 10.631  -5.435  1.00 53.83 ? 96   THR A CB  1 
ATOM   639  O OG1 . THR A 1 96  ? -15.404 10.377  -6.640  1.00 54.20 ? 96   THR A OG1 1 
ATOM   640  C CG2 . THR A 1 96  ? -15.376 11.635  -4.583  1.00 54.04 ? 96   THR A CG2 1 
ATOM   641  N N   . SER A 1 97  ? -17.059 7.447   -6.020  1.00 55.10 ? 97   SER A N   1 
ATOM   642  C CA  . SER A 1 97  ? -18.003 6.546   -6.672  1.00 55.31 ? 97   SER A CA  1 
ATOM   643  C C   . SER A 1 97  ? -17.240 5.290   -7.067  1.00 55.31 ? 97   SER A C   1 
ATOM   644  O O   . SER A 1 97  ? -16.051 5.164   -6.776  1.00 55.51 ? 97   SER A O   1 
ATOM   645  C CB  . SER A 1 97  ? -18.602 7.197   -7.924  1.00 56.24 ? 97   SER A CB  1 
ATOM   646  O OG  . SER A 1 97  ? -17.681 7.181   -9.004  1.00 56.89 ? 97   SER A OG  1 
ATOM   647  N N   . ASP A 1 98  ? -17.922 4.363   -7.728  1.00 54.77 ? 98   ASP A N   1 
ATOM   648  C CA  . ASP A 1 98  ? -17.287 3.128   -8.166  1.00 55.70 ? 98   ASP A CA  1 
ATOM   649  C C   . ASP A 1 98  ? -16.386 3.374   -9.373  1.00 56.23 ? 98   ASP A C   1 
ATOM   650  O O   . ASP A 1 98  ? -15.615 2.499   -9.773  1.00 55.95 ? 98   ASP A O   1 
ATOM   651  C CB  . ASP A 1 98  ? -18.354 2.090   -8.527  1.00 55.75 ? 98   ASP A CB  1 
ATOM   652  C CG  . ASP A 1 98  ? -19.030 1.496   -7.305  1.00 55.69 ? 98   ASP A CG  1 
ATOM   653  O OD1 . ASP A 1 98  ? -18.991 2.130   -6.229  1.00 55.41 ? 98   ASP A OD1 1 
ATOM   654  O OD2 . ASP A 1 98  ? -19.610 0.397   -7.427  1.00 56.52 ? 98   ASP A OD2 1 
ATOM   655  N N   . THR A 1 99  ? -16.476 4.570   -9.948  1.00 57.51 ? 99   THR A N   1 
ATOM   656  C CA  . THR A 1 99  ? -15.677 4.900   -11.124 1.00 58.39 ? 99   THR A CA  1 
ATOM   657  C C   . THR A 1 99  ? -14.936 6.239   -11.027 1.00 57.82 ? 99   THR A C   1 
ATOM   658  O O   . THR A 1 99  ? -14.365 6.714   -12.009 1.00 57.98 ? 99   THR A O   1 
ATOM   659  C CB  . THR A 1 99  ? -16.564 4.902   -12.392 1.00 59.36 ? 99   THR A CB  1 
ATOM   660  O OG1 . THR A 1 99  ? -15.778 5.274   -13.531 1.00 61.76 ? 99   THR A OG1 1 
ATOM   661  C CG2 . THR A 1 99  ? -17.721 5.878   -12.231 1.00 59.64 ? 99   THR A CG2 1 
ATOM   662  N N   . SER A 1 100 ? -14.939 6.844   -9.845  1.00 56.66 ? 100  SER A N   1 
ATOM   663  C CA  . SER A 1 100 ? -14.249 8.116   -9.665  1.00 55.16 ? 100  SER A CA  1 
ATOM   664  C C   . SER A 1 100 ? -13.656 8.258   -8.265  1.00 53.66 ? 100  SER A C   1 
ATOM   665  O O   . SER A 1 100 ? -14.218 7.766   -7.282  1.00 53.73 ? 100  SER A O   1 
ATOM   666  C CB  . SER A 1 100 ? -15.203 9.278   -9.926  1.00 54.55 ? 100  SER A CB  1 
ATOM   667  O OG  . SER A 1 100 ? -16.164 9.374   -8.891  1.00 56.20 ? 100  SER A OG  1 
ATOM   668  N N   . GLY A 1 101 ? -12.520 8.940   -8.182  1.00 50.70 ? 101  GLY A N   1 
ATOM   669  C CA  . GLY A 1 101 ? -11.871 9.145   -6.902  1.00 48.12 ? 101  GLY A CA  1 
ATOM   670  C C   . GLY A 1 101 ? -10.555 9.872   -7.071  1.00 46.67 ? 101  GLY A C   1 
ATOM   671  O O   . GLY A 1 101 ? -10.331 10.523  -8.092  1.00 46.51 ? 101  GLY A O   1 
ATOM   672  N N   . SER A 1 102 ? -9.682  9.761   -6.074  1.00 43.34 ? 102  SER A N   1 
ATOM   673  C CA  . SER A 1 102 ? -8.382  10.417  -6.133  1.00 41.02 ? 102  SER A CA  1 
ATOM   674  C C   . SER A 1 102 ? -7.359  9.740   -5.233  1.00 39.56 ? 102  SER A C   1 
ATOM   675  O O   . SER A 1 102 ? -7.710  8.988   -4.320  1.00 40.00 ? 102  SER A O   1 
ATOM   676  C CB  . SER A 1 102 ? -8.511  11.883  -5.724  1.00 40.25 ? 102  SER A CB  1 
ATOM   677  O OG  . SER A 1 102 ? -8.837  11.999  -4.351  1.00 40.91 ? 102  SER A OG  1 
ATOM   678  N N   . ALA A 1 103 ? -6.091  10.022  -5.505  1.00 36.81 ? 103  ALA A N   1 
ATOM   679  C CA  . ALA A 1 103 ? -4.976  9.479   -4.738  1.00 36.05 ? 103  ALA A CA  1 
ATOM   680  C C   . ALA A 1 103 ? -4.046  10.638  -4.411  1.00 36.38 ? 103  ALA A C   1 
ATOM   681  O O   . ALA A 1 103 ? -3.719  11.450  -5.287  1.00 35.62 ? 103  ALA A O   1 
ATOM   682  C CB  . ALA A 1 103 ? -4.235  8.426   -5.557  1.00 33.34 ? 103  ALA A CB  1 
ATOM   683  N N   . THR A 1 104 ? -3.633  10.727  -3.152  1.00 34.25 ? 104  THR A N   1 
ATOM   684  C CA  . THR A 1 104 ? -2.748  11.794  -2.720  1.00 34.59 ? 104  THR A CA  1 
ATOM   685  C C   . THR A 1 104 ? -1.564  11.244  -1.942  1.00 36.32 ? 104  THR A C   1 
ATOM   686  O O   . THR A 1 104 ? -1.702  10.313  -1.140  1.00 35.25 ? 104  THR A O   1 
ATOM   687  C CB  . THR A 1 104 ? -3.485  12.812  -1.824  1.00 34.48 ? 104  THR A CB  1 
ATOM   688  O OG1 . THR A 1 104 ? -4.592  13.374  -2.539  1.00 35.47 ? 104  THR A OG1 1 
ATOM   689  C CG2 . THR A 1 104 ? -2.545  13.925  -1.411  1.00 33.42 ? 104  THR A CG2 1 
ATOM   690  N N   . LEU A 1 105 ? -0.401  11.838  -2.187  1.00 35.64 ? 105  LEU A N   1 
ATOM   691  C CA  . LEU A 1 105 ? 0.833   11.445  -1.529  1.00 38.02 ? 105  LEU A CA  1 
ATOM   692  C C   . LEU A 1 105 ? 1.576   12.725  -1.152  1.00 38.49 ? 105  LEU A C   1 
ATOM   693  O O   . LEU A 1 105 ? 1.904   13.530  -2.022  1.00 38.31 ? 105  LEU A O   1 
ATOM   694  C CB  . LEU A 1 105 ? 1.666   10.602  -2.497  1.00 40.17 ? 105  LEU A CB  1 
ATOM   695  C CG  . LEU A 1 105 ? 2.415   9.390   -1.953  1.00 41.22 ? 105  LEU A CG  1 
ATOM   696  C CD1 . LEU A 1 105 ? 1.453   8.487   -1.199  1.00 41.64 ? 105  LEU A CD1 1 
ATOM   697  C CD2 . LEU A 1 105 ? 3.051   8.638   -3.110  1.00 41.04 ? 105  LEU A CD2 1 
ATOM   698  N N   . GLU A 1 106 ? 1.823   12.916  0.142   1.00 39.19 ? 106  GLU A N   1 
ATOM   699  C CA  . GLU A 1 106 ? 2.522   14.104  0.632   1.00 41.09 ? 106  GLU A CA  1 
ATOM   700  C C   . GLU A 1 106 ? 3.701   13.713  1.524   1.00 42.33 ? 106  GLU A C   1 
ATOM   701  O O   . GLU A 1 106 ? 3.519   13.044  2.545   1.00 42.23 ? 106  GLU A O   1 
ATOM   702  C CB  . GLU A 1 106 ? 1.548   14.991  1.413   1.00 42.69 ? 106  GLU A CB  1 
ATOM   703  C CG  . GLU A 1 106 ? 2.175   16.258  1.970   1.00 46.72 ? 106  GLU A CG  1 
ATOM   704  C CD  . GLU A 1 106 ? 1.169   17.155  2.672   1.00 48.85 ? 106  GLU A CD  1 
ATOM   705  O OE1 . GLU A 1 106 ? 1.596   18.170  3.262   1.00 51.03 ? 106  GLU A OE1 1 
ATOM   706  O OE2 . GLU A 1 106 ? -0.043  16.850  2.634   1.00 50.33 ? 106  GLU A OE2 1 
ATOM   707  N N   . ASN A 1 107 ? 4.905   14.146  1.152   1.00 41.34 ? 107  ASN A N   1 
ATOM   708  C CA  . ASN A 1 107 ? 6.103   13.804  1.912   1.00 43.21 ? 107  ASN A CA  1 
ATOM   709  C C   . ASN A 1 107 ? 6.184   14.357  3.338   1.00 46.21 ? 107  ASN A C   1 
ATOM   710  O O   . ASN A 1 107 ? 6.950   13.844  4.152   1.00 51.98 ? 107  ASN A O   1 
ATOM   711  C CB  . ASN A 1 107 ? 7.361   14.201  1.137   1.00 39.34 ? 107  ASN A CB  1 
ATOM   712  C CG  . ASN A 1 107 ? 8.639   13.728  1.818   1.00 36.54 ? 107  ASN A CG  1 
ATOM   713  O OD1 . ASN A 1 107 ? 8.868   14.015  2.990   1.00 34.34 ? 107  ASN A OD1 1 
ATOM   714  N ND2 . ASN A 1 107 ? 9.478   13.010  1.082   1.00 33.29 ? 107  ASN A ND2 1 
ATOM   715  N N   . LEU A 1 108 ? 5.418   15.391  3.650   1.00 46.70 ? 108  LEU A N   1 
ATOM   716  C CA  . LEU A 1 108 ? 5.425   15.957  5.001   1.00 45.82 ? 108  LEU A CA  1 
ATOM   717  C C   . LEU A 1 108 ? 6.780   16.427  5.525   1.00 45.54 ? 108  LEU A C   1 
ATOM   718  O O   . LEU A 1 108 ? 6.852   17.421  6.243   1.00 46.91 ? 108  LEU A O   1 
ATOM   719  C CB  . LEU A 1 108 ? 4.830   14.954  5.991   1.00 45.88 ? 108  LEU A CB  1 
ATOM   720  C CG  . LEU A 1 108 ? 3.394   15.190  6.465   1.00 47.01 ? 108  LEU A CG  1 
ATOM   721  C CD1 . LEU A 1 108 ? 2.471   15.411  5.280   1.00 47.30 ? 108  LEU A CD1 1 
ATOM   722  C CD2 . LEU A 1 108 ? 2.936   14.000  7.298   1.00 45.96 ? 108  LEU A CD2 1 
ATOM   723  N N   . THR A 1 109 ? 7.849   15.713  5.184   1.00 43.45 ? 109  THR A N   1 
ATOM   724  C CA  . THR A 1 109 ? 9.191   16.079  5.627   1.00 42.59 ? 109  THR A CA  1 
ATOM   725  C C   . THR A 1 109 ? 9.807   17.102  4.672   1.00 43.51 ? 109  THR A C   1 
ATOM   726  O O   . THR A 1 109 ? 10.523  18.012  5.095   1.00 44.38 ? 109  THR A O   1 
ATOM   727  C CB  . THR A 1 109 ? 10.116  14.839  5.692   1.00 40.66 ? 109  THR A CB  1 
ATOM   728  O OG1 . THR A 1 109 ? 9.556   13.872  6.589   1.00 38.36 ? 109  THR A OG1 1 
ATOM   729  C CG2 . THR A 1 109 ? 11.501  15.228  6.183   1.00 38.89 ? 109  THR A CG2 1 
ATOM   730  N N   . THR A 1 110 ? 9.519   16.949  3.384   1.00 43.30 ? 110  THR A N   1 
ATOM   731  C CA  . THR A 1 110 ? 10.045  17.851  2.365   1.00 45.09 ? 110  THR A CA  1 
ATOM   732  C C   . THR A 1 110 ? 9.020   18.913  1.969   1.00 46.01 ? 110  THR A C   1 
ATOM   733  O O   . THR A 1 110 ? 9.364   19.919  1.344   1.00 47.35 ? 110  THR A O   1 
ATOM   734  C CB  . THR A 1 110 ? 10.442  17.078  1.107   1.00 44.64 ? 110  THR A CB  1 
ATOM   735  O OG1 . THR A 1 110 ? 9.280   16.450  0.548   1.00 44.96 ? 110  THR A OG1 1 
ATOM   736  C CG2 . THR A 1 110 ? 11.476  16.013  1.444   1.00 45.03 ? 110  THR A CG2 1 
ATOM   737  N N   . GLY A 1 111 ? 7.763   18.681  2.327   1.00 45.92 ? 111  GLY A N   1 
ATOM   738  C CA  . GLY A 1 111 ? 6.716   19.629  1.998   1.00 46.20 ? 111  GLY A CA  1 
ATOM   739  C C   . GLY A 1 111 ? 6.187   19.482  0.583   1.00 45.71 ? 111  GLY A C   1 
ATOM   740  O O   . GLY A 1 111 ? 5.479   20.361  0.088   1.00 46.35 ? 111  GLY A O   1 
ATOM   741  N N   . GLN A 1 112 ? 6.526   18.377  -0.073  1.00 44.52 ? 112  GLN A N   1 
ATOM   742  C CA  . GLN A 1 112 ? 6.062   18.137  -1.434  1.00 44.28 ? 112  GLN A CA  1 
ATOM   743  C C   . GLN A 1 112 ? 4.756   17.363  -1.377  1.00 45.20 ? 112  GLN A C   1 
ATOM   744  O O   . GLN A 1 112 ? 4.507   16.618  -0.424  1.00 46.54 ? 112  GLN A O   1 
ATOM   745  C CB  . GLN A 1 112 ? 7.086   17.325  -2.220  1.00 44.75 ? 112  GLN A CB  1 
ATOM   746  C CG  . GLN A 1 112 ? 8.512   17.790  -2.053  1.00 47.74 ? 112  GLN A CG  1 
ATOM   747  C CD  . GLN A 1 112 ? 9.491   16.843  -2.709  1.00 49.60 ? 112  GLN A CD  1 
ATOM   748  O OE1 . GLN A 1 112 ? 9.821   16.984  -3.888  1.00 51.29 ? 112  GLN A OE1 1 
ATOM   749  N NE2 . GLN A 1 112 ? 9.945   15.853  -1.949  1.00 48.04 ? 112  GLN A NE2 1 
ATOM   750  N N   . LYS A 1 113 ? 3.930   17.529  -2.401  1.00 42.58 ? 113  LYS A N   1 
ATOM   751  C CA  . LYS A 1 113 ? 2.651   16.845  -2.445  1.00 42.49 ? 113  LYS A CA  1 
ATOM   752  C C   . LYS A 1 113 ? 2.193   16.623  -3.878  1.00 43.59 ? 113  LYS A C   1 
ATOM   753  O O   . LYS A 1 113 ? 2.302   17.512  -4.729  1.00 43.76 ? 113  LYS A O   1 
ATOM   754  C CB  . LYS A 1 113 ? 1.606   17.654  -1.678  1.00 41.95 ? 113  LYS A CB  1 
ATOM   755  C CG  . LYS A 1 113 ? 0.217   17.031  -1.641  1.00 42.32 ? 113  LYS A CG  1 
ATOM   756  C CD  . LYS A 1 113 ? -0.707  17.856  -0.762  1.00 43.32 ? 113  LYS A CD  1 
ATOM   757  C CE  . LYS A 1 113 ? -2.122  17.304  -0.754  1.00 45.91 ? 113  LYS A CE  1 
ATOM   758  N NZ  . LYS A 1 113 ? -3.013  18.097  0.144   1.00 47.00 ? 113  LYS A NZ  1 
ATOM   759  N N   . VAL A 1 114 ? 1.694   15.422  -4.142  1.00 41.33 ? 114  VAL A N   1 
ATOM   760  C CA  . VAL A 1 114 ? 1.208   15.076  -5.463  1.00 40.96 ? 114  VAL A CA  1 
ATOM   761  C C   . VAL A 1 114 ? -0.184  14.477  -5.344  1.00 42.20 ? 114  VAL A C   1 
ATOM   762  O O   . VAL A 1 114 ? -0.530  13.857  -4.333  1.00 39.69 ? 114  VAL A O   1 
ATOM   763  C CB  . VAL A 1 114 ? 2.148   14.070  -6.168  1.00 42.06 ? 114  VAL A CB  1 
ATOM   764  C CG1 . VAL A 1 114 ? 3.470   14.741  -6.499  1.00 42.45 ? 114  VAL A CG1 1 
ATOM   765  C CG2 . VAL A 1 114 ? 2.383   12.858  -5.280  1.00 42.13 ? 114  VAL A CG2 1 
ATOM   766  N N   . SER A 1 115 ? -0.986  14.672  -6.381  1.00 41.24 ? 115  SER A N   1 
ATOM   767  C CA  . SER A 1 115 ? -2.338  14.159  -6.380  1.00 41.44 ? 115  SER A CA  1 
ATOM   768  C C   . SER A 1 115 ? -2.799  13.864  -7.798  1.00 42.70 ? 115  SER A C   1 
ATOM   769  O O   . SER A 1 115 ? -2.299  14.447  -8.765  1.00 41.06 ? 115  SER A O   1 
ATOM   770  C CB  . SER A 1 115 ? -3.276  15.173  -5.725  1.00 42.38 ? 115  SER A CB  1 
ATOM   771  O OG  . SER A 1 115 ? -4.585  14.651  -5.627  1.00 46.40 ? 115  SER A OG  1 
ATOM   772  N N   . LYS A 1 116 ? -3.751  12.947  -7.908  1.00 42.58 ? 116  LYS A N   1 
ATOM   773  C CA  . LYS A 1 116 ? -4.306  12.554  -9.191  1.00 44.26 ? 116  LYS A CA  1 
ATOM   774  C C   . LYS A 1 116 ? -5.786  12.280  -9.007  1.00 45.94 ? 116  LYS A C   1 
ATOM   775  O O   . LYS A 1 116 ? -6.188  11.609  -8.053  1.00 45.39 ? 116  LYS A O   1 
ATOM   776  C CB  . LYS A 1 116 ? -3.612  11.291  -9.707  1.00 44.68 ? 116  LYS A CB  1 
ATOM   777  C CG  . LYS A 1 116 ? -4.137  10.770  -11.044 1.00 45.77 ? 116  LYS A CG  1 
ATOM   778  C CD  . LYS A 1 116 ? -3.763  11.694  -12.193 1.00 47.75 ? 116  LYS A CD  1 
ATOM   779  C CE  . LYS A 1 116 ? -4.117  11.089  -13.547 1.00 46.86 ? 116  LYS A CE  1 
ATOM   780  N NZ  . LYS A 1 116 ? -5.581  10.876  -13.703 1.00 48.12 ? 116  LYS A NZ  1 
ATOM   781  N N   . SER A 1 117 ? -6.599  12.816  -9.909  1.00 47.24 ? 117  SER A N   1 
ATOM   782  C CA  . SER A 1 117 ? -8.035  12.599  -9.853  1.00 49.26 ? 117  SER A CA  1 
ATOM   783  C C   . SER A 1 117 ? -8.386  11.611  -10.948 1.00 50.11 ? 117  SER A C   1 
ATOM   784  O O   . SER A 1 117 ? -7.815  11.658  -12.037 1.00 51.55 ? 117  SER A O   1 
ATOM   785  C CB  . SER A 1 117 ? -8.791  13.907  -10.075 1.00 50.02 ? 117  SER A CB  1 
ATOM   786  O OG  . SER A 1 117 ? -8.560  14.809  -9.009  1.00 53.92 ? 117  SER A OG  1 
ATOM   787  N N   . PHE A 1 118 ? -9.312  10.707  -10.658 1.00 50.95 ? 118  PHE A N   1 
ATOM   788  C CA  . PHE A 1 118 ? -9.727  9.720   -11.643 1.00 51.40 ? 118  PHE A CA  1 
ATOM   789  C C   . PHE A 1 118 ? -11.204 9.904   -11.923 1.00 53.58 ? 118  PHE A C   1 
ATOM   790  O O   . PHE A 1 118 ? -11.956 10.363  -11.061 1.00 53.80 ? 118  PHE A O   1 
ATOM   791  C CB  . PHE A 1 118 ? -9.483  8.294   -11.132 1.00 49.00 ? 118  PHE A CB  1 
ATOM   792  C CG  . PHE A 1 118 ? -8.103  8.068   -10.579 1.00 45.85 ? 118  PHE A CG  1 
ATOM   793  C CD1 . PHE A 1 118 ? -7.815  8.361   -9.250  1.00 45.53 ? 118  PHE A CD1 1 
ATOM   794  C CD2 . PHE A 1 118 ? -7.093  7.556   -11.384 1.00 44.33 ? 118  PHE A CD2 1 
ATOM   795  C CE1 . PHE A 1 118 ? -6.539  8.147   -8.730  1.00 43.82 ? 118  PHE A CE1 1 
ATOM   796  C CE2 . PHE A 1 118 ? -5.813  7.339   -10.876 1.00 44.16 ? 118  PHE A CE2 1 
ATOM   797  C CZ  . PHE A 1 118 ? -5.537  7.635   -9.545  1.00 43.56 ? 118  PHE A CZ  1 
ATOM   798  N N   . SER A 1 119 ? -11.618 9.551   -13.134 1.00 56.59 ? 119  SER A N   1 
ATOM   799  C CA  . SER A 1 119 ? -13.017 9.668   -13.524 1.00 59.86 ? 119  SER A CA  1 
ATOM   800  C C   . SER A 1 119 ? -13.297 8.801   -14.743 1.00 61.27 ? 119  SER A C   1 
ATOM   801  O O   . SER A 1 119 ? -12.430 8.619   -15.600 1.00 60.27 ? 119  SER A O   1 
ATOM   802  C CB  . SER A 1 119 ? -13.368 11.129  -13.827 1.00 60.58 ? 119  SER A CB  1 
ATOM   803  O OG  . SER A 1 119 ? -12.540 11.655  -14.850 1.00 61.90 ? 119  SER A OG  1 
ATOM   804  N N   . ASN A 1 120 ? -14.509 8.259   -14.801 1.00 64.26 ? 120  ASN A N   1 
ATOM   805  C CA  . ASN A 1 120 ? -14.932 7.407   -15.906 1.00 67.31 ? 120  ASN A CA  1 
ATOM   806  C C   . ASN A 1 120 ? -13.955 6.262   -16.157 1.00 68.86 ? 120  ASN A C   1 
ATOM   807  O O   . ASN A 1 120 ? -13.643 5.941   -17.304 1.00 68.84 ? 120  ASN A O   1 
ATOM   808  C CB  . ASN A 1 120 ? -15.084 8.238   -17.181 1.00 68.84 ? 120  ASN A CB  1 
ATOM   809  C CG  . ASN A 1 120 ? -15.932 9.476   -16.968 1.00 70.02 ? 120  ASN A CG  1 
ATOM   810  O OD1 . ASN A 1 120 ? -17.063 9.393   -16.489 1.00 71.38 ? 120  ASN A OD1 1 
ATOM   811  N ND2 . ASN A 1 120 ? -15.387 10.634  -17.326 1.00 70.42 ? 120  ASN A ND2 1 
ATOM   812  N N   . GLU A 1 121 ? -13.472 5.648   -15.082 1.00 70.36 ? 121  GLU A N   1 
ATOM   813  C CA  . GLU A 1 121 ? -12.535 4.540   -15.211 1.00 71.93 ? 121  GLU A CA  1 
ATOM   814  C C   . GLU A 1 121 ? -13.238 3.312   -15.779 1.00 72.42 ? 121  GLU A C   1 
ATOM   815  O O   . GLU A 1 121 ? -14.183 2.790   -15.183 1.00 72.26 ? 121  GLU A O   1 
ATOM   816  C CB  . GLU A 1 121 ? -11.913 4.210   -13.852 1.00 73.03 ? 121  GLU A CB  1 
ATOM   817  C CG  . GLU A 1 121 ? -11.077 5.335   -13.264 1.00 74.12 ? 121  GLU A CG  1 
ATOM   818  C CD  . GLU A 1 121 ? -10.046 5.870   -14.243 1.00 74.96 ? 121  GLU A CD  1 
ATOM   819  O OE1 . GLU A 1 121 ? -10.439 6.585   -15.189 1.00 76.19 ? 121  GLU A OE1 1 
ATOM   820  O OE2 . GLU A 1 121 ? -8.846  5.572   -14.074 1.00 74.89 ? 121  GLU A OE2 1 
ATOM   821  N N   . SER A 1 122 ? -12.766 2.858   -16.936 1.00 73.03 ? 122  SER A N   1 
ATOM   822  C CA  . SER A 1 122 ? -13.346 1.700   -17.607 1.00 73.20 ? 122  SER A CA  1 
ATOM   823  C C   . SER A 1 122 ? -12.462 0.466   -17.469 1.00 72.76 ? 122  SER A C   1 
ATOM   824  O O   . SER A 1 122 ? -12.907 -0.657  -17.710 1.00 72.84 ? 122  SER A O   1 
ATOM   825  C CB  . SER A 1 122 ? -13.563 2.013   -19.090 1.00 73.98 ? 122  SER A CB  1 
ATOM   826  O OG  . SER A 1 122 ? -14.392 3.153   -19.250 1.00 74.43 ? 122  SER A OG  1 
ATOM   827  N N   . SER A 1 123 ? -11.208 0.682   -17.085 1.00 71.94 ? 123  SER A N   1 
ATOM   828  C CA  . SER A 1 123 ? -10.261 -0.414  -16.906 1.00 70.82 ? 123  SER A CA  1 
ATOM   829  C C   . SER A 1 123 ? -10.812 -1.394  -15.871 1.00 69.04 ? 123  SER A C   1 
ATOM   830  O O   . SER A 1 123 ? -10.556 -2.596  -15.938 1.00 69.14 ? 123  SER A O   1 
ATOM   831  C CB  . SER A 1 123 ? -8.907  0.132   -16.436 1.00 71.76 ? 123  SER A CB  1 
ATOM   832  O OG  . SER A 1 123 ? -7.960  -0.909  -16.270 1.00 73.01 ? 123  SER A OG  1 
ATOM   833  N N   . GLY A 1 124 ? -11.575 -0.859  -14.923 1.00 66.73 ? 124  GLY A N   1 
ATOM   834  C CA  . GLY A 1 124 ? -12.164 -1.671  -13.874 1.00 62.79 ? 124  GLY A CA  1 
ATOM   835  C C   . GLY A 1 124 ? -12.870 -0.774  -12.877 1.00 60.05 ? 124  GLY A C   1 
ATOM   836  O O   . GLY A 1 124 ? -12.422 0.343   -12.617 1.00 59.24 ? 124  GLY A O   1 
ATOM   837  N N   . SER A 1 125 ? -13.974 -1.255  -12.314 1.00 57.68 ? 125  SER A N   1 
ATOM   838  C CA  . SER A 1 125 ? -14.727 -0.461  -11.351 1.00 55.15 ? 125  SER A CA  1 
ATOM   839  C C   . SER A 1 125 ? -14.502 -0.919  -9.914  1.00 52.68 ? 125  SER A C   1 
ATOM   840  O O   . SER A 1 125 ? -14.162 -2.075  -9.661  1.00 52.13 ? 125  SER A O   1 
ATOM   841  C CB  . SER A 1 125 ? -16.220 -0.519  -11.683 1.00 56.02 ? 125  SER A CB  1 
ATOM   842  O OG  . SER A 1 125 ? -16.963 0.305   -10.804 1.00 58.03 ? 125  SER A OG  1 
ATOM   843  N N   . LEU A 1 126 ? -14.691 0.002   -8.973  1.00 49.72 ? 126  LEU A N   1 
ATOM   844  C CA  . LEU A 1 126 ? -14.515 -0.296  -7.560  1.00 47.10 ? 126  LEU A CA  1 
ATOM   845  C C   . LEU A 1 126 ? -15.828 -0.771  -6.943  1.00 46.59 ? 126  LEU A C   1 
ATOM   846  O O   . LEU A 1 126 ? -16.910 -0.486  -7.464  1.00 45.35 ? 126  LEU A O   1 
ATOM   847  C CB  . LEU A 1 126 ? -14.037 0.950   -6.807  1.00 45.31 ? 126  LEU A CB  1 
ATOM   848  C CG  . LEU A 1 126 ? -12.687 1.578   -7.169  1.00 44.58 ? 126  LEU A CG  1 
ATOM   849  C CD1 . LEU A 1 126 ? -12.531 2.879   -6.404  1.00 42.06 ? 126  LEU A CD1 1 
ATOM   850  C CD2 . LEU A 1 126 ? -11.545 0.623   -6.837  1.00 43.77 ? 126  LEU A CD2 1 
ATOM   851  N N   . CYS A 1 127 ? -15.725 -1.497  -5.832  1.00 44.22 ? 127  CYS A N   1 
ATOM   852  C CA  . CYS A 1 127 ? -16.904 -1.983  -5.124  1.00 42.45 ? 127  CYS A CA  1 
ATOM   853  C C   . CYS A 1 127 ? -16.988 -1.174  -3.839  1.00 42.22 ? 127  CYS A C   1 
ATOM   854  O O   . CYS A 1 127 ? -18.061 -1.022  -3.249  1.00 42.00 ? 127  CYS A O   1 
ATOM   855  C CB  . CYS A 1 127 ? -16.764 -3.460  -4.754  1.00 42.39 ? 127  CYS A CB  1 
ATOM   856  S SG  . CYS A 1 127 ? -16.075 -4.585  -6.008  1.00 41.67 ? 127  CYS A SG  1 
ATOM   857  N N   . ARG A 1 128 ? -15.838 -0.659  -3.412  1.00 40.49 ? 128  ARG A N   1 
ATOM   858  C CA  . ARG A 1 128 ? -15.737 0.137   -2.192  1.00 40.91 ? 128  ARG A CA  1 
ATOM   859  C C   . ARG A 1 128 ? -16.075 -0.742  -0.989  1.00 39.85 ? 128  ARG A C   1 
ATOM   860  O O   . ARG A 1 128 ? -16.702 -0.284  -0.028  1.00 38.29 ? 128  ARG A O   1 
ATOM   861  C CB  . ARG A 1 128 ? -16.700 1.330   -2.249  1.00 43.84 ? 128  ARG A CB  1 
ATOM   862  C CG  . ARG A 1 128 ? -16.939 1.878   -3.655  1.00 48.18 ? 128  ARG A CG  1 
ATOM   863  C CD  . ARG A 1 128 ? -16.368 3.263   -3.850  1.00 50.04 ? 128  ARG A CD  1 
ATOM   864  N NE  . ARG A 1 128 ? -16.879 4.230   -2.881  1.00 53.47 ? 128  ARG A NE  1 
ATOM   865  C CZ  . ARG A 1 128 ? -18.166 4.497   -2.683  1.00 54.68 ? 128  ARG A CZ  1 
ATOM   866  N NH1 . ARG A 1 128 ? -19.096 3.865   -3.388  1.00 56.47 ? 128  ARG A NH1 1 
ATOM   867  N NH2 . ARG A 1 128 ? -18.522 5.410   -1.788  1.00 55.16 ? 128  ARG A NH2 1 
ATOM   868  N N   . THR A 1 129 ? -15.649 -2.002  -1.046  1.00 39.29 ? 129  THR A N   1 
ATOM   869  C CA  . THR A 1 129 ? -15.905 -2.962  0.027   1.00 38.78 ? 129  THR A CA  1 
ATOM   870  C C   . THR A 1 129 ? -14.670 -3.353  0.841   1.00 39.43 ? 129  THR A C   1 
ATOM   871  O O   . THR A 1 129 ? -14.796 -3.984  1.892   1.00 39.96 ? 129  THR A O   1 
ATOM   872  C CB  . THR A 1 129 ? -16.537 -4.255  -0.528  1.00 39.44 ? 129  THR A CB  1 
ATOM   873  O OG1 . THR A 1 129 ? -15.715 -4.777  -1.579  1.00 36.79 ? 129  THR A OG1 1 
ATOM   874  C CG2 . THR A 1 129 ? -17.940 -3.979  -1.063  1.00 39.77 ? 129  THR A CG2 1 
ATOM   875  N N   . ASN A 1 130 ? -13.481 -2.993  0.359   1.00 36.78 ? 130  ASN A N   1 
ATOM   876  C CA  . ASN A 1 130 ? -12.241 -3.308  1.071   1.00 35.61 ? 130  ASN A CA  1 
ATOM   877  C C   . ASN A 1 130 ? -11.427 -2.044  1.313   1.00 34.34 ? 130  ASN A C   1 
ATOM   878  O O   . ASN A 1 130 ? -11.312 -1.190  0.429   1.00 34.90 ? 130  ASN A O   1 
ATOM   879  C CB  . ASN A 1 130 ? -11.364 -4.269  0.259   1.00 34.87 ? 130  ASN A CB  1 
ATOM   880  C CG  . ASN A 1 130 ? -12.070 -5.553  -0.110  1.00 35.55 ? 130  ASN A CG  1 
ATOM   881  O OD1 . ASN A 1 130 ? -11.709 -6.202  -1.093  1.00 36.46 ? 130  ASN A OD1 1 
ATOM   882  N ND2 . ASN A 1 130 ? -13.067 -5.940  0.678   1.00 37.31 ? 130  ASN A ND2 1 
ATOM   883  N N   . ALA A 1 131 ? -10.873 -1.928  2.513   1.00 30.81 ? 131  ALA A N   1 
ATOM   884  C CA  . ALA A 1 131 ? -10.018 -0.802  2.875   1.00 31.41 ? 131  ALA A CA  1 
ATOM   885  C C   . ALA A 1 131 ? -8.767  -1.468  3.452   1.00 31.57 ? 131  ALA A C   1 
ATOM   886  O O   . ALA A 1 131 ? -8.889  -2.393  4.266   1.00 31.06 ? 131  ALA A O   1 
ATOM   887  C CB  . ALA A 1 131 ? -10.692 0.068   3.928   1.00 28.16 ? 131  ALA A CB  1 
ATOM   888  N N   . GLU A 1 132 ? -7.577  -1.020  3.049   1.00 28.80 ? 132  GLU A N   1 
ATOM   889  C CA  . GLU A 1 132 ? -6.358  -1.658  3.547   1.00 28.05 ? 132  GLU A CA  1 
ATOM   890  C C   . GLU A 1 132 ? -5.091  -0.811  3.661   1.00 28.83 ? 132  GLU A C   1 
ATOM   891  O O   . GLU A 1 132 ? -4.922  0.201   2.964   1.00 25.96 ? 132  GLU A O   1 
ATOM   892  C CB  . GLU A 1 132 ? -6.039  -2.891  2.690   1.00 27.24 ? 132  GLU A CB  1 
ATOM   893  C CG  . GLU A 1 132 ? -5.740  -2.590  1.224   1.00 29.97 ? 132  GLU A CG  1 
ATOM   894  C CD  . GLU A 1 132 ? -6.952  -2.721  0.304   1.00 33.11 ? 132  GLU A CD  1 
ATOM   895  O OE1 . GLU A 1 132 ? -6.851  -2.287  -0.868  1.00 32.09 ? 132  GLU A OE1 1 
ATOM   896  O OE2 . GLU A 1 132 ? -7.994  -3.266  0.735   1.00 31.62 ? 132  GLU A OE2 1 
ATOM   897  N N   . PHE A 1 133 ? -4.205  -1.265  4.551   1.00 26.46 ? 133  PHE A N   1 
ATOM   898  C CA  . PHE A 1 133 ? -2.900  -0.656  4.818   1.00 26.44 ? 133  PHE A CA  1 
ATOM   899  C C   . PHE A 1 133 ? -1.964  -1.843  4.645   1.00 26.92 ? 133  PHE A C   1 
ATOM   900  O O   . PHE A 1 133 ? -1.959  -2.768  5.462   1.00 24.49 ? 133  PHE A O   1 
ATOM   901  C CB  . PHE A 1 133 ? -2.859  -0.115  6.240   1.00 27.31 ? 133  PHE A CB  1 
ATOM   902  C CG  . PHE A 1 133 ? -3.957  0.858   6.531   1.00 26.98 ? 133  PHE A CG  1 
ATOM   903  C CD1 . PHE A 1 133 ? -5.223  0.408   6.893   1.00 28.35 ? 133  PHE A CD1 1 
ATOM   904  C CD2 . PHE A 1 133 ? -3.746  2.226   6.376   1.00 26.53 ? 133  PHE A CD2 1 
ATOM   905  C CE1 . PHE A 1 133 ? -6.271  1.307   7.094   1.00 29.42 ? 133  PHE A CE1 1 
ATOM   906  C CE2 . PHE A 1 133 ? -4.785  3.134   6.576   1.00 28.84 ? 133  PHE A CE2 1 
ATOM   907  C CZ  . PHE A 1 133 ? -6.050  2.674   6.935   1.00 28.48 ? 133  PHE A CZ  1 
ATOM   908  N N   . ILE A 1 134 ? -1.160  -1.805  3.588   1.00 24.37 ? 134  ILE A N   1 
ATOM   909  C CA  . ILE A 1 134 ? -0.331  -2.946  3.238   1.00 23.22 ? 134  ILE A CA  1 
ATOM   910  C C   . ILE A 1 134 ? 1.165   -2.760  2.995   1.00 25.15 ? 134  ILE A C   1 
ATOM   911  O O   . ILE A 1 134 ? 1.610   -1.717  2.507   1.00 21.98 ? 134  ILE A O   1 
ATOM   912  C CB  . ILE A 1 134 ? -0.919  -3.593  1.957   1.00 22.78 ? 134  ILE A CB  1 
ATOM   913  C CG1 . ILE A 1 134 ? -2.373  -4.029  2.198   1.00 24.47 ? 134  ILE A CG1 1 
ATOM   914  C CG2 . ILE A 1 134 ? -0.054  -4.753  1.495   1.00 21.46 ? 134  ILE A CG2 1 
ATOM   915  C CD1 . ILE A 1 134 ? -2.522  -5.217  3.155   1.00 21.87 ? 134  ILE A CD1 1 
ATOM   916  N N   . ILE A 1 135 ? 1.925   -3.797  3.357   1.00 22.52 ? 135  ILE A N   1 
ATOM   917  C CA  . ILE A 1 135 ? 3.353   -3.861  3.086   1.00 21.83 ? 135  ILE A CA  1 
ATOM   918  C C   . ILE A 1 135 ? 3.329   -5.019  2.092   1.00 23.62 ? 135  ILE A C   1 
ATOM   919  O O   . ILE A 1 135 ? 2.789   -6.091  2.394   1.00 22.59 ? 135  ILE A O   1 
ATOM   920  C CB  . ILE A 1 135 ? 4.190   -4.279  4.309   1.00 23.37 ? 135  ILE A CB  1 
ATOM   921  C CG1 . ILE A 1 135 ? 4.136   -3.190  5.380   1.00 24.28 ? 135  ILE A CG1 1 
ATOM   922  C CG2 . ILE A 1 135 ? 5.624   -4.561  3.865   1.00 24.87 ? 135  ILE A CG2 1 
ATOM   923  C CD1 . ILE A 1 135 ? 4.528   -1.801  4.890   1.00 25.27 ? 135  ILE A CD1 1 
ATOM   924  N N   . GLU A 1 136 ? 3.897   -4.817  0.908   1.00 22.35 ? 136  GLU A N   1 
ATOM   925  C CA  . GLU A 1 136 ? 3.843   -5.855  -0.106  1.00 23.09 ? 136  GLU A CA  1 
ATOM   926  C C   . GLU A 1 136 ? 5.144   -6.207  -0.809  1.00 22.57 ? 136  GLU A C   1 
ATOM   927  O O   . GLU A 1 136 ? 6.034   -5.374  -0.960  1.00 24.36 ? 136  GLU A O   1 
ATOM   928  C CB  . GLU A 1 136 ? 2.812   -5.440  -1.167  1.00 21.78 ? 136  GLU A CB  1 
ATOM   929  C CG  . GLU A 1 136 ? 2.732   -6.342  -2.400  1.00 23.58 ? 136  GLU A CG  1 
ATOM   930  C CD  . GLU A 1 136 ? 1.775   -5.804  -3.461  1.00 26.17 ? 136  GLU A CD  1 
ATOM   931  O OE1 . GLU A 1 136 ? 1.580   -6.481  -4.494  1.00 29.55 ? 136  GLU A OE1 1 
ATOM   932  O OE2 . GLU A 1 136 ? 1.229   -4.702  -3.267  1.00 27.65 ? 136  GLU A OE2 1 
ATOM   933  N N   . ASP A 1 137 ? 5.239   -7.467  -1.218  1.00 22.19 ? 137  ASP A N   1 
ATOM   934  C CA  . ASP A 1 137 ? 6.369   -7.946  -2.010  1.00 24.07 ? 137  ASP A CA  1 
ATOM   935  C C   . ASP A 1 137 ? 5.720   -7.871  -3.389  1.00 24.80 ? 137  ASP A C   1 
ATOM   936  O O   . ASP A 1 137 ? 5.051   -8.816  -3.816  1.00 24.76 ? 137  ASP A O   1 
ATOM   937  C CB  . ASP A 1 137 ? 6.707   -9.399  -1.683  1.00 20.74 ? 137  ASP A CB  1 
ATOM   938  C CG  . ASP A 1 137 ? 7.817   -9.949  -2.564  1.00 23.20 ? 137  ASP A CG  1 
ATOM   939  O OD1 . ASP A 1 137 ? 8.174   -11.138 -2.425  1.00 20.89 ? 137  ASP A OD1 1 
ATOM   940  O OD2 . ASP A 1 137 ? 8.338   -9.185  -3.404  1.00 25.14 ? 137  ASP A OD2 1 
ATOM   941  N N   . PHE A 1 138 ? 5.889   -6.742  -4.073  1.00 24.61 ? 138  PHE A N   1 
ATOM   942  C CA  . PHE A 1 138 ? 5.242   -6.556  -5.369  1.00 26.83 ? 138  PHE A CA  1 
ATOM   943  C C   . PHE A 1 138 ? 5.838   -7.335  -6.527  1.00 29.02 ? 138  PHE A C   1 
ATOM   944  O O   . PHE A 1 138 ? 6.876   -7.977  -6.397  1.00 27.07 ? 138  PHE A O   1 
ATOM   945  C CB  . PHE A 1 138 ? 5.166   -5.063  -5.728  1.00 27.50 ? 138  PHE A CB  1 
ATOM   946  C CG  . PHE A 1 138 ? 6.506   -4.375  -5.810  1.00 26.24 ? 138  PHE A CG  1 
ATOM   947  C CD1 . PHE A 1 138 ? 7.076   -3.791  -4.682  1.00 26.07 ? 138  PHE A CD1 1 
ATOM   948  C CD2 . PHE A 1 138 ? 7.180   -4.284  -7.027  1.00 28.52 ? 138  PHE A CD2 1 
ATOM   949  C CE1 . PHE A 1 138 ? 8.303   -3.117  -4.765  1.00 26.57 ? 138  PHE A CE1 1 
ATOM   950  C CE2 . PHE A 1 138 ? 8.405   -3.617  -7.127  1.00 25.68 ? 138  PHE A CE2 1 
ATOM   951  C CZ  . PHE A 1 138 ? 8.968   -3.030  -5.989  1.00 27.32 ? 138  PHE A CZ  1 
ATOM   952  N N   . GLU A 1 139 ? 5.152   -7.285  -7.663  1.00 32.12 ? 139  GLU A N   1 
ATOM   953  C CA  . GLU A 1 139 ? 5.588   -7.996  -8.856  1.00 35.79 ? 139  GLU A CA  1 
ATOM   954  C C   . GLU A 1 139 ? 6.097   -7.076  -9.951  1.00 36.12 ? 139  GLU A C   1 
ATOM   955  O O   . GLU A 1 139 ? 5.691   -5.919  -10.050 1.00 32.74 ? 139  GLU A O   1 
ATOM   956  C CB  . GLU A 1 139 ? 4.436   -8.819  -9.435  1.00 39.19 ? 139  GLU A CB  1 
ATOM   957  C CG  . GLU A 1 139 ? 3.981   -9.988  -8.588  1.00 45.21 ? 139  GLU A CG  1 
ATOM   958  C CD  . GLU A 1 139 ? 2.838   -10.753 -9.239  1.00 48.06 ? 139  GLU A CD  1 
ATOM   959  O OE1 . GLU A 1 139 ? 1.739   -10.174 -9.378  1.00 51.19 ? 139  GLU A OE1 1 
ATOM   960  O OE2 . GLU A 1 139 ? 3.042   -11.927 -9.617  1.00 50.05 ? 139  GLU A OE2 1 
ATOM   961  N N   . GLU A 1 140 ? 6.991   -7.612  -10.772 1.00 38.94 ? 140  GLU A N   1 
ATOM   962  C CA  . GLU A 1 140 ? 7.532   -6.889  -11.915 1.00 44.06 ? 140  GLU A CA  1 
ATOM   963  C C   . GLU A 1 140 ? 7.133   -7.749  -13.111 1.00 45.50 ? 140  GLU A C   1 
ATOM   964  O O   . GLU A 1 140 ? 7.418   -8.948  -13.136 1.00 41.88 ? 140  GLU A O   1 
ATOM   965  C CB  . GLU A 1 140 ? 9.059   -6.794  -11.844 1.00 46.51 ? 140  GLU A CB  1 
ATOM   966  C CG  . GLU A 1 140 ? 9.602   -5.938  -10.711 1.00 53.92 ? 140  GLU A CG  1 
ATOM   967  C CD  . GLU A 1 140 ? 9.289   -4.456  -10.867 1.00 58.48 ? 140  GLU A CD  1 
ATOM   968  O OE1 . GLU A 1 140 ? 8.095   -4.097  -10.938 1.00 61.94 ? 140  GLU A OE1 1 
ATOM   969  O OE2 . GLU A 1 140 ? 10.243  -3.646  -10.912 1.00 60.09 ? 140  GLU A OE2 1 
ATOM   970  N N   . CYS A 1 141 ? 6.453   -7.153  -14.084 1.00 49.06 ? 141  CYS A N   1 
ATOM   971  C CA  . CYS A 1 141 ? 6.039   -7.899  -15.266 1.00 54.19 ? 141  CYS A CA  1 
ATOM   972  C C   . CYS A 1 141 ? 6.697   -7.316  -16.511 1.00 57.97 ? 141  CYS A C   1 
ATOM   973  O O   . CYS A 1 141 ? 7.246   -6.214  -16.480 1.00 58.30 ? 141  CYS A O   1 
ATOM   974  C CB  . CYS A 1 141 ? 4.525   -7.830  -15.466 1.00 52.90 ? 141  CYS A CB  1 
ATOM   975  S SG  . CYS A 1 141 ? 3.404   -8.303  -14.108 1.00 52.64 ? 141  CYS A SG  1 
ATOM   976  N N   . ASN A 1 142 ? 6.623   -8.065  -17.608 1.00 63.18 ? 142  ASN A N   1 
ATOM   977  C CA  . ASN A 1 142 ? 7.170   -7.645  -18.894 1.00 68.01 ? 142  ASN A CA  1 
ATOM   978  C C   . ASN A 1 142 ? 6.764   -8.678  -19.934 1.00 70.77 ? 142  ASN A C   1 
ATOM   979  O O   . ASN A 1 142 ? 5.901   -9.521  -19.673 1.00 70.24 ? 142  ASN A O   1 
ATOM   980  C CB  . ASN A 1 142 ? 8.700   -7.534  -18.843 1.00 70.62 ? 142  ASN A CB  1 
ATOM   981  C CG  . ASN A 1 142 ? 9.286   -6.905  -20.108 1.00 72.78 ? 142  ASN A CG  1 
ATOM   982  O OD1 . ASN A 1 142 ? 9.004   -5.747  -20.428 1.00 73.62 ? 142  ASN A OD1 1 
ATOM   983  N ND2 . ASN A 1 142 ? 10.098  -7.670  -20.831 1.00 73.09 ? 142  ASN A ND2 1 
ATOM   984  N N   . SER A 1 143 ? 7.390   -8.616  -21.107 1.00 73.94 ? 143  SER A N   1 
ATOM   985  C CA  . SER A 1 143 ? 7.083   -9.542  -22.193 1.00 76.02 ? 143  SER A CA  1 
ATOM   986  C C   . SER A 1 143 ? 5.566   -9.691  -22.294 1.00 77.05 ? 143  SER A C   1 
ATOM   987  O O   . SER A 1 143 ? 5.002   -10.711 -21.883 1.00 77.85 ? 143  SER A O   1 
ATOM   988  C CB  . SER A 1 143 ? 7.736   -10.904 -21.927 1.00 76.40 ? 143  SER A CB  1 
ATOM   989  O OG  . SER A 1 143 ? 7.314   -11.444 -20.686 1.00 76.36 ? 143  SER A OG  1 
ATOM   990  N N   . ASN A 1 144 ? 4.916   -8.663  -22.837 1.00 76.81 ? 144  ASN A N   1 
ATOM   991  C CA  . ASN A 1 144 ? 3.462   -8.642  -22.989 1.00 76.46 ? 144  ASN A CA  1 
ATOM   992  C C   . ASN A 1 144 ? 2.830   -8.567  -21.600 1.00 75.01 ? 144  ASN A C   1 
ATOM   993  O O   . ASN A 1 144 ? 2.376   -7.510  -21.158 1.00 75.18 ? 144  ASN A O   1 
ATOM   994  C CB  . ASN A 1 144 ? 2.966   -9.908  -23.700 1.00 77.74 ? 144  ASN A CB  1 
ATOM   995  C CG  . ASN A 1 144 ? 4.013   -10.517 -24.614 1.00 79.20 ? 144  ASN A CG  1 
ATOM   996  O OD1 . ASN A 1 144 ? 4.576   -9.841  -25.474 1.00 80.98 ? 144  ASN A OD1 1 
ATOM   997  N ND2 . ASN A 1 144 ? 4.276   -11.808 -24.430 1.00 79.45 ? 144  ASN A ND2 1 
ATOM   998  N N   . GLY A 1 145 ? 2.821   -9.714  -20.926 1.00 73.38 ? 145  GLY A N   1 
ATOM   999  C CA  . GLY A 1 145 ? 2.269   -9.836  -19.590 1.00 69.85 ? 145  GLY A CA  1 
ATOM   1000 C C   . GLY A 1 145 ? 2.389   -11.303 -19.225 1.00 67.56 ? 145  GLY A C   1 
ATOM   1001 O O   . GLY A 1 145 ? 1.909   -11.757 -18.188 1.00 66.67 ? 145  GLY A O   1 
ATOM   1002 N N   . SER A 1 146 ? 3.055   -12.036 -20.111 1.00 65.59 ? 146  SER A N   1 
ATOM   1003 C CA  . SER A 1 146 ? 3.278   -13.469 -19.972 1.00 63.72 ? 146  SER A CA  1 
ATOM   1004 C C   . SER A 1 146 ? 4.269   -13.838 -18.872 1.00 61.85 ? 146  SER A C   1 
ATOM   1005 O O   . SER A 1 146 ? 4.427   -15.016 -18.543 1.00 60.96 ? 146  SER A O   1 
ATOM   1006 C CB  . SER A 1 146 ? 3.779   -14.037 -21.302 1.00 64.70 ? 146  SER A CB  1 
ATOM   1007 O OG  . SER A 1 146 ? 5.016   -13.447 -21.674 1.00 64.32 ? 146  SER A OG  1 
ATOM   1008 N N   . ASP A 1 147 ? 4.945   -12.842 -18.313 1.00 59.64 ? 147  ASP A N   1 
ATOM   1009 C CA  . ASP A 1 147 ? 5.914   -13.115 -17.263 1.00 56.99 ? 147  ASP A CA  1 
ATOM   1010 C C   . ASP A 1 147 ? 5.922   -12.067 -16.164 1.00 54.60 ? 147  ASP A C   1 
ATOM   1011 O O   . ASP A 1 147 ? 6.412   -10.953 -16.350 1.00 53.76 ? 147  ASP A O   1 
ATOM   1012 C CB  . ASP A 1 147 ? 7.323   -13.234 -17.851 1.00 58.11 ? 147  ASP A CB  1 
ATOM   1013 C CG  . ASP A 1 147 ? 8.370   -13.564 -16.796 1.00 59.66 ? 147  ASP A CG  1 
ATOM   1014 O OD1 . ASP A 1 147 ? 9.576   -13.550 -17.122 1.00 60.73 ? 147  ASP A OD1 1 
ATOM   1015 O OD2 . ASP A 1 147 ? 7.987   -13.841 -15.638 1.00 60.50 ? 147  ASP A OD2 1 
ATOM   1016 N N   . CYS A 1 148 ? 5.364   -12.436 -15.018 1.00 50.82 ? 148  CYS A N   1 
ATOM   1017 C CA  . CYS A 1 148 ? 5.334   -11.559 -13.862 1.00 48.38 ? 148  CYS A CA  1 
ATOM   1018 C C   . CYS A 1 148 ? 6.021   -12.329 -12.745 1.00 46.43 ? 148  CYS A C   1 
ATOM   1019 O O   . CYS A 1 148 ? 5.727   -13.502 -12.518 1.00 45.27 ? 148  CYS A O   1 
ATOM   1020 C CB  . CYS A 1 148 ? 3.906   -11.247 -13.430 1.00 49.75 ? 148  CYS A CB  1 
ATOM   1021 S SG  . CYS A 1 148 ? 2.870   -10.220 -14.524 1.00 51.74 ? 148  CYS A SG  1 
ATOM   1022 N N   . GLU A 1 149 ? 6.933   -11.668 -12.050 1.00 42.87 ? 149  GLU A N   1 
ATOM   1023 C CA  . GLU A 1 149 ? 7.659   -12.300 -10.965 1.00 40.59 ? 149  GLU A CA  1 
ATOM   1024 C C   . GLU A 1 149 ? 7.689   -11.383 -9.759  1.00 36.45 ? 149  GLU A C   1 
ATOM   1025 O O   . GLU A 1 149 ? 7.704   -10.161 -9.901  1.00 33.89 ? 149  GLU A O   1 
ATOM   1026 C CB  . GLU A 1 149 ? 9.095   -12.608 -11.399 1.00 45.50 ? 149  GLU A CB  1 
ATOM   1027 C CG  . GLU A 1 149 ? 9.314   -14.013 -11.936 1.00 52.76 ? 149  GLU A CG  1 
ATOM   1028 C CD  . GLU A 1 149 ? 9.197   -15.084 -10.857 1.00 58.27 ? 149  GLU A CD  1 
ATOM   1029 O OE1 . GLU A 1 149 ? 9.552   -16.250 -11.142 1.00 60.39 ? 149  GLU A OE1 1 
ATOM   1030 O OE2 . GLU A 1 149 ? 8.744   -14.770 -9.727  1.00 61.97 ? 149  GLU A OE2 1 
ATOM   1031 N N   . PHE A 1 150 ? 7.683   -11.975 -8.571  1.00 31.74 ? 150  PHE A N   1 
ATOM   1032 C CA  . PHE A 1 150 ? 7.749   -11.183 -7.355  1.00 29.75 ? 150  PHE A CA  1 
ATOM   1033 C C   . PHE A 1 150 ? 9.185   -10.702 -7.214  1.00 27.46 ? 150  PHE A C   1 
ATOM   1034 O O   . PHE A 1 150 ? 10.128  -11.460 -7.449  1.00 26.04 ? 150  PHE A O   1 
ATOM   1035 C CB  . PHE A 1 150 ? 7.383   -12.023 -6.126  1.00 29.78 ? 150  PHE A CB  1 
ATOM   1036 C CG  . PHE A 1 150 ? 5.945   -12.444 -6.083  1.00 29.77 ? 150  PHE A CG  1 
ATOM   1037 C CD1 . PHE A 1 150 ? 5.575   -13.747 -6.410  1.00 29.13 ? 150  PHE A CD1 1 
ATOM   1038 C CD2 . PHE A 1 150 ? 4.958   -11.537 -5.724  1.00 30.03 ? 150  PHE A CD2 1 
ATOM   1039 C CE1 . PHE A 1 150 ? 4.237   -14.135 -6.378  1.00 30.57 ? 150  PHE A CE1 1 
ATOM   1040 C CE2 . PHE A 1 150 ? 3.620   -11.916 -5.690  1.00 29.40 ? 150  PHE A CE2 1 
ATOM   1041 C CZ  . PHE A 1 150 ? 3.258   -13.214 -6.018  1.00 29.83 ? 150  PHE A CZ  1 
ATOM   1042 N N   . VAL A 1 151 ? 9.361   -9.441  -6.845  1.00 27.35 ? 151  VAL A N   1 
ATOM   1043 C CA  . VAL A 1 151 ? 10.707  -8.925  -6.661  1.00 26.71 ? 151  VAL A CA  1 
ATOM   1044 C C   . VAL A 1 151 ? 11.259  -9.542  -5.384  1.00 26.58 ? 151  VAL A C   1 
ATOM   1045 O O   . VAL A 1 151 ? 10.498  -9.881  -4.475  1.00 24.24 ? 151  VAL A O   1 
ATOM   1046 C CB  . VAL A 1 151 ? 10.717  -7.386  -6.480  1.00 28.87 ? 151  VAL A CB  1 
ATOM   1047 C CG1 . VAL A 1 151 ? 10.168  -6.710  -7.713  1.00 30.67 ? 151  VAL A CG1 1 
ATOM   1048 C CG2 . VAL A 1 151 ? 9.892   -6.994  -5.257  1.00 26.96 ? 151  VAL A CG2 1 
ATOM   1049 N N   . PRO A 1 152 ? 12.588  -9.739  -5.311  1.00 26.10 ? 152  PRO A N   1 
ATOM   1050 C CA  . PRO A 1 152 ? 13.149  -10.315 -4.083  1.00 23.85 ? 152  PRO A CA  1 
ATOM   1051 C C   . PRO A 1 152 ? 12.731  -9.344  -2.980  1.00 23.49 ? 152  PRO A C   1 
ATOM   1052 O O   . PRO A 1 152 ? 12.794  -8.127  -3.170  1.00 22.41 ? 152  PRO A O   1 
ATOM   1053 C CB  . PRO A 1 152 ? 14.654  -10.278 -4.339  1.00 24.59 ? 152  PRO A CB  1 
ATOM   1054 C CG  . PRO A 1 152 ? 14.739  -10.492 -5.837  1.00 26.03 ? 152  PRO A CG  1 
ATOM   1055 C CD  . PRO A 1 152 ? 13.616  -9.605  -6.363  1.00 26.18 ? 152  PRO A CD  1 
ATOM   1056 N N   . PHE A 1 153 ? 12.297  -9.867  -1.838  1.00 24.15 ? 153  PHE A N   1 
ATOM   1057 C CA  . PHE A 1 153 ? 11.837  -9.011  -0.750  1.00 23.10 ? 153  PHE A CA  1 
ATOM   1058 C C   . PHE A 1 153 ? 12.983  -8.433  0.074   1.00 23.67 ? 153  PHE A C   1 
ATOM   1059 O O   . PHE A 1 153 ? 13.728  -9.166  0.724   1.00 23.98 ? 153  PHE A O   1 
ATOM   1060 C CB  . PHE A 1 153 ? 10.885  -9.801  0.150   1.00 22.83 ? 153  PHE A CB  1 
ATOM   1061 C CG  . PHE A 1 153 ? 10.012  -8.942  1.023   1.00 21.78 ? 153  PHE A CG  1 
ATOM   1062 C CD1 . PHE A 1 153 ? 10.011  -9.115  2.405   1.00 21.61 ? 153  PHE A CD1 1 
ATOM   1063 C CD2 . PHE A 1 153 ? 9.151   -7.998  0.463   1.00 20.59 ? 153  PHE A CD2 1 
ATOM   1064 C CE1 . PHE A 1 153 ? 9.162   -8.360  3.218   1.00 21.29 ? 153  PHE A CE1 1 
ATOM   1065 C CE2 . PHE A 1 153 ? 8.301   -7.243  1.270   1.00 21.58 ? 153  PHE A CE2 1 
ATOM   1066 C CZ  . PHE A 1 153 ? 8.307   -7.427  2.648   1.00 21.19 ? 153  PHE A CZ  1 
ATOM   1067 N N   . ALA A 1 154 ? 13.107  -7.111  0.061   1.00 23.14 ? 154  ALA A N   1 
ATOM   1068 C CA  . ALA A 1 154 ? 14.172  -6.426  0.794   1.00 23.29 ? 154  ALA A CA  1 
ATOM   1069 C C   . ALA A 1 154 ? 13.970  -6.419  2.305   1.00 23.87 ? 154  ALA A C   1 
ATOM   1070 O O   . ALA A 1 154 ? 12.838  -6.429  2.793   1.00 22.41 ? 154  ALA A O   1 
ATOM   1071 C CB  . ALA A 1 154 ? 14.286  -4.989  0.306   1.00 19.91 ? 154  ALA A CB  1 
ATOM   1072 N N   . SER A 1 155 ? 15.070  -6.406  3.049   1.00 23.11 ? 155  SER A N   1 
ATOM   1073 C CA  . SER A 1 155 ? 14.961  -6.308  4.497   1.00 24.61 ? 155  SER A CA  1 
ATOM   1074 C C   . SER A 1 155 ? 14.783  -4.809  4.698   1.00 24.30 ? 155  SER A C   1 
ATOM   1075 O O   . SER A 1 155 ? 15.211  -4.017  3.856   1.00 24.74 ? 155  SER A O   1 
ATOM   1076 C CB  . SER A 1 155 ? 16.252  -6.770  5.188   1.00 24.60 ? 155  SER A CB  1 
ATOM   1077 O OG  . SER A 1 155 ? 17.346  -5.942  4.825   1.00 26.98 ? 155  SER A OG  1 
ATOM   1078 N N   . PHE A 1 156 ? 14.132  -4.405  5.779   1.00 23.13 ? 156  PHE A N   1 
ATOM   1079 C CA  . PHE A 1 156 ? 13.954  -2.979  6.032   1.00 24.91 ? 156  PHE A CA  1 
ATOM   1080 C C   . PHE A 1 156 ? 13.884  -2.703  7.515   1.00 25.94 ? 156  PHE A C   1 
ATOM   1081 O O   . PHE A 1 156 ? 13.487  -3.570  8.298   1.00 23.69 ? 156  PHE A O   1 
ATOM   1082 C CB  . PHE A 1 156 ? 12.682  -2.446  5.334   1.00 24.28 ? 156  PHE A CB  1 
ATOM   1083 C CG  . PHE A 1 156 ? 11.399  -3.113  5.781   1.00 23.10 ? 156  PHE A CG  1 
ATOM   1084 C CD1 . PHE A 1 156 ? 10.749  -2.705  6.946   1.00 23.68 ? 156  PHE A CD1 1 
ATOM   1085 C CD2 . PHE A 1 156 ? 10.827  -4.132  5.019   1.00 22.44 ? 156  PHE A CD2 1 
ATOM   1086 C CE1 . PHE A 1 156 ? 9.541   -3.302  7.347   1.00 22.45 ? 156  PHE A CE1 1 
ATOM   1087 C CE2 . PHE A 1 156 ? 9.625   -4.739  5.406   1.00 22.53 ? 156  PHE A CE2 1 
ATOM   1088 C CZ  . PHE A 1 156 ? 8.978   -4.322  6.576   1.00 22.42 ? 156  PHE A CZ  1 
ATOM   1089 N N   . SER A 1 157 ? 14.275  -1.491  7.897   1.00 25.73 ? 157  SER A N   1 
ATOM   1090 C CA  . SER A 1 157 ? 14.239  -1.070  9.287   1.00 26.83 ? 157  SER A CA  1 
ATOM   1091 C C   . SER A 1 157 ? 14.327  0.452   9.353   1.00 26.07 ? 157  SER A C   1 
ATOM   1092 O O   . SER A 1 157 ? 14.941  1.089   8.496   1.00 26.55 ? 157  SER A O   1 
ATOM   1093 C CB  . SER A 1 157 ? 15.392  -1.697  10.079  1.00 29.60 ? 157  SER A CB  1 
ATOM   1094 O OG  . SER A 1 157 ? 16.637  -1.388  9.488   1.00 34.60 ? 157  SER A OG  1 
ATOM   1095 N N   . PRO A 1 158 ? 13.698  1.056   10.366  1.00 25.89 ? 158  PRO A N   1 
ATOM   1096 C CA  . PRO A 1 158 ? 12.935  0.360   11.406  1.00 25.94 ? 158  PRO A CA  1 
ATOM   1097 C C   . PRO A 1 158 ? 11.626  -0.164  10.824  1.00 25.73 ? 158  PRO A C   1 
ATOM   1098 O O   . PRO A 1 158 ? 11.464  -0.220  9.604   1.00 24.66 ? 158  PRO A O   1 
ATOM   1099 C CB  . PRO A 1 158 ? 12.710  1.451   12.444  1.00 27.29 ? 158  PRO A CB  1 
ATOM   1100 C CG  . PRO A 1 158 ? 12.519  2.668   11.578  1.00 27.19 ? 158  PRO A CG  1 
ATOM   1101 C CD  . PRO A 1 158 ? 13.626  2.518   10.549  1.00 26.10 ? 158  PRO A CD  1 
ATOM   1102 N N   . ALA A 1 159 ? 10.696  -0.545  11.692  1.00 25.76 ? 159  ALA A N   1 
ATOM   1103 C CA  . ALA A 1 159 ? 9.402   -1.046  11.241  1.00 26.55 ? 159  ALA A CA  1 
ATOM   1104 C C   . ALA A 1 159 ? 8.647   0.065   10.513  1.00 26.29 ? 159  ALA A C   1 
ATOM   1105 O O   . ALA A 1 159 ? 8.773   1.243   10.862  1.00 25.28 ? 159  ALA A O   1 
ATOM   1106 C CB  . ALA A 1 159 ? 8.574   -1.527  12.441  1.00 24.66 ? 159  ALA A CB  1 
ATOM   1107 N N   . VAL A 1 160 ? 7.870   -0.308  9.501   1.00 24.86 ? 160  VAL A N   1 
ATOM   1108 C CA  . VAL A 1 160 ? 7.073   0.671   8.775   1.00 25.44 ? 160  VAL A CA  1 
ATOM   1109 C C   . VAL A 1 160 ? 5.744   0.766   9.511   1.00 25.59 ? 160  VAL A C   1 
ATOM   1110 O O   . VAL A 1 160 ? 5.007   -0.220  9.620   1.00 24.43 ? 160  VAL A O   1 
ATOM   1111 C CB  . VAL A 1 160 ? 6.815   0.244   7.319   1.00 25.39 ? 160  VAL A CB  1 
ATOM   1112 C CG1 . VAL A 1 160 ? 5.916   1.270   6.628   1.00 24.47 ? 160  VAL A CG1 1 
ATOM   1113 C CG2 . VAL A 1 160 ? 8.129   0.121   6.579   1.00 25.31 ? 160  VAL A CG2 1 
ATOM   1114 N N   . GLU A 1 161 ? 5.441   1.951   10.022  1.00 26.79 ? 161  GLU A N   1 
ATOM   1115 C CA  . GLU A 1 161 ? 4.210   2.142   10.761  1.00 28.56 ? 161  GLU A CA  1 
ATOM   1116 C C   . GLU A 1 161 ? 3.236   3.127   10.135  1.00 28.75 ? 161  GLU A C   1 
ATOM   1117 O O   . GLU A 1 161 ? 3.585   4.279   9.844   1.00 28.22 ? 161  GLU A O   1 
ATOM   1118 C CB  . GLU A 1 161 ? 4.541   2.574   12.188  1.00 32.41 ? 161  GLU A CB  1 
ATOM   1119 C CG  . GLU A 1 161 ? 5.384   1.550   12.929  1.00 39.62 ? 161  GLU A CG  1 
ATOM   1120 C CD  . GLU A 1 161 ? 5.728   1.982   14.333  1.00 43.01 ? 161  GLU A CD  1 
ATOM   1121 O OE1 . GLU A 1 161 ? 4.799   2.318   15.096  1.00 47.18 ? 161  GLU A OE1 1 
ATOM   1122 O OE2 . GLU A 1 161 ? 6.930   1.983   14.674  1.00 46.93 ? 161  GLU A OE2 1 
ATOM   1123 N N   . PHE A 1 162 ? 2.016   2.650   9.917   1.00 27.88 ? 162  PHE A N   1 
ATOM   1124 C CA  . PHE A 1 162 ? 0.941   3.466   9.367   1.00 27.95 ? 162  PHE A CA  1 
ATOM   1125 C C   . PHE A 1 162 ? 0.299   4.067   10.604  1.00 30.05 ? 162  PHE A C   1 
ATOM   1126 O O   . PHE A 1 162 ? -0.363  3.350   11.363  1.00 30.47 ? 162  PHE A O   1 
ATOM   1127 C CB  . PHE A 1 162 ? -0.095  2.597   8.652   1.00 26.88 ? 162  PHE A CB  1 
ATOM   1128 C CG  . PHE A 1 162 ? 0.421   1.900   7.417   1.00 27.28 ? 162  PHE A CG  1 
ATOM   1129 C CD1 . PHE A 1 162 ? 0.322   2.503   6.166   1.00 28.35 ? 162  PHE A CD1 1 
ATOM   1130 C CD2 . PHE A 1 162 ? 0.962   0.619   7.500   1.00 26.77 ? 162  PHE A CD2 1 
ATOM   1131 C CE1 . PHE A 1 162 ? 0.748   1.839   5.014   1.00 26.88 ? 162  PHE A CE1 1 
ATOM   1132 C CE2 . PHE A 1 162 ? 1.392   -0.055  6.353   1.00 27.04 ? 162  PHE A CE2 1 
ATOM   1133 C CZ  . PHE A 1 162 ? 1.283   0.556   5.108   1.00 29.23 ? 162  PHE A CZ  1 
ATOM   1134 N N   . THR A 1 163 ? 0.519   5.359   10.828  1.00 30.45 ? 163  THR A N   1 
ATOM   1135 C CA  . THR A 1 163 ? -0.045  6.040   11.984  1.00 31.97 ? 163  THR A CA  1 
ATOM   1136 C C   . THR A 1 163 ? -1.232  6.913   11.581  1.00 34.34 ? 163  THR A C   1 
ATOM   1137 O O   . THR A 1 163 ? -1.382  7.279   10.414  1.00 34.37 ? 163  THR A O   1 
ATOM   1138 C CB  . THR A 1 163 ? 1.015   6.906   12.697  1.00 33.20 ? 163  THR A CB  1 
ATOM   1139 O OG1 . THR A 1 163 ? 1.641   7.782   11.752  1.00 33.73 ? 163  THR A OG1 1 
ATOM   1140 C CG2 . THR A 1 163 ? 2.074   6.021   13.340  1.00 31.17 ? 163  THR A CG2 1 
ATOM   1141 N N   . ASP A 1 164 ? -2.075  7.239   12.555  1.00 34.97 ? 164  ASP A N   1 
ATOM   1142 C CA  . ASP A 1 164 ? -3.265  8.037   12.304  1.00 36.55 ? 164  ASP A CA  1 
ATOM   1143 C C   . ASP A 1 164 ? -4.066  7.452   11.153  1.00 36.59 ? 164  ASP A C   1 
ATOM   1144 O O   . ASP A 1 164 ? -4.556  8.183   10.285  1.00 36.72 ? 164  ASP A O   1 
ATOM   1145 C CB  . ASP A 1 164 ? -2.901  9.492   11.991  1.00 39.38 ? 164  ASP A CB  1 
ATOM   1146 C CG  . ASP A 1 164 ? -2.404  10.239  13.209  1.00 42.18 ? 164  ASP A CG  1 
ATOM   1147 O OD1 . ASP A 1 164 ? -2.948  10.009  14.310  1.00 44.54 ? 164  ASP A OD1 1 
ATOM   1148 O OD2 . ASP A 1 164 ? -1.478  11.065  13.066  1.00 45.60 ? 164  ASP A OD2 1 
ATOM   1149 N N   . CYS A 1 165 ? -4.190  6.127   11.139  1.00 33.76 ? 165  CYS A N   1 
ATOM   1150 C CA  . CYS A 1 165 ? -4.954  5.459   10.095  1.00 33.62 ? 165  CYS A CA  1 
ATOM   1151 C C   . CYS A 1 165 ? -6.393  5.930   10.169  1.00 34.71 ? 165  CYS A C   1 
ATOM   1152 O O   . CYS A 1 165 ? -6.960  6.066   11.253  1.00 34.74 ? 165  CYS A O   1 
ATOM   1153 C CB  . CYS A 1 165 ? -4.913  3.942   10.275  1.00 33.00 ? 165  CYS A CB  1 
ATOM   1154 S SG  . CYS A 1 165 ? -3.296  3.219   9.955   1.00 30.71 ? 165  CYS A SG  1 
ATOM   1155 N N   . SER A 1 166 ? -6.985  6.176   9.012   1.00 35.09 ? 166  SER A N   1 
ATOM   1156 C CA  . SER A 1 166 ? -8.358  6.635   8.971   1.00 36.43 ? 166  SER A CA  1 
ATOM   1157 C C   . SER A 1 166 ? -9.092  5.975   7.827   1.00 35.70 ? 166  SER A C   1 
ATOM   1158 O O   . SER A 1 166 ? -8.609  5.954   6.695   1.00 36.76 ? 166  SER A O   1 
ATOM   1159 C CB  . SER A 1 166 ? -8.404  8.158   8.813   1.00 37.00 ? 166  SER A CB  1 
ATOM   1160 O OG  . SER A 1 166 ? -9.744  8.619   8.762   1.00 40.22 ? 166  SER A OG  1 
ATOM   1161 N N   . VAL A 1 167 ? -10.252 5.409   8.142   1.00 34.73 ? 167  VAL A N   1 
ATOM   1162 C CA  . VAL A 1 167 ? -11.094 4.755   7.155   1.00 36.01 ? 167  VAL A CA  1 
ATOM   1163 C C   . VAL A 1 167 ? -12.506 5.274   7.369   1.00 39.43 ? 167  VAL A C   1 
ATOM   1164 O O   . VAL A 1 167 ? -12.994 5.313   8.500   1.00 38.34 ? 167  VAL A O   1 
ATOM   1165 C CB  . VAL A 1 167 ? -11.110 3.222   7.326   1.00 35.55 ? 167  VAL A CB  1 
ATOM   1166 C CG1 . VAL A 1 167 ? -12.083 2.604   6.335   1.00 33.47 ? 167  VAL A CG1 1 
ATOM   1167 C CG2 . VAL A 1 167 ? -9.712  2.657   7.116   1.00 32.28 ? 167  VAL A CG2 1 
ATOM   1168 N N   . THR A 1 168 ? -13.156 5.679   6.284   1.00 40.88 ? 168  THR A N   1 
ATOM   1169 C CA  . THR A 1 168 ? -14.510 6.200   6.371   1.00 44.46 ? 168  THR A CA  1 
ATOM   1170 C C   . THR A 1 168 ? -15.466 5.419   5.487   1.00 45.84 ? 168  THR A C   1 
ATOM   1171 O O   . THR A 1 168 ? -15.097 4.951   4.411   1.00 45.64 ? 168  THR A O   1 
ATOM   1172 C CB  . THR A 1 168 ? -14.556 7.692   5.965   1.00 44.32 ? 168  THR A CB  1 
ATOM   1173 O OG1 . THR A 1 168 ? -13.901 8.480   6.968   1.00 44.59 ? 168  THR A OG1 1 
ATOM   1174 C CG2 . THR A 1 168 ? -15.987 8.163   5.821   1.00 47.43 ? 168  THR A CG2 1 
ATOM   1175 N N   . SER A 1 169 ? -16.697 5.277   5.960   1.00 49.42 ? 169  SER A N   1 
ATOM   1176 C CA  . SER A 1 169 ? -17.732 4.573   5.220   1.00 52.50 ? 169  SER A CA  1 
ATOM   1177 C C   . SER A 1 169 ? -18.997 5.419   5.296   1.00 55.14 ? 169  SER A C   1 
ATOM   1178 O O   . SER A 1 169 ? -19.495 5.703   6.385   1.00 55.82 ? 169  SER A O   1 
ATOM   1179 C CB  . SER A 1 169 ? -17.983 3.198   5.837   1.00 51.99 ? 169  SER A CB  1 
ATOM   1180 O OG  . SER A 1 169 ? -18.954 2.485   5.095   1.00 53.49 ? 169  SER A OG  1 
ATOM   1181 N N   . ASP A 1 170 ? -19.504 5.830   4.140   1.00 58.21 ? 170  ASP A N   1 
ATOM   1182 C CA  . ASP A 1 170 ? -20.705 6.656   4.092   1.00 61.14 ? 170  ASP A CA  1 
ATOM   1183 C C   . ASP A 1 170 ? -20.534 7.894   4.963   1.00 61.64 ? 170  ASP A C   1 
ATOM   1184 O O   . ASP A 1 170 ? -21.501 8.399   5.530   1.00 62.61 ? 170  ASP A O   1 
ATOM   1185 C CB  . ASP A 1 170 ? -21.926 5.863   4.572   1.00 62.89 ? 170  ASP A CB  1 
ATOM   1186 C CG  . ASP A 1 170 ? -22.231 4.671   3.689   1.00 65.03 ? 170  ASP A CG  1 
ATOM   1187 O OD1 . ASP A 1 170 ? -22.395 4.865   2.464   1.00 66.02 ? 170  ASP A OD1 1 
ATOM   1188 O OD2 . ASP A 1 170 ? -22.314 3.541   4.219   1.00 65.99 ? 170  ASP A OD2 1 
ATOM   1189 N N   . GLY A 1 171 ? -19.298 8.370   5.080   1.00 62.12 ? 171  GLY A N   1 
ATOM   1190 C CA  . GLY A 1 171 ? -19.036 9.555   5.878   1.00 63.05 ? 171  GLY A CA  1 
ATOM   1191 C C   . GLY A 1 171 ? -18.677 9.303   7.332   1.00 63.43 ? 171  GLY A C   1 
ATOM   1192 O O   . GLY A 1 171 ? -18.163 10.194  8.006   1.00 63.97 ? 171  GLY A O   1 
ATOM   1193 N N   . GLU A 1 172 ? -18.942 8.096   7.823   1.00 63.14 ? 172  GLU A N   1 
ATOM   1194 C CA  . GLU A 1 172 ? -18.638 7.759   9.209   1.00 62.71 ? 172  GLU A CA  1 
ATOM   1195 C C   . GLU A 1 172 ? -17.337 6.980   9.361   1.00 61.06 ? 172  GLU A C   1 
ATOM   1196 O O   . GLU A 1 172 ? -16.962 6.196   8.488   1.00 60.87 ? 172  GLU A O   1 
ATOM   1197 C CB  . GLU A 1 172 ? -19.791 6.963   9.819   1.00 65.10 ? 172  GLU A CB  1 
ATOM   1198 C CG  . GLU A 1 172 ? -21.029 7.800   10.091  1.00 68.29 ? 172  GLU A CG  1 
ATOM   1199 C CD  . GLU A 1 172 ? -20.755 8.925   11.073  1.00 70.23 ? 172  GLU A CD  1 
ATOM   1200 O OE1 . GLU A 1 172 ? -20.434 8.630   12.245  1.00 71.60 ? 172  GLU A OE1 1 
ATOM   1201 O OE2 . GLU A 1 172 ? -20.855 10.105  10.672  1.00 71.74 ? 172  GLU A OE2 1 
ATOM   1202 N N   . SER A 1 173 ? -16.658 7.200   10.481  1.00 59.46 ? 173  SER A N   1 
ATOM   1203 C CA  . SER A 1 173 ? -15.393 6.534   10.770  1.00 58.09 ? 173  SER A CA  1 
ATOM   1204 C C   . SER A 1 173 ? -15.549 5.038   11.012  1.00 56.90 ? 173  SER A C   1 
ATOM   1205 O O   . SER A 1 173 ? -16.575 4.579   11.512  1.00 56.88 ? 173  SER A O   1 
ATOM   1206 C CB  . SER A 1 173 ? -14.734 7.167   11.998  1.00 57.87 ? 173  SER A CB  1 
ATOM   1207 O OG  . SER A 1 173 ? -14.465 8.540   11.780  1.00 60.28 ? 173  SER A OG  1 
ATOM   1208 N N   . VAL A 1 174 ? -14.514 4.287   10.651  1.00 54.95 ? 174  VAL A N   1 
ATOM   1209 C CA  . VAL A 1 174 ? -14.490 2.841   10.835  1.00 53.51 ? 174  VAL A CA  1 
ATOM   1210 C C   . VAL A 1 174 ? -13.156 2.483   11.478  1.00 52.67 ? 174  VAL A C   1 
ATOM   1211 O O   . VAL A 1 174 ? -12.098 2.695   10.882  1.00 53.51 ? 174  VAL A O   1 
ATOM   1212 C CB  . VAL A 1 174 ? -14.614 2.098   9.488   1.00 53.07 ? 174  VAL A CB  1 
ATOM   1213 C CG1 . VAL A 1 174 ? -14.483 0.600   9.706   1.00 52.89 ? 174  VAL A CG1 1 
ATOM   1214 C CG2 . VAL A 1 174 ? -15.949 2.419   8.837   1.00 53.54 ? 174  VAL A CG2 1 
ATOM   1215 N N   . SER A 1 175 ? -13.201 1.950   12.695  1.00 50.07 ? 175  SER A N   1 
ATOM   1216 C CA  . SER A 1 175 ? -11.977 1.587   13.395  1.00 48.14 ? 175  SER A CA  1 
ATOM   1217 C C   . SER A 1 175 ? -11.349 0.353   12.766  1.00 46.81 ? 175  SER A C   1 
ATOM   1218 O O   . SER A 1 175 ? -11.995 -0.357  11.995  1.00 45.92 ? 175  SER A O   1 
ATOM   1219 C CB  . SER A 1 175 ? -12.268 1.302   14.869  1.00 48.58 ? 175  SER A CB  1 
ATOM   1220 O OG  . SER A 1 175 ? -12.924 0.056   15.019  1.00 46.61 ? 175  SER A OG  1 
ATOM   1221 N N   . LEU A 1 176 ? -10.085 0.109   13.097  1.00 46.69 ? 176  LEU A N   1 
ATOM   1222 C CA  . LEU A 1 176 ? -9.363  -1.052  12.587  1.00 47.20 ? 176  LEU A CA  1 
ATOM   1223 C C   . LEU A 1 176 ? -9.574  -2.233  13.533  1.00 47.34 ? 176  LEU A C   1 
ATOM   1224 O O   . LEU A 1 176 ? -9.035  -3.322  13.321  1.00 46.41 ? 176  LEU A O   1 
ATOM   1225 C CB  . LEU A 1 176 ? -7.870  -0.736  12.471  1.00 47.69 ? 176  LEU A CB  1 
ATOM   1226 C CG  . LEU A 1 176 ? -7.410  0.065   11.243  1.00 48.47 ? 176  LEU A CG  1 
ATOM   1227 C CD1 . LEU A 1 176 ? -8.236  1.332   11.093  1.00 49.77 ? 176  LEU A CD1 1 
ATOM   1228 C CD2 . LEU A 1 176 ? -5.937  0.400   11.390  1.00 47.78 ? 176  LEU A CD2 1 
ATOM   1229 N N   . ASP A 1 177 ? -10.371 -1.997  14.572  1.00 46.84 ? 177  ASP A N   1 
ATOM   1230 C CA  . ASP A 1 177 ? -10.687 -3.001  15.589  1.00 47.89 ? 177  ASP A CA  1 
ATOM   1231 C C   . ASP A 1 177 ? -10.944 -4.400  15.042  1.00 45.62 ? 177  ASP A C   1 
ATOM   1232 O O   . ASP A 1 177 ? -10.453 -5.387  15.592  1.00 46.74 ? 177  ASP A O   1 
ATOM   1233 C CB  . ASP A 1 177 ? -11.916 -2.556  16.396  1.00 50.17 ? 177  ASP A CB  1 
ATOM   1234 C CG  . ASP A 1 177 ? -11.634 -1.357  17.288  1.00 54.34 ? 177  ASP A CG  1 
ATOM   1235 O OD1 . ASP A 1 177 ? -10.978 -0.400  16.819  1.00 56.68 ? 177  ASP A OD1 1 
ATOM   1236 O OD2 . ASP A 1 177 ? -12.078 -1.367  18.457  1.00 56.13 ? 177  ASP A OD2 1 
ATOM   1237 N N   . ASP A 1 178 ? -11.708 -4.487  13.959  1.00 43.88 ? 178  ASP A N   1 
ATOM   1238 C CA  . ASP A 1 178 ? -12.050 -5.780  13.380  1.00 41.88 ? 178  ASP A CA  1 
ATOM   1239 C C   . ASP A 1 178 ? -11.379 -6.090  12.042  1.00 38.98 ? 178  ASP A C   1 
ATOM   1240 O O   . ASP A 1 178 ? -11.885 -6.895  11.257  1.00 37.31 ? 178  ASP A O   1 
ATOM   1241 C CB  . ASP A 1 178 ? -13.568 -5.875  13.222  1.00 45.54 ? 178  ASP A CB  1 
ATOM   1242 C CG  . ASP A 1 178 ? -14.029 -7.275  12.873  1.00 50.61 ? 178  ASP A CG  1 
ATOM   1243 O OD1 . ASP A 1 178 ? -13.747 -8.206  13.660  1.00 51.59 ? 178  ASP A OD1 1 
ATOM   1244 O OD2 . ASP A 1 178 ? -14.667 -7.445  11.811  1.00 53.54 ? 178  ASP A OD2 1 
ATOM   1245 N N   . ALA A 1 179 ? -10.235 -5.467  11.782  1.00 34.69 ? 179  ALA A N   1 
ATOM   1246 C CA  . ALA A 1 179 ? -9.529  -5.703  10.526  1.00 34.28 ? 179  ALA A CA  1 
ATOM   1247 C C   . ALA A 1 179 ? -8.855  -7.072  10.501  1.00 32.27 ? 179  ALA A C   1 
ATOM   1248 O O   . ALA A 1 179 ? -8.408  -7.567  11.534  1.00 32.15 ? 179  ALA A O   1 
ATOM   1249 C CB  . ALA A 1 179 ? -8.483  -4.612  10.306  1.00 32.73 ? 179  ALA A CB  1 
ATOM   1250 N N   . GLN A 1 180 ? -8.798  -7.689  9.326   1.00 30.92 ? 180  GLN A N   1 
ATOM   1251 C CA  . GLN A 1 180 ? -8.126  -8.978  9.199   1.00 31.20 ? 180  GLN A CA  1 
ATOM   1252 C C   . GLN A 1 180 ? -6.639  -8.667  9.089   1.00 31.06 ? 180  GLN A C   1 
ATOM   1253 O O   . GLN A 1 180 ? -6.257  -7.621  8.558   1.00 29.81 ? 180  GLN A O   1 
ATOM   1254 C CB  . GLN A 1 180 ? -8.577  -9.715  7.943   1.00 34.14 ? 180  GLN A CB  1 
ATOM   1255 C CG  . GLN A 1 180 ? -10.049 -10.071 7.931   1.00 41.45 ? 180  GLN A CG  1 
ATOM   1256 C CD  . GLN A 1 180 ? -10.434 -10.920 6.737   1.00 44.46 ? 180  GLN A CD  1 
ATOM   1257 O OE1 . GLN A 1 180 ? -11.619 -11.145 6.480   1.00 48.57 ? 180  GLN A OE1 1 
ATOM   1258 N NE2 . GLN A 1 180 ? -9.435  -11.406 6.004   1.00 45.59 ? 180  GLN A NE2 1 
ATOM   1259 N N   . ILE A 1 181 ? -5.803  -9.567  9.589   1.00 28.37 ? 181  ILE A N   1 
ATOM   1260 C CA  . ILE A 1 181 ? -4.366  -9.360  9.541   1.00 28.59 ? 181  ILE A CA  1 
ATOM   1261 C C   . ILE A 1 181 ? -3.717  -10.393 8.639   1.00 28.20 ? 181  ILE A C   1 
ATOM   1262 O O   . ILE A 1 181 ? -4.062  -11.581 8.686   1.00 26.73 ? 181  ILE A O   1 
ATOM   1263 C CB  . ILE A 1 181 ? -3.754  -9.466  10.949  1.00 33.70 ? 181  ILE A CB  1 
ATOM   1264 C CG1 . ILE A 1 181 ? -4.384  -8.407  11.858  1.00 35.37 ? 181  ILE A CG1 1 
ATOM   1265 C CG2 . ILE A 1 181 ? -2.243  -9.290  10.884  1.00 32.36 ? 181  ILE A CG2 1 
ATOM   1266 C CD1 . ILE A 1 181 ? -3.939  -8.503  13.303  1.00 39.90 ? 181  ILE A CD1 1 
ATOM   1267 N N   . THR A 1 182 ? -2.788  -9.939  7.804   1.00 23.95 ? 182  THR A N   1 
ATOM   1268 C CA  . THR A 1 182 ? -2.077  -10.835 6.906   1.00 21.52 ? 182  THR A CA  1 
ATOM   1269 C C   . THR A 1 182 ? -0.581  -10.545 7.040   1.00 20.92 ? 182  THR A C   1 
ATOM   1270 O O   . THR A 1 182 ? -0.192  -9.479  7.525   1.00 20.88 ? 182  THR A O   1 
ATOM   1271 C CB  . THR A 1 182 ? -2.540  -10.633 5.434   1.00 23.71 ? 182  THR A CB  1 
ATOM   1272 O OG1 . THR A 1 182 ? -1.826  -11.533 4.572   1.00 22.48 ? 182  THR A OG1 1 
ATOM   1273 C CG2 . THR A 1 182 ? -2.302  -9.186  4.981   1.00 24.76 ? 182  THR A CG2 1 
ATOM   1274 N N   . GLN A 1 183 ? 0.249   -11.505 6.643   1.00 20.11 ? 183  GLN A N   1 
ATOM   1275 C CA  . GLN A 1 183 ? 1.701   -11.348 6.706   1.00 20.75 ? 183  GLN A CA  1 
ATOM   1276 C C   . GLN A 1 183 ? 2.293   -11.783 5.374   1.00 20.38 ? 183  GLN A C   1 
ATOM   1277 O O   . GLN A 1 183 ? 1.726   -12.632 4.677   1.00 19.04 ? 183  GLN A O   1 
ATOM   1278 C CB  . GLN A 1 183 ? 2.309   -12.239 7.802   1.00 21.27 ? 183  GLN A CB  1 
ATOM   1279 C CG  . GLN A 1 183 ? 1.615   -12.165 9.155   1.00 22.46 ? 183  GLN A CG  1 
ATOM   1280 C CD  . GLN A 1 183 ? 1.741   -10.804 9.812   1.00 24.21 ? 183  GLN A CD  1 
ATOM   1281 O OE1 . GLN A 1 183 ? 1.022   -10.495 10.772  1.00 27.28 ? 183  GLN A OE1 1 
ATOM   1282 N NE2 . GLN A 1 183 ? 2.658   -9.986  9.310   1.00 19.71 ? 183  GLN A NE2 1 
ATOM   1283 N N   . VAL A 1 184 ? 3.428   -11.197 5.006   1.00 19.79 ? 184  VAL A N   1 
ATOM   1284 C CA  . VAL A 1 184 ? 4.089   -11.615 3.778   1.00 18.44 ? 184  VAL A CA  1 
ATOM   1285 C C   . VAL A 1 184 ? 4.747   -12.931 4.181   1.00 19.89 ? 184  VAL A C   1 
ATOM   1286 O O   . VAL A 1 184 ? 5.360   -13.012 5.250   1.00 18.98 ? 184  VAL A O   1 
ATOM   1287 C CB  . VAL A 1 184 ? 5.162   -10.591 3.351   1.00 18.45 ? 184  VAL A CB  1 
ATOM   1288 C CG1 . VAL A 1 184 ? 5.908   -11.095 2.111   1.00 17.22 ? 184  VAL A CG1 1 
ATOM   1289 C CG2 . VAL A 1 184 ? 4.487   -9.234  3.067   1.00 19.83 ? 184  VAL A CG2 1 
ATOM   1290 N N   . ILE A 1 185 ? 4.611   -13.961 3.346   1.00 18.63 ? 185  ILE A N   1 
ATOM   1291 C CA  . ILE A 1 185 ? 5.186   -15.269 3.655   1.00 19.22 ? 185  ILE A CA  1 
ATOM   1292 C C   . ILE A 1 185 ? 5.973   -15.785 2.465   1.00 22.05 ? 185  ILE A C   1 
ATOM   1293 O O   . ILE A 1 185 ? 5.457   -15.880 1.347   1.00 21.00 ? 185  ILE A O   1 
ATOM   1294 C CB  . ILE A 1 185 ? 4.081   -16.293 4.033   1.00 19.39 ? 185  ILE A CB  1 
ATOM   1295 C CG1 . ILE A 1 185 ? 3.372   -15.830 5.308   1.00 18.34 ? 185  ILE A CG1 1 
ATOM   1296 C CG2 . ILE A 1 185 ? 4.688   -17.685 4.255   1.00 20.66 ? 185  ILE A CG2 1 
ATOM   1297 C CD1 . ILE A 1 185 ? 2.136   -16.670 5.680   1.00 20.25 ? 185  ILE A CD1 1 
ATOM   1298 N N   . ILE A 1 186 ? 7.234   -16.111 2.717   1.00 21.64 ? 186  ILE A N   1 
ATOM   1299 C CA  . ILE A 1 186 ? 8.128   -16.585 1.676   1.00 23.53 ? 186  ILE A CA  1 
ATOM   1300 C C   . ILE A 1 186 ? 8.819   -17.835 2.183   1.00 27.53 ? 186  ILE A C   1 
ATOM   1301 O O   . ILE A 1 186 ? 9.278   -17.870 3.324   1.00 27.42 ? 186  ILE A O   1 
ATOM   1302 C CB  . ILE A 1 186 ? 9.175   -15.501 1.340   1.00 23.95 ? 186  ILE A CB  1 
ATOM   1303 C CG1 . ILE A 1 186 ? 8.456   -14.204 0.955   1.00 23.10 ? 186  ILE A CG1 1 
ATOM   1304 C CG2 . ILE A 1 186 ? 10.086  -15.977 0.215   1.00 24.52 ? 186  ILE A CG2 1 
ATOM   1305 C CD1 . ILE A 1 186 ? 9.374   -13.025 0.694   1.00 23.99 ? 186  ILE A CD1 1 
ATOM   1306 N N   . ASN A 1 187 ? 8.877   -18.860 1.335   1.00 28.77 ? 187  ASN A N   1 
ATOM   1307 C CA  . ASN A 1 187 ? 9.495   -20.131 1.695   1.00 30.70 ? 187  ASN A CA  1 
ATOM   1308 C C   . ASN A 1 187 ? 8.984   -20.629 3.034   1.00 30.24 ? 187  ASN A C   1 
ATOM   1309 O O   . ASN A 1 187 ? 9.751   -21.080 3.887   1.00 28.68 ? 187  ASN A O   1 
ATOM   1310 C CB  . ASN A 1 187 ? 11.020  -20.001 1.717   1.00 31.86 ? 187  ASN A CB  1 
ATOM   1311 C CG  . ASN A 1 187 ? 11.586  -19.689 0.345   1.00 34.47 ? 187  ASN A CG  1 
ATOM   1312 O OD1 . ASN A 1 187 ? 11.065  -20.159 -0.663  1.00 36.75 ? 187  ASN A OD1 1 
ATOM   1313 N ND2 . ASN A 1 187 ? 12.654  -18.898 0.299   1.00 34.67 ? 187  ASN A ND2 1 
ATOM   1314 N N   . ASN A 1 188 ? 7.668   -20.533 3.198   1.00 29.54 ? 188  ASN A N   1 
ATOM   1315 C CA  . ASN A 1 188 ? 6.969   -20.966 4.392   1.00 27.69 ? 188  ASN A CA  1 
ATOM   1316 C C   . ASN A 1 188 ? 7.452   -20.310 5.681   1.00 28.25 ? 188  ASN A C   1 
ATOM   1317 O O   . ASN A 1 188 ? 7.490   -20.949 6.732   1.00 26.48 ? 188  ASN A O   1 
ATOM   1318 C CB  . ASN A 1 188 ? 7.052   -22.490 4.531   1.00 30.28 ? 188  ASN A CB  1 
ATOM   1319 C CG  . ASN A 1 188 ? 5.893   -23.053 5.323   1.00 31.50 ? 188  ASN A CG  1 
ATOM   1320 O OD1 . ASN A 1 188 ? 4.734   -22.887 4.932   1.00 29.62 ? 188  ASN A OD1 1 
ATOM   1321 N ND2 . ASN A 1 188 ? 6.190   -23.710 6.447   1.00 31.97 ? 188  ASN A ND2 1 
ATOM   1322 N N   . GLN A 1 189 ? 7.803   -19.030 5.597   1.00 26.19 ? 189  GLN A N   1 
ATOM   1323 C CA  . GLN A 1 189 ? 8.271   -18.287 6.761   1.00 25.13 ? 189  GLN A CA  1 
ATOM   1324 C C   . GLN A 1 189 ? 7.690   -16.874 6.752   1.00 23.68 ? 189  GLN A C   1 
ATOM   1325 O O   . GLN A 1 189 ? 7.692   -16.211 5.712   1.00 20.73 ? 189  GLN A O   1 
ATOM   1326 C CB  . GLN A 1 189 ? 9.807   -18.219 6.738   1.00 23.52 ? 189  GLN A CB  1 
ATOM   1327 C CG  . GLN A 1 189 ? 10.439  -17.436 7.888   1.00 25.66 ? 189  GLN A CG  1 
ATOM   1328 C CD  . GLN A 1 189 ? 11.961  -17.625 7.961   1.00 27.09 ? 189  GLN A CD  1 
ATOM   1329 O OE1 . GLN A 1 189 ? 12.558  -18.308 7.123   1.00 26.71 ? 189  GLN A OE1 1 
ATOM   1330 N NE2 . GLN A 1 189 ? 12.584  -17.028 8.969   1.00 22.32 ? 189  GLN A NE2 1 
ATOM   1331 N N   . ASP A 1 190 ? 7.171   -16.415 7.889   1.00 22.06 ? 190  ASP A N   1 
ATOM   1332 C CA  . ASP A 1 190 ? 6.655   -15.049 7.947   1.00 23.95 ? 190  ASP A CA  1 
ATOM   1333 C C   . ASP A 1 190 ? 7.849   -14.119 7.760   1.00 24.50 ? 190  ASP A C   1 
ATOM   1334 O O   . ASP A 1 190 ? 8.868   -14.295 8.435   1.00 25.00 ? 190  ASP A O   1 
ATOM   1335 C CB  . ASP A 1 190 ? 6.040   -14.731 9.315   1.00 24.51 ? 190  ASP A CB  1 
ATOM   1336 C CG  . ASP A 1 190 ? 4.770   -15.499 9.583   1.00 27.61 ? 190  ASP A CG  1 
ATOM   1337 O OD1 . ASP A 1 190 ? 3.792   -15.335 8.822   1.00 25.29 ? 190  ASP A OD1 1 
ATOM   1338 O OD2 . ASP A 1 190 ? 4.750   -16.269 10.567  1.00 28.39 ? 190  ASP A OD2 1 
ATOM   1339 N N   . VAL A 1 191 ? 7.747   -13.149 6.853   1.00 22.51 ? 191  VAL A N   1 
ATOM   1340 C CA  . VAL A 1 191 ? 8.838   -12.195 6.676   1.00 20.60 ? 191  VAL A CA  1 
ATOM   1341 C C   . VAL A 1 191 ? 8.409   -10.807 7.145   1.00 20.87 ? 191  VAL A C   1 
ATOM   1342 O O   . VAL A 1 191 ? 9.140   -9.829  7.000   1.00 19.81 ? 191  VAL A O   1 
ATOM   1343 C CB  . VAL A 1 191 ? 9.375   -12.154 5.212   1.00 20.84 ? 191  VAL A CB  1 
ATOM   1344 C CG1 . VAL A 1 191 ? 10.043  -13.478 4.888   1.00 19.79 ? 191  VAL A CG1 1 
ATOM   1345 C CG2 . VAL A 1 191 ? 8.257   -11.870 4.236   1.00 19.02 ? 191  VAL A CG2 1 
ATOM   1346 N N   . THR A 1 192 ? 7.206   -10.723 7.707   1.00 21.42 ? 192  THR A N   1 
ATOM   1347 C CA  . THR A 1 192 ? 6.735   -9.472  8.299   1.00 19.24 ? 192  THR A CA  1 
ATOM   1348 C C   . THR A 1 192 ? 5.993   -9.862  9.561   1.00 20.68 ? 192  THR A C   1 
ATOM   1349 O O   . THR A 1 192 ? 5.547   -11.008 9.706   1.00 19.05 ? 192  THR A O   1 
ATOM   1350 C CB  . THR A 1 192 ? 5.696   -8.676  7.437   1.00 22.01 ? 192  THR A CB  1 
ATOM   1351 O OG1 . THR A 1 192 ? 4.541   -9.493  7.183   1.00 20.27 ? 192  THR A OG1 1 
ATOM   1352 C CG2 . THR A 1 192 ? 6.303   -8.211  6.125   1.00 21.03 ? 192  THR A CG2 1 
ATOM   1353 N N   . ASP A 1 193 ? 5.925   -8.923  10.494  1.00 18.51 ? 193  ASP A N   1 
ATOM   1354 C CA  . ASP A 1 193 ? 5.134   -9.097  11.691  1.00 20.01 ? 193  ASP A CA  1 
ATOM   1355 C C   . ASP A 1 193 ? 4.333   -7.808  11.730  1.00 19.70 ? 193  ASP A C   1 
ATOM   1356 O O   . ASP A 1 193 ? 4.771   -6.802  12.297  1.00 19.24 ? 193  ASP A O   1 
ATOM   1357 C CB  . ASP A 1 193 ? 5.950   -9.216  12.982  1.00 19.60 ? 193  ASP A CB  1 
ATOM   1358 C CG  . ASP A 1 193 ? 5.051   -9.199  14.218  1.00 22.76 ? 193  ASP A CG  1 
ATOM   1359 O OD1 . ASP A 1 193 ? 5.536   -9.305  15.363  1.00 23.24 ? 193  ASP A OD1 1 
ATOM   1360 O OD2 . ASP A 1 193 ? 3.824   -9.072  14.031  1.00 22.99 ? 193  ASP A OD2 1 
ATOM   1361 N N   . CYS A 1 194 ? 3.178   -7.827  11.079  1.00 19.94 ? 194  CYS A N   1 
ATOM   1362 C CA  . CYS A 1 194 ? 2.308   -6.665  11.063  1.00 22.47 ? 194  CYS A CA  1 
ATOM   1363 C C   . CYS A 1 194 ? 1.257   -6.845  12.143  1.00 23.06 ? 194  CYS A C   1 
ATOM   1364 O O   . CYS A 1 194 ? 0.676   -7.925  12.266  1.00 22.59 ? 194  CYS A O   1 
ATOM   1365 C CB  . CYS A 1 194 ? 1.577   -6.554  9.734   1.00 22.01 ? 194  CYS A CB  1 
ATOM   1366 S SG  . CYS A 1 194 ? 2.542   -6.138  8.247   1.00 24.33 ? 194  CYS A SG  1 
ATOM   1367 N N   . SER A 1 195 ? 1.014   -5.794  12.917  1.00 24.99 ? 195  SER A N   1 
ATOM   1368 C CA  . SER A 1 195 ? 0.002   -5.851  13.966  1.00 29.28 ? 195  SER A CA  1 
ATOM   1369 C C   . SER A 1 195 ? -0.744  -4.521  14.043  1.00 31.76 ? 195  SER A C   1 
ATOM   1370 O O   . SER A 1 195 ? -0.221  -3.477  13.636  1.00 31.26 ? 195  SER A O   1 
ATOM   1371 C CB  . SER A 1 195 ? 0.644   -6.173  15.321  1.00 27.45 ? 195  SER A CB  1 
ATOM   1372 O OG  . SER A 1 195 ? 1.616   -5.212  15.672  1.00 33.37 ? 195  SER A OG  1 
ATOM   1373 N N   . VAL A 1 196 ? -1.967  -4.570  14.559  1.00 32.95 ? 196  VAL A N   1 
ATOM   1374 C CA  . VAL A 1 196 ? -2.801  -3.380  14.697  1.00 36.56 ? 196  VAL A CA  1 
ATOM   1375 C C   . VAL A 1 196 ? -3.015  -3.015  16.167  1.00 40.34 ? 196  VAL A C   1 
ATOM   1376 O O   . VAL A 1 196 ? -2.974  -3.877  17.048  1.00 40.44 ? 196  VAL A O   1 
ATOM   1377 C CB  . VAL A 1 196 ? -4.188  -3.598  14.060  1.00 35.94 ? 196  VAL A CB  1 
ATOM   1378 C CG1 . VAL A 1 196 ? -5.024  -2.332  14.183  1.00 39.76 ? 196  VAL A CG1 1 
ATOM   1379 C CG2 . VAL A 1 196 ? -4.040  -3.991  12.610  1.00 35.95 ? 196  VAL A CG2 1 
ATOM   1380 N N   . SER A 1 197 ? -3.234  -1.729  16.420  1.00 41.74 ? 197  SER A N   1 
ATOM   1381 C CA  . SER A 1 197 ? -3.495  -1.221  17.764  1.00 42.47 ? 197  SER A CA  1 
ATOM   1382 C C   . SER A 1 197 ? -3.906  0.240   17.643  1.00 41.70 ? 197  SER A C   1 
ATOM   1383 O O   . SER A 1 197 ? -3.134  1.077   17.167  1.00 41.92 ? 197  SER A O   1 
ATOM   1384 C CB  . SER A 1 197 ? -2.257  -1.340  18.652  1.00 43.34 ? 197  SER A CB  1 
ATOM   1385 O OG  . SER A 1 197 ? -1.217  -0.484  18.226  1.00 49.44 ? 197  SER A OG  1 
ATOM   1386 N N   . GLY A 1 198 ? -5.130  0.535   18.067  1.00 39.66 ? 198  GLY A N   1 
ATOM   1387 C CA  . GLY A 1 198 ? -5.631  1.894   17.989  1.00 37.56 ? 198  GLY A CA  1 
ATOM   1388 C C   . GLY A 1 198 ? -5.802  2.310   16.542  1.00 34.34 ? 198  GLY A C   1 
ATOM   1389 O O   . GLY A 1 198 ? -6.590  1.724   15.804  1.00 33.90 ? 198  GLY A O   1 
ATOM   1390 N N   . THR A 1 199 ? -5.051  3.322   16.131  1.00 32.94 ? 199  THR A N   1 
ATOM   1391 C CA  . THR A 1 199 ? -5.126  3.814   14.763  1.00 32.53 ? 199  THR A CA  1 
ATOM   1392 C C   . THR A 1 199 ? -3.783  3.578   14.081  1.00 32.88 ? 199  THR A C   1 
ATOM   1393 O O   . THR A 1 199 ? -3.438  4.246   13.102  1.00 33.27 ? 199  THR A O   1 
ATOM   1394 C CB  . THR A 1 199 ? -5.460  5.322   14.744  1.00 31.08 ? 199  THR A CB  1 
ATOM   1395 O OG1 . THR A 1 199 ? -4.465  6.036   15.487  1.00 30.00 ? 199  THR A OG1 1 
ATOM   1396 C CG2 . THR A 1 199 ? -6.827  5.575   15.383  1.00 32.52 ? 199  THR A CG2 1 
ATOM   1397 N N   . THR A 1 200 ? -3.035  2.607   14.602  1.00 31.88 ? 200  THR A N   1 
ATOM   1398 C CA  . THR A 1 200 ? -1.720  2.278   14.068  1.00 30.37 ? 200  THR A CA  1 
ATOM   1399 C C   . THR A 1 200 ? -1.600  0.842   13.550  1.00 29.73 ? 200  THR A C   1 
ATOM   1400 O O   . THR A 1 200 ? -2.045  -0.107  14.195  1.00 27.47 ? 200  THR A O   1 
ATOM   1401 C CB  . THR A 1 200 ? -0.630  2.490   15.149  1.00 32.31 ? 200  THR A CB  1 
ATOM   1402 O OG1 . THR A 1 200 ? -0.708  3.828   15.653  1.00 31.39 ? 200  THR A OG1 1 
ATOM   1403 C CG2 . THR A 1 200 ? 0.765   2.255   14.575  1.00 29.52 ? 200  THR A CG2 1 
ATOM   1404 N N   . VAL A 1 201 ? -1.026  0.700   12.359  1.00 27.90 ? 201  VAL A N   1 
ATOM   1405 C CA  . VAL A 1 201 ? -0.763  -0.610  11.768  1.00 26.04 ? 201  VAL A CA  1 
ATOM   1406 C C   . VAL A 1 201 ? 0.756   -0.609  11.682  1.00 28.01 ? 201  VAL A C   1 
ATOM   1407 O O   . VAL A 1 201 ? 1.345   0.188   10.942  1.00 27.08 ? 201  VAL A O   1 
ATOM   1408 C CB  . VAL A 1 201 ? -1.340  -0.759  10.348  1.00 25.35 ? 201  VAL A CB  1 
ATOM   1409 C CG1 . VAL A 1 201 ? -0.917  -2.103  9.752   1.00 25.45 ? 201  VAL A CG1 1 
ATOM   1410 C CG2 . VAL A 1 201 ? -2.853  -0.672  10.390  1.00 25.63 ? 201  VAL A CG2 1 
ATOM   1411 N N   . SER A 1 202 ? 1.392   -1.480  12.455  1.00 25.16 ? 202  SER A N   1 
ATOM   1412 C CA  . SER A 1 202 ? 2.846   -1.528  12.487  1.00 25.95 ? 202  SER A CA  1 
ATOM   1413 C C   . SER A 1 202 ? 3.408   -2.823  11.923  1.00 25.73 ? 202  SER A C   1 
ATOM   1414 O O   . SER A 1 202 ? 3.062   -3.915  12.380  1.00 24.55 ? 202  SER A O   1 
ATOM   1415 C CB  . SER A 1 202 ? 3.332   -1.335  13.921  1.00 26.76 ? 202  SER A CB  1 
ATOM   1416 O OG  . SER A 1 202 ? 4.746   -1.393  13.971  1.00 34.12 ? 202  SER A OG  1 
ATOM   1417 N N   . CYS A 1 203 ? 4.284   -2.692  10.933  1.00 23.84 ? 203  CYS A N   1 
ATOM   1418 C CA  . CYS A 1 203 ? 4.869   -3.856  10.294  1.00 23.47 ? 203  CYS A CA  1 
ATOM   1419 C C   . CYS A 1 203 ? 6.383   -3.942  10.401  1.00 23.54 ? 203  CYS A C   1 
ATOM   1420 O O   . CYS A 1 203 ? 7.110   -3.143  9.800   1.00 23.84 ? 203  CYS A O   1 
ATOM   1421 C CB  . CYS A 1 203 ? 4.503   -3.883  8.816   1.00 24.04 ? 203  CYS A CB  1 
ATOM   1422 S SG  . CYS A 1 203 ? 2.754   -4.122  8.354   1.00 27.02 ? 203  CYS A SG  1 
ATOM   1423 N N   . SER A 1 204 ? 6.857   -4.935  11.144  1.00 20.33 ? 204  SER A N   1 
ATOM   1424 C CA  . SER A 1 204 ? 8.289   -5.147  11.297  1.00 20.17 ? 204  SER A CA  1 
ATOM   1425 C C   . SER A 1 204 ? 8.749   -6.179  10.285  1.00 20.69 ? 204  SER A C   1 
ATOM   1426 O O   . SER A 1 204 ? 8.022   -7.125  9.974   1.00 20.48 ? 204  SER A O   1 
ATOM   1427 C CB  . SER A 1 204 ? 8.613   -5.675  12.698  1.00 20.01 ? 204  SER A CB  1 
ATOM   1428 O OG  . SER A 1 204 ? 8.390   -4.698  13.696  1.00 22.04 ? 204  SER A OG  1 
ATOM   1429 N N   . TYR A 1 205 ? 9.956   -6.002  9.763   1.00 21.48 ? 205  TYR A N   1 
ATOM   1430 C CA  . TYR A 1 205 ? 10.500  -6.979  8.836   1.00 18.67 ? 205  TYR A CA  1 
ATOM   1431 C C   . TYR A 1 205 ? 11.039  -8.122  9.694   1.00 20.71 ? 205  TYR A C   1 
ATOM   1432 O O   . TYR A 1 205 ? 11.550  -7.893  10.796  1.00 20.77 ? 205  TYR A O   1 
ATOM   1433 C CB  . TYR A 1 205 ? 11.636  -6.377  8.006   1.00 20.04 ? 205  TYR A CB  1 
ATOM   1434 C CG  . TYR A 1 205 ? 12.376  -7.414  7.187   1.00 20.15 ? 205  TYR A CG  1 
ATOM   1435 C CD1 . TYR A 1 205 ? 13.529  -8.031  7.680   1.00 21.58 ? 205  TYR A CD1 1 
ATOM   1436 C CD2 . TYR A 1 205 ? 11.897  -7.815  5.943   1.00 19.33 ? 205  TYR A CD2 1 
ATOM   1437 C CE1 . TYR A 1 205 ? 14.183  -9.026  6.948   1.00 20.97 ? 205  TYR A CE1 1 
ATOM   1438 C CE2 . TYR A 1 205 ? 12.538  -8.808  5.206   1.00 19.91 ? 205  TYR A CE2 1 
ATOM   1439 C CZ  . TYR A 1 205 ? 13.681  -9.409  5.713   1.00 23.17 ? 205  TYR A CZ  1 
ATOM   1440 O OH  . TYR A 1 205 ? 14.318  -10.389 4.981   1.00 22.13 ? 205  TYR A OH  1 
ATOM   1441 N N   . VAL A 1 206 ? 10.906  -9.347  9.200   1.00 18.30 ? 206  VAL A N   1 
ATOM   1442 C CA  . VAL A 1 206 ? 11.397  -10.518 9.917   1.00 20.53 ? 206  VAL A CA  1 
ATOM   1443 C C   . VAL A 1 206 ? 12.346  -11.284 9.001   1.00 21.07 ? 206  VAL A C   1 
ATOM   1444 O O   . VAL A 1 206 ? 13.531  -11.443 9.374   1.00 21.97 ? 206  VAL A O   1 
ATOM   1445 C CB  . VAL A 1 206 ? 10.250  -11.470 10.330  1.00 20.67 ? 206  VAL A CB  1 
ATOM   1446 C CG1 . VAL A 1 206 ? 10.828  -12.688 11.077  1.00 20.57 ? 206  VAL A CG1 1 
ATOM   1447 C CG2 . VAL A 1 206 ? 9.231   -10.731 11.207  1.00 20.04 ? 206  VAL A CG2 1 
ATOM   1448 O OXT . VAL A 1 206 ? 11.891  -11.708 7.916   1.00 20.60 ? 206  VAL A OXT 1 
ATOM   1449 N N   . ALA B 2 1   ? 5.763   -3.232  -13.288 1.00 63.44 ? 1    ALA B N   1 
ATOM   1450 C CA  . ALA B 2 1   ? 5.560   -2.980  -11.832 1.00 64.34 ? 1    ALA B CA  1 
ATOM   1451 C C   . ALA B 2 1   ? 4.077   -2.986  -11.460 1.00 64.53 ? 1    ALA B C   1 
ATOM   1452 O O   . ALA B 2 1   ? 3.307   -2.133  -11.905 1.00 64.21 ? 1    ALA B O   1 
ATOM   1453 C CB  . ALA B 2 1   ? 6.193   -1.649  -11.443 1.00 65.15 ? 1    ALA B CB  1 
ATOM   1454 N N   . ILE B 2 2   ? 3.686   -3.953  -10.635 1.00 64.56 ? 2    ILE B N   1 
ATOM   1455 C CA  . ILE B 2 2   ? 2.300   -4.079  -10.201 1.00 64.17 ? 2    ILE B CA  1 
ATOM   1456 C C   . ILE B 2 2   ? 2.203   -4.267  -8.691  1.00 63.93 ? 2    ILE B C   1 
ATOM   1457 O O   . ILE B 2 2   ? 2.828   -5.165  -8.124  1.00 63.64 ? 2    ILE B O   1 
ATOM   1458 C CB  . ILE B 2 2   ? 1.610   -5.273  -10.892 1.00 64.73 ? 2    ILE B CB  1 
ATOM   1459 C CG1 . ILE B 2 2   ? 1.629   -5.071  -12.408 1.00 64.82 ? 2    ILE B CG1 1 
ATOM   1460 C CG2 . ILE B 2 2   ? 0.179   -5.418  -10.382 1.00 64.62 ? 2    ILE B CG2 1 
ATOM   1461 C CD1 . ILE B 2 2   ? 1.008   -6.208  -13.188 1.00 66.82 ? 2    ILE B CD1 1 
ATOM   1462 N N   . HIS B 2 3   ? 1.413   -3.417  -8.044  1.00 63.34 ? 3    HIS B N   1 
ATOM   1463 C CA  . HIS B 2 3   ? 1.237   -3.498  -6.600  1.00 63.18 ? 3    HIS B CA  1 
ATOM   1464 C C   . HIS B 2 3   ? -0.188  -3.926  -6.273  1.00 63.55 ? 3    HIS B C   1 
ATOM   1465 O O   . HIS B 2 3   ? -0.994  -4.060  -7.220  1.00 64.85 ? 3    HIS B O   1 
ATOM   1466 C CB  . HIS B 2 3   ? 1.531   -2.143  -5.951  1.00 62.24 ? 3    HIS B CB  1 
ATOM   1467 C CG  . HIS B 2 3   ? 2.813   -1.518  -6.407  1.00 63.21 ? 3    HIS B CG  1 
ATOM   1468 N ND1 . HIS B 2 3   ? 2.957   -0.932  -7.647  1.00 63.44 ? 3    HIS B ND1 1 
ATOM   1469 C CD2 . HIS B 2 3   ? 4.012   -1.386  -5.790  1.00 62.69 ? 3    HIS B CD2 1 
ATOM   1470 C CE1 . HIS B 2 3   ? 4.187   -0.466  -7.773  1.00 63.79 ? 3    HIS B CE1 1 
ATOM   1471 N NE2 . HIS B 2 3   ? 4.847   -0.729  -6.660  1.00 63.05 ? 3    HIS B NE2 1 
ATOM   1472 O OXT . HIS B 2 3   ? -0.485  -4.118  -5.077  1.00 62.89 ? 3    HIS B OXT 1 
HETATM 1473 N N   . TYR C 3 .   ? -0.665  -10.573 -5.297  1.00 90.07 ? 1001 TYR A N   1 
HETATM 1474 C CA  . TYR C 3 .   ? -1.782  -11.402 -5.834  1.00 90.03 ? 1001 TYR A CA  1 
HETATM 1475 C C   . TYR C 3 .   ? -1.673  -11.561 -7.346  1.00 90.76 ? 1001 TYR A C   1 
HETATM 1476 O O   . TYR C 3 .   ? -0.605  -11.215 -7.898  1.00 91.04 ? 1001 TYR A O   1 
HETATM 1477 C CB  . TYR C 3 .   ? -3.128  -10.761 -5.480  1.00 88.77 ? 1001 TYR A CB  1 
HETATM 1478 C CG  . TYR C 3 .   ? -3.453  -10.766 -4.001  1.00 87.16 ? 1001 TYR A CG  1 
HETATM 1479 C CD1 . TYR C 3 .   ? -4.594  -10.126 -3.519  1.00 86.69 ? 1001 TYR A CD1 1 
HETATM 1480 C CD2 . TYR C 3 .   ? -2.630  -11.421 -3.084  1.00 86.44 ? 1001 TYR A CD2 1 
HETATM 1481 C CE1 . TYR C 3 .   ? -4.906  -10.135 -2.162  1.00 86.11 ? 1001 TYR A CE1 1 
HETATM 1482 C CE2 . TYR C 3 .   ? -2.933  -11.437 -1.726  1.00 85.71 ? 1001 TYR A CE2 1 
HETATM 1483 C CZ  . TYR C 3 .   ? -4.072  -10.793 -1.271  1.00 85.96 ? 1001 TYR A CZ  1 
HETATM 1484 O OH  . TYR C 3 .   ? -4.376  -10.808 0.071   1.00 85.52 ? 1001 TYR A OH  1 
HETATM 1485 O OXT . TYR C 3 .   ? -2.657  -12.030 -7.958  1.00 91.56 ? 1001 TYR A OXT 1 
HETATM 1486 O O   . HOH D 4 .   ? 10.858  -5.241  1.589   1.00 22.44 ? 1002 HOH A O   1 
HETATM 1487 O O   . HOH D 4 .   ? 1.794   -9.515  15.781  1.00 27.71 ? 1003 HOH A O   1 
HETATM 1488 O O   . HOH D 4 .   ? 11.547  -3.708  10.298  1.00 19.21 ? 1004 HOH A O   1 
HETATM 1489 O O   . HOH D 4 .   ? 10.690  -3.788  14.746  1.00 29.19 ? 1005 HOH A O   1 
HETATM 1490 O O   . HOH D 4 .   ? 10.421  -12.771 -2.943  1.00 26.00 ? 1006 HOH A O   1 
HETATM 1491 O O   . HOH D 4 .   ? 14.712  -10.270 11.453  1.00 20.16 ? 1007 HOH A O   1 
HETATM 1492 O O   . HOH D 4 .   ? 15.836  2.171   -0.051  1.00 31.72 ? 1008 HOH A O   1 
HETATM 1493 O O   . HOH D 4 .   ? 12.547  -12.776 -1.188  1.00 27.48 ? 1009 HOH A O   1 
HETATM 1494 O O   . HOH D 4 .   ? 4.334   -5.596  14.702  1.00 31.26 ? 1010 HOH A O   1 
HETATM 1495 O O   . HOH D 4 .   ? 11.406  -1.210  14.561  1.00 29.46 ? 1011 HOH A O   1 
HETATM 1496 O O   . HOH D 4 .   ? -4.734  9.862   8.122   1.00 35.01 ? 1012 HOH A O   1 
HETATM 1497 O O   . HOH D 4 .   ? -2.662  -7.138  15.678  1.00 38.21 ? 1013 HOH A O   1 
HETATM 1498 O O   . HOH D 4 .   ? -7.379  -1.640  -11.465 1.00 45.56 ? 1014 HOH A O   1 
HETATM 1499 O O   . HOH D 4 .   ? 5.804   8.834   9.838   1.00 33.68 ? 1015 HOH A O   1 
HETATM 1500 O O   . HOH D 4 .   ? -1.945  6.130   15.148  1.00 30.92 ? 1016 HOH A O   1 
HETATM 1501 O O   . HOH D 4 .   ? 11.917  5.303   9.190   1.00 33.24 ? 1017 HOH A O   1 
HETATM 1502 O O   . HOH D 4 .   ? 4.147   6.850   10.677  1.00 31.55 ? 1018 HOH A O   1 
HETATM 1503 O O   . HOH D 4 .   ? -6.999  -11.709 11.088  1.00 33.02 ? 1019 HOH A O   1 
HETATM 1504 O O   . HOH D 4 .   ? 17.517  2.467   1.969   1.00 30.10 ? 1020 HOH A O   1 
HETATM 1505 O O   . HOH D 4 .   ? 6.098   -3.624  14.337  1.00 31.74 ? 1021 HOH A O   1 
HETATM 1506 O O   . HOH D 4 .   ? -0.943  -7.457  -5.221  1.00 52.20 ? 1022 HOH A O   1 
HETATM 1507 O O   . HOH D 4 .   ? -1.351  -12.301 0.834   1.00 33.46 ? 1023 HOH A O   1 
HETATM 1508 O O   . HOH D 4 .   ? 16.955  -0.463  -7.915  1.00 52.24 ? 1024 HOH A O   1 
HETATM 1509 O O   . HOH D 4 .   ? 13.169  -11.369 2.794   1.00 42.80 ? 1025 HOH A O   1 
HETATM 1510 O O   . HOH D 4 .   ? 7.582   -17.801 10.329  1.00 29.61 ? 1026 HOH A O   1 
HETATM 1511 O O   . HOH D 4 .   ? 9.194   2.366   13.078  1.00 33.88 ? 1027 HOH A O   1 
HETATM 1512 O O   . HOH D 4 .   ? 17.733  7.996   1.735   1.00 36.34 ? 1028 HOH A O   1 
HETATM 1513 O O   . HOH D 4 .   ? 9.510   -15.614 -6.475  1.00 40.93 ? 1029 HOH A O   1 
HETATM 1514 O O   . HOH D 4 .   ? 15.803  7.262   -4.525  1.00 38.88 ? 1030 HOH A O   1 
HETATM 1515 O O   . HOH D 4 .   ? -2.298  10.822  8.131   1.00 38.44 ? 1031 HOH A O   1 
HETATM 1516 O O   . HOH D 4 .   ? 16.680  -9.251  1.758   1.00 42.96 ? 1032 HOH A O   1 
HETATM 1517 O O   . HOH D 4 .   ? -13.377 -2.607  12.658  1.00 49.02 ? 1033 HOH A O   1 
HETATM 1518 O O   . HOH D 4 .   ? -3.834  -14.190 9.852   1.00 38.31 ? 1034 HOH A O   1 
HETATM 1519 O O   . HOH D 4 .   ? 11.066  -13.138 -5.618  1.00 34.39 ? 1035 HOH A O   1 
HETATM 1520 O O   . HOH D 4 .   ? -1.720  14.853  2.510   1.00 40.35 ? 1036 HOH A O   1 
HETATM 1521 O O   . HOH D 4 .   ? -2.338  -5.914  18.317  1.00 35.18 ? 1037 HOH A O   1 
HETATM 1522 O O   . HOH D 4 .   ? -2.014  -0.781  -14.238 1.00 58.54 ? 1038 HOH A O   1 
HETATM 1523 O O   . HOH D 4 .   ? -13.220 -5.983  8.713   1.00 42.98 ? 1039 HOH A O   1 
HETATM 1524 O O   . HOH D 4 .   ? -11.108 5.146   10.812  1.00 40.21 ? 1040 HOH A O   1 
HETATM 1525 O O   . HOH D 4 .   ? 6.771   14.542  -8.852  1.00 57.32 ? 1041 HOH A O   1 
HETATM 1526 O O   . HOH D 4 .   ? 15.297  -5.445  9.553   1.00 32.27 ? 1042 HOH A O   1 
HETATM 1527 O O   . HOH D 4 .   ? -2.252  4.233   17.983  1.00 43.94 ? 1043 HOH A O   1 
HETATM 1528 O O   . HOH D 4 .   ? 14.042  -6.865  11.556  1.00 39.80 ? 1044 HOH A O   1 
HETATM 1529 O O   . HOH D 4 .   ? 12.391  -12.121 -9.316  1.00 54.20 ? 1045 HOH A O   1 
HETATM 1530 O O   . HOH D 4 .   ? -3.740  -11.800 2.486   1.00 50.39 ? 1046 HOH A O   1 
HETATM 1531 O O   . HOH D 4 .   ? -17.170 9.951   12.185  1.00 57.30 ? 1047 HOH A O   1 
HETATM 1532 O O   . HOH D 4 .   ? 17.633  10.562  5.071   1.00 43.54 ? 1048 HOH A O   1 
HETATM 1533 O O   . HOH D 4 .   ? 5.055   12.951  10.594  1.00 47.88 ? 1049 HOH A O   1 
HETATM 1534 O O   . HOH D 4 .   ? 14.158  12.124  6.687   1.00 40.14 ? 1050 HOH A O   1 
HETATM 1535 O O   . HOH D 4 .   ? 22.735  -4.932  0.489   1.00 57.89 ? 1051 HOH A O   1 
HETATM 1536 O O   . HOH D 4 .   ? 9.268   14.428  9.326   1.00 55.43 ? 1052 HOH A O   1 
HETATM 1537 O O   . HOH D 4 .   ? 7.181   -17.353 -5.947  1.00 48.19 ? 1053 HOH A O   1 
HETATM 1538 O O   . HOH D 4 .   ? -8.796  4.127   12.248  1.00 52.81 ? 1054 HOH A O   1 
HETATM 1539 O O   . HOH D 4 .   ? -7.084  8.207   12.788  1.00 41.12 ? 1055 HOH A O   1 
HETATM 1540 O O   . HOH D 4 .   ? -2.019  12.359  1.332   1.00 44.44 ? 1056 HOH A O   1 
HETATM 1541 O O   . HOH D 4 .   ? 10.321  -16.196 10.779  1.00 39.98 ? 1057 HOH A O   1 
HETATM 1542 O O   . HOH D 4 .   ? 13.627  13.506  0.767   1.00 44.25 ? 1058 HOH A O   1 
HETATM 1543 O O   . HOH D 4 .   ? 4.981   -18.830 12.299  1.00 39.79 ? 1059 HOH A O   1 
HETATM 1544 O O   . HOH D 4 .   ? 11.195  -22.222 -4.492  1.00 56.79 ? 1060 HOH A O   1 
HETATM 1545 O O   . HOH D 4 .   ? 12.656  -20.467 4.900   1.00 36.20 ? 1061 HOH A O   1 
HETATM 1546 O O   . HOH D 4 .   ? 3.838   -20.147 8.379   0.5  53.04 ? 1062 HOH A O   1 
HETATM 1547 O O   . HOH D 4 .   ? 12.890  -3.882  12.603  1.00 40.88 ? 1063 HOH A O   1 
HETATM 1548 O O   . HOH D 4 .   ? 18.563  -1.538  6.147   1.00 35.72 ? 1064 HOH A O   1 
HETATM 1549 O O   . HOH D 4 .   ? 14.180  -1.159  14.802  1.00 41.75 ? 1065 HOH A O   1 
HETATM 1550 O O   . HOH D 4 .   ? 3.002   9.926   -7.659  1.00 53.61 ? 1066 HOH A O   1 
HETATM 1551 O O   . HOH D 4 .   ? -8.333  9.280   -15.653 1.00 52.17 ? 1067 HOH A O   1 
HETATM 1552 O O   . HOH D 4 .   ? -1.041  -16.383 -2.763  1.00 50.93 ? 1068 HOH A O   1 
HETATM 1553 O O   . HOH D 4 .   ? 17.299  1.183   11.287  1.00 51.46 ? 1069 HOH A O   1 
HETATM 1554 O O   . HOH D 4 .   ? -4.426  4.171   -14.464 1.00 51.39 ? 1070 HOH A O   1 
HETATM 1555 O O   . HOH D 4 .   ? -21.605 -2.914  -1.521  1.00 53.73 ? 1071 HOH A O   1 
HETATM 1556 O O   . HOH D 4 .   ? -17.077 8.815   -13.325 1.00 55.16 ? 1072 HOH A O   1 
HETATM 1557 O O   . HOH D 4 .   ? -4.641  20.320  -2.024  0.5  58.26 ? 1073 HOH A O   1 
HETATM 1558 O O   . HOH D 4 .   ? -1.035  18.387  -4.689  0.5  48.95 ? 1074 HOH A O   1 
HETATM 1559 O O   . HOH D 4 .   ? -13.216 13.521  -3.301  1.00 53.20 ? 1075 HOH A O   1 
HETATM 1560 O O   . HOH D 4 .   ? 7.085   16.588  -5.493  1.00 57.81 ? 1076 HOH A O   1 
HETATM 1561 O O   . HOH D 4 .   ? -0.593  7.062   18.947  1.00 56.16 ? 1077 HOH A O   1 
HETATM 1562 O O   . HOH D 4 .   ? -1.604  2.443   19.967  1.00 46.42 ? 1078 HOH A O   1 
HETATM 1563 O O   . HOH D 4 .   ? -7.785  -0.710  16.551  1.00 51.67 ? 1079 HOH A O   1 
HETATM 1564 O O   . HOH D 4 .   ? 13.612  -14.100 -5.280  1.00 51.53 ? 1080 HOH A O   1 
HETATM 1565 O O   . HOH D 4 .   ? 1.595   5.024   16.563  1.00 47.98 ? 1081 HOH A O   1 
HETATM 1566 O O   . HOH D 4 .   ? -0.327  2.057   -13.335 1.00 52.12 ? 1082 HOH A O   1 
HETATM 1567 O O   . HOH D 4 .   ? 5.973   -16.548 -8.940  1.00 51.84 ? 1083 HOH A O   1 
HETATM 1568 O O   . HOH D 4 .   ? -18.576 -7.445  0.128   1.00 53.56 ? 1084 HOH A O   1 
HETATM 1569 O O   . HOH D 4 .   ? 18.892  4.688   3.621   1.00 52.88 ? 1085 HOH A O   1 
HETATM 1570 O O   . HOH D 4 .   ? 3.890   -15.775 -23.948 1.00 55.82 ? 1086 HOH A O   1 
HETATM 1571 O O   . HOH D 4 .   ? 10.520  13.849  -12.632 1.00 54.65 ? 1087 HOH A O   1 
HETATM 1572 O O   . HOH D 4 .   ? 1.116   -14.957 -3.513  1.00 50.42 ? 1088 HOH A O   1 
HETATM 1573 O O   . HOH D 4 .   ? -9.118  -11.695 3.308   1.00 60.04 ? 1089 HOH A O   1 
HETATM 1574 O O   . HOH D 4 .   ? 14.008  -17.336 2.187   1.00 51.11 ? 1090 HOH A O   1 
HETATM 1575 O O   . HOH D 4 .   ? 4.405   -14.417 -9.929  1.00 42.74 ? 1091 HOH A O   1 
HETATM 1576 O O   . HOH D 4 .   ? 17.716  -3.805  6.579   1.00 46.81 ? 1092 HOH A O   1 
HETATM 1577 O O   . HOH D 4 .   ? -8.513  10.823  5.862   1.00 54.18 ? 1093 HOH A O   1 
HETATM 1578 O O   . HOH D 4 .   ? -2.261  -7.426  -7.301  1.00 56.29 ? 1094 HOH A O   1 
HETATM 1579 O O   . HOH D 4 .   ? 23.146  -2.614  -3.213  1.00 56.69 ? 1095 HOH A O   1 
HETATM 1580 O O   . HOH D 4 .   ? -18.339 -0.645  6.345   1.00 57.78 ? 1096 HOH A O   1 
HETATM 1581 O O   . HOH D 4 .   ? 14.988  -3.526  15.356  1.00 55.78 ? 1097 HOH A O   1 
HETATM 1582 O O   . HOH D 4 .   ? -6.017  -3.143  -12.983 1.00 58.66 ? 1098 HOH A O   1 
HETATM 1583 O O   . HOH D 4 .   ? -19.700 -0.424  -1.222  1.00 42.49 ? 1099 HOH A O   1 
HETATM 1584 O O   . HOH D 4 .   ? -7.000  11.488  -1.751  1.00 56.86 ? 1100 HOH A O   1 
HETATM 1585 O O   . HOH D 4 .   ? 11.382  -16.832 -3.407  1.00 64.70 ? 1101 HOH A O   1 
HETATM 1586 O O   . HOH D 4 .   ? -8.764  -10.600 12.673  1.00 61.57 ? 1102 HOH A O   1 
HETATM 1587 O O   . HOH D 4 .   ? 23.151  -2.081  2.472   1.00 61.08 ? 1103 HOH A O   1 
HETATM 1588 O O   . HOH D 4 .   ? -7.812  -5.622  14.622  1.00 57.58 ? 1104 HOH A O   1 
HETATM 1589 O O   . HOH D 4 .   ? 11.825  -18.965 -5.837  1.00 60.89 ? 1105 HOH A O   1 
HETATM 1590 O O   . HOH D 4 .   ? -6.491  -13.109 1.527   1.00 55.89 ? 1106 HOH A O   1 
HETATM 1591 O O   . HOH D 4 .   ? 0.956   -0.928  16.842  1.00 54.23 ? 1107 HOH A O   1 
HETATM 1592 O O   . HOH D 4 .   ? -11.305 -8.399  16.757  1.00 60.30 ? 1108 HOH A O   1 
HETATM 1593 O O   . HOH D 4 .   ? 13.796  -8.492  -9.547  1.00 55.81 ? 1109 HOH A O   1 
HETATM 1594 O O   . HOH D 4 .   ? 2.222   13.106  11.377  1.00 62.91 ? 1110 HOH A O   1 
HETATM 1595 O O   . HOH D 4 .   ? 2.349   -15.844 -8.974  1.00 57.95 ? 1111 HOH A O   1 
HETATM 1596 O O   . HOH D 4 .   ? 1.278   -11.590 14.730  1.00 50.75 ? 1112 HOH A O   1 
HETATM 1597 O O   . HOH D 4 .   ? 13.686  2.880   15.642  1.00 54.10 ? 1113 HOH A O   1 
HETATM 1598 O O   . HOH D 4 .   ? -10.617 8.637   6.108   1.00 52.28 ? 1114 HOH A O   1 
HETATM 1599 O O   . HOH D 4 .   ? -13.051 12.870  -8.883  1.00 58.60 ? 1115 HOH A O   1 
HETATM 1600 O O   . HOH D 4 .   ? -7.841  -9.039  -12.687 1.00 63.09 ? 1116 HOH A O   1 
HETATM 1601 O O   . HOH D 4 .   ? -19.527 0.279   -13.454 1.00 60.78 ? 1117 HOH A O   1 
HETATM 1602 O O   . HOH D 4 .   ? 0.776   10.437  12.208  1.00 49.20 ? 1118 HOH A O   1 
HETATM 1603 O O   . HOH D 4 .   ? 9.600   21.307  5.237   1.00 60.00 ? 1119 HOH A O   1 
HETATM 1604 O O   . HOH D 4 .   ? -22.664 6.207   -4.323  1.00 57.43 ? 1120 HOH A O   1 
HETATM 1605 O O   . HOH D 4 .   ? -6.074  -1.267  20.139  1.00 56.90 ? 1121 HOH A O   1 
HETATM 1606 O O   . HOH E 4 .   ? 2.384   1.239   -10.773 1.00 53.83 ? 81   HOH B O   1 
# 
